data_1JSW
#
_entry.id   1JSW
#
_cell.length_a   153.500
_cell.length_b   146.200
_cell.length_c   103.200
_cell.angle_alpha   90.00
_cell.angle_beta   90.00
_cell.angle_gamma   90.00
#
_symmetry.space_group_name_H-M   'P 21 21 2'
#
loop_
_entity.id
_entity.type
_entity.pdbx_description
1 polymer 'L-ASPARTATE AMMONIA-LYASE'
2 non-polymer beta-D-glucopyranose
3 non-polymer 'ACETATE ION'
4 water water
#
_entity_poly.entity_id   1
_entity_poly.type   'polypeptide(L)'
_entity_poly.pdbx_seq_one_letter_code
;MSNNIRIEEDLLGTREVPADAYYGVHTLRAIENFYISNNKISDIPEFVRGMVMVKKAAAMANKELQTIPKSVANAIIAAC
DEVLNNGKCMDQFPVDVYQGGAGTSVNMNTNEVLANIGLELMGHQKGEYQYLNPNDHVNKCQSTNDAYPTGFRIAVYSSL
IKLVDAINQLREGFERKAVEFQDILKMGRTQLQDAVPMTLGQEFRAFSILLKEEVKNIQRTAELLLEVNLGATAIGTGLN
TPKEYSPLAVKKLAEVTGFPCVPAEDLIEATSDCGAYVMVHGALKRLAVKMSKICNDLRLLSSGPRAGLNEINLPELQAG
SSIMPAKVNPVVPEVVNQVCFKVIGNDTTVTMAAEAGQLQLNVMEPVIGQAMFESVHILTNACYNLLEKCINGITANKEV
CEGYVYNSIGIVTYLNPFIGHHNGDIVGKICAETGKSVREVVLERGLLTEAELDDIFSVQNLMHPAYKAKRYTDESEQ
;
_entity_poly.pdbx_strand_id   A,B,C,D
#
loop_
_chem_comp.id
_chem_comp.type
_chem_comp.name
_chem_comp.formula
ACT non-polymer 'ACETATE ION' 'C2 H3 O2 -1'
BGC D-saccharide, beta linking beta-D-glucopyranose 'C6 H12 O6'
#
# COMPACT_ATOMS: atom_id res chain seq x y z
N MET A 1 25.41 -25.97 -26.30
CA MET A 1 25.87 -25.37 -25.01
C MET A 1 27.03 -24.37 -25.21
N SER A 2 28.26 -24.89 -25.09
CA SER A 2 29.50 -24.10 -25.22
C SER A 2 30.14 -24.02 -26.64
N ASN A 3 29.28 -23.91 -27.66
CA ASN A 3 29.62 -23.87 -29.10
C ASN A 3 30.37 -22.66 -29.71
N ASN A 4 31.68 -22.59 -29.50
CA ASN A 4 32.52 -21.52 -30.04
C ASN A 4 32.26 -20.11 -29.43
N ILE A 5 33.29 -19.57 -28.78
CA ILE A 5 33.24 -18.27 -28.10
C ILE A 5 34.58 -17.49 -28.08
N ARG A 6 34.47 -16.16 -28.02
CA ARG A 6 35.63 -15.28 -27.95
C ARG A 6 36.04 -15.01 -26.48
N ILE A 7 37.33 -14.80 -26.27
CA ILE A 7 37.88 -14.58 -24.93
C ILE A 7 38.08 -13.11 -24.59
N GLU A 8 37.52 -12.72 -23.45
CA GLU A 8 37.62 -11.35 -22.96
C GLU A 8 38.09 -11.38 -21.50
N GLU A 9 38.50 -10.22 -20.98
CA GLU A 9 39.00 -10.15 -19.61
C GLU A 9 38.77 -8.79 -18.93
N ASP A 10 38.21 -8.83 -17.74
CA ASP A 10 37.98 -7.62 -16.97
C ASP A 10 39.05 -7.64 -15.89
N LEU A 11 38.96 -6.70 -14.95
CA LEU A 11 39.91 -6.61 -13.85
C LEU A 11 39.93 -7.95 -13.15
N LEU A 12 38.76 -8.59 -13.11
CA LEU A 12 38.60 -9.91 -12.49
C LEU A 12 38.95 -11.07 -13.44
N GLY A 13 40.21 -11.08 -13.91
CA GLY A 13 40.66 -12.14 -14.79
C GLY A 13 39.92 -12.28 -16.11
N THR A 14 40.02 -13.45 -16.71
CA THR A 14 39.39 -13.72 -18.00
C THR A 14 38.12 -14.57 -17.94
N ARG A 15 37.33 -14.45 -18.99
CA ARG A 15 36.10 -15.19 -19.14
C ARG A 15 35.89 -15.39 -20.65
N GLU A 16 34.98 -16.30 -20.99
CA GLU A 16 34.69 -16.58 -22.38
C GLU A 16 33.30 -16.07 -22.67
N VAL A 17 33.18 -15.28 -23.74
CA VAL A 17 31.89 -14.73 -24.11
C VAL A 17 31.50 -15.22 -25.50
N PRO A 18 30.22 -15.54 -25.71
CA PRO A 18 29.74 -16.02 -27.01
C PRO A 18 30.21 -15.02 -28.03
N ALA A 19 30.95 -15.49 -29.03
CA ALA A 19 31.46 -14.59 -30.05
C ALA A 19 30.38 -13.66 -30.57
N ASP A 20 29.33 -14.24 -31.18
CA ASP A 20 28.21 -13.48 -31.73
C ASP A 20 27.80 -12.34 -30.80
N ALA A 21 27.57 -12.72 -29.55
CA ALA A 21 27.17 -11.81 -28.48
C ALA A 21 27.95 -10.51 -28.37
N TYR A 22 27.23 -9.40 -28.51
CA TYR A 22 27.86 -8.09 -28.42
C TYR A 22 28.04 -7.66 -26.96
N TYR A 23 27.29 -8.27 -26.05
CA TYR A 23 27.38 -7.96 -24.63
C TYR A 23 28.63 -8.53 -23.99
N GLY A 24 29.74 -7.79 -24.08
CA GLY A 24 31.02 -8.22 -23.53
C GLY A 24 31.16 -8.78 -22.13
N VAL A 25 32.36 -8.62 -21.58
CA VAL A 25 32.72 -9.12 -20.24
C VAL A 25 31.68 -8.93 -19.16
N HIS A 26 31.68 -7.73 -18.57
CA HIS A 26 30.78 -7.37 -17.50
C HIS A 26 29.43 -8.05 -17.64
N THR A 27 28.68 -7.68 -18.69
CA THR A 27 27.34 -8.22 -18.92
C THR A 27 27.25 -9.74 -18.78
N LEU A 28 28.24 -10.45 -19.32
CA LEU A 28 28.27 -11.91 -19.23
C LEU A 28 28.26 -12.26 -17.74
N ARG A 29 29.17 -11.64 -17.00
CA ARG A 29 29.27 -11.87 -15.56
C ARG A 29 27.90 -11.53 -14.97
N ALA A 30 27.46 -10.31 -15.25
CA ALA A 30 26.19 -9.77 -14.77
C ALA A 30 25.01 -10.73 -14.93
N ILE A 31 24.95 -11.44 -16.06
CA ILE A 31 23.87 -12.38 -16.35
C ILE A 31 23.73 -13.44 -15.27
N GLU A 32 24.87 -13.99 -14.87
CA GLU A 32 24.92 -15.03 -13.86
C GLU A 32 24.67 -14.45 -12.48
N ASN A 33 25.42 -13.42 -12.14
CA ASN A 33 25.35 -12.76 -10.83
C ASN A 33 23.97 -12.62 -10.20
N PHE A 34 22.95 -12.49 -11.04
CA PHE A 34 21.58 -12.32 -10.59
C PHE A 34 20.61 -13.27 -11.30
N TYR A 35 20.04 -14.19 -10.53
CA TYR A 35 19.09 -15.15 -11.08
C TYR A 35 17.75 -15.02 -10.37
N ILE A 36 17.11 -13.87 -10.61
CA ILE A 36 15.83 -13.55 -10.00
C ILE A 36 14.60 -13.99 -10.80
N SER A 37 14.58 -13.64 -12.08
CA SER A 37 13.47 -14.00 -12.95
C SER A 37 13.86 -13.91 -14.43
N ASN A 38 13.03 -14.48 -15.29
CA ASN A 38 13.28 -14.50 -16.74
C ASN A 38 13.47 -13.15 -17.38
N ASN A 39 12.46 -12.30 -17.29
CA ASN A 39 12.50 -10.96 -17.87
C ASN A 39 13.82 -10.20 -17.66
N LYS A 40 14.59 -10.11 -18.72
CA LYS A 40 15.87 -9.40 -18.71
C LYS A 40 15.55 -7.99 -19.17
N ILE A 41 16.57 -7.22 -19.55
CA ILE A 41 16.34 -5.88 -20.04
C ILE A 41 15.64 -6.01 -21.40
N SER A 42 14.38 -6.47 -21.34
CA SER A 42 13.51 -6.67 -22.49
C SER A 42 12.44 -5.57 -22.47
N ASP A 43 12.93 -4.33 -22.46
CA ASP A 43 12.06 -3.18 -22.41
C ASP A 43 11.43 -2.69 -23.71
N ILE A 44 10.15 -3.06 -23.81
CA ILE A 44 9.24 -2.72 -24.91
C ILE A 44 8.92 -1.22 -24.81
N PRO A 45 8.86 -0.66 -23.58
CA PRO A 45 8.57 0.78 -23.53
C PRO A 45 9.76 1.68 -23.88
N GLU A 46 10.88 1.05 -24.28
CA GLU A 46 12.12 1.72 -24.72
C GLU A 46 13.23 2.05 -23.75
N PHE A 47 13.58 1.14 -22.84
CA PHE A 47 14.66 1.47 -21.93
C PHE A 47 15.98 1.49 -22.67
N VAL A 48 16.16 0.54 -23.59
CA VAL A 48 17.40 0.45 -24.35
C VAL A 48 17.56 1.68 -25.22
N ARG A 49 16.55 1.96 -26.03
CA ARG A 49 16.59 3.12 -26.91
C ARG A 49 16.90 4.34 -26.05
N GLY A 50 16.69 4.21 -24.75
CA GLY A 50 17.00 5.29 -23.85
C GLY A 50 18.51 5.36 -23.71
N MET A 51 19.08 4.28 -23.15
CA MET A 51 20.52 4.18 -22.94
C MET A 51 21.31 4.43 -24.20
N VAL A 52 20.82 3.89 -25.30
CA VAL A 52 21.48 4.08 -26.57
C VAL A 52 21.50 5.57 -26.92
N MET A 53 20.36 6.26 -26.76
CA MET A 53 20.22 7.69 -27.04
C MET A 53 21.13 8.52 -26.12
N VAL A 54 21.17 8.14 -24.84
CA VAL A 54 22.02 8.81 -23.86
C VAL A 54 23.47 8.71 -24.33
N LYS A 55 23.82 7.58 -24.92
CA LYS A 55 25.17 7.39 -25.42
C LYS A 55 25.38 8.12 -26.74
N LYS A 56 24.41 8.05 -27.65
CA LYS A 56 24.47 8.72 -28.95
C LYS A 56 24.65 10.21 -28.69
N ALA A 57 23.75 10.74 -27.85
CA ALA A 57 23.78 12.15 -27.47
C ALA A 57 25.11 12.54 -26.86
N ALA A 58 25.43 11.91 -25.72
CA ALA A 58 26.67 12.18 -24.99
C ALA A 58 27.91 12.16 -25.88
N ALA A 59 27.99 11.14 -26.73
CA ALA A 59 29.11 11.01 -27.65
C ALA A 59 29.26 12.25 -28.52
N MET A 60 28.18 12.66 -29.19
CA MET A 60 28.23 13.84 -30.05
C MET A 60 28.88 15.03 -29.33
N ALA A 61 28.49 15.26 -28.08
CA ALA A 61 29.01 16.35 -27.25
C ALA A 61 30.46 16.11 -26.85
N ASN A 62 30.91 14.86 -26.98
CA ASN A 62 32.30 14.52 -26.69
C ASN A 62 33.13 14.77 -27.96
N LYS A 63 32.47 14.70 -29.12
CA LYS A 63 33.17 14.97 -30.36
C LYS A 63 33.25 16.48 -30.48
N GLU A 64 32.13 17.15 -30.25
CA GLU A 64 32.07 18.61 -30.31
C GLU A 64 33.06 19.10 -29.26
N LEU A 65 33.13 18.37 -28.14
CA LEU A 65 34.05 18.72 -27.06
C LEU A 65 35.43 18.27 -27.48
N GLN A 66 35.43 17.29 -28.38
CA GLN A 66 36.65 16.71 -28.92
C GLN A 66 37.42 15.90 -27.85
N THR A 67 36.71 15.30 -26.90
CA THR A 67 37.36 14.49 -25.87
C THR A 67 37.94 13.22 -26.52
N ILE A 68 37.05 12.40 -27.09
CA ILE A 68 37.44 11.16 -27.77
C ILE A 68 37.65 11.46 -29.25
N PRO A 69 38.19 10.49 -30.00
CA PRO A 69 38.42 10.68 -31.43
C PRO A 69 37.11 10.84 -32.21
N LYS A 70 37.12 11.72 -33.21
CA LYS A 70 35.96 11.97 -34.07
C LYS A 70 35.57 10.62 -34.60
N SER A 71 36.52 9.99 -35.28
CA SER A 71 36.30 8.68 -35.86
C SER A 71 35.67 7.65 -34.89
N VAL A 72 36.02 7.67 -33.61
CA VAL A 72 35.39 6.72 -32.69
C VAL A 72 34.09 7.31 -32.17
N ALA A 73 34.02 8.64 -32.14
CA ALA A 73 32.81 9.32 -31.70
C ALA A 73 31.73 9.00 -32.76
N ASN A 74 32.10 9.21 -34.03
CA ASN A 74 31.21 8.95 -35.16
C ASN A 74 30.64 7.54 -35.15
N ALA A 75 31.38 6.61 -34.56
CA ALA A 75 30.96 5.22 -34.47
C ALA A 75 30.03 4.97 -33.28
N ILE A 76 30.25 5.68 -32.18
CA ILE A 76 29.40 5.53 -31.01
C ILE A 76 27.98 5.84 -31.49
N ILE A 77 27.86 6.96 -32.20
CA ILE A 77 26.58 7.43 -32.75
C ILE A 77 26.18 6.73 -34.04
N ALA A 78 27.13 6.49 -34.95
CA ALA A 78 26.82 5.78 -36.19
C ALA A 78 26.16 4.49 -35.76
N ALA A 79 26.73 3.87 -34.72
CA ALA A 79 26.17 2.63 -34.16
C ALA A 79 24.79 2.93 -33.56
N CYS A 80 24.71 3.97 -32.73
CA CYS A 80 23.45 4.35 -32.08
C CYS A 80 22.35 4.39 -33.14
N ASP A 81 22.56 5.20 -34.17
CA ASP A 81 21.60 5.36 -35.25
C ASP A 81 21.03 4.01 -35.68
N GLU A 82 21.87 2.97 -35.63
CA GLU A 82 21.47 1.60 -35.98
C GLU A 82 20.51 1.04 -34.94
N VAL A 83 21.02 0.83 -33.73
CA VAL A 83 20.25 0.27 -32.63
C VAL A 83 18.85 0.84 -32.51
N LEU A 84 18.73 2.14 -32.75
CA LEU A 84 17.43 2.79 -32.69
C LEU A 84 16.56 2.26 -33.81
N ASN A 85 16.06 3.11 -34.70
CA ASN A 85 15.18 2.63 -35.78
C ASN A 85 14.05 1.83 -35.15
N ASN A 86 13.58 0.77 -35.83
CA ASN A 86 12.49 -0.07 -35.29
C ASN A 86 12.98 -0.65 -33.95
N GLY A 87 14.30 -0.57 -33.78
CA GLY A 87 14.97 -1.10 -32.62
C GLY A 87 15.83 -2.19 -33.25
N LYS A 88 16.82 -1.79 -34.05
CA LYS A 88 17.69 -2.73 -34.73
C LYS A 88 18.63 -3.60 -33.88
N CYS A 89 19.96 -3.43 -34.01
CA CYS A 89 20.95 -4.24 -33.27
C CYS A 89 20.75 -4.47 -31.76
N MET A 90 19.86 -3.68 -31.18
CA MET A 90 19.52 -3.72 -29.75
C MET A 90 18.85 -4.99 -29.29
N ASP A 91 19.60 -6.05 -29.14
CA ASP A 91 18.98 -7.28 -28.67
C ASP A 91 19.83 -7.82 -27.54
N GLN A 92 21.12 -7.49 -27.62
CA GLN A 92 22.14 -7.94 -26.67
C GLN A 92 22.19 -7.29 -25.29
N PHE A 93 21.03 -6.88 -24.80
CA PHE A 93 20.89 -6.29 -23.47
C PHE A 93 20.09 -7.37 -22.75
N PRO A 94 20.81 -8.36 -22.14
CA PRO A 94 20.29 -9.52 -21.42
C PRO A 94 20.41 -9.67 -19.91
N VAL A 95 20.36 -8.60 -19.13
CA VAL A 95 20.47 -8.81 -17.68
C VAL A 95 19.14 -8.64 -16.90
N ASP A 96 18.89 -9.59 -16.01
CA ASP A 96 17.68 -9.64 -15.17
C ASP A 96 17.21 -8.26 -14.67
N VAL A 97 15.96 -7.90 -14.95
CA VAL A 97 15.42 -6.60 -14.54
C VAL A 97 15.72 -6.28 -13.06
N TYR A 98 15.98 -7.31 -12.26
CA TYR A 98 16.36 -7.12 -10.87
C TYR A 98 17.87 -7.22 -10.94
N GLN A 99 18.57 -6.13 -10.66
CA GLN A 99 20.02 -6.12 -10.74
C GLN A 99 20.73 -5.06 -9.89
N GLY A 100 21.51 -5.50 -8.91
CA GLY A 100 22.24 -4.57 -8.07
C GLY A 100 23.30 -3.83 -8.90
N GLY A 101 24.15 -3.06 -8.21
CA GLY A 101 25.19 -2.32 -8.92
C GLY A 101 24.72 -0.97 -9.38
N ALA A 102 23.53 -0.57 -8.90
CA ALA A 102 22.90 0.72 -9.20
C ALA A 102 22.70 1.04 -10.68
N GLY A 103 22.86 0.05 -11.54
CA GLY A 103 22.70 0.26 -12.96
C GLY A 103 23.99 0.23 -13.74
N THR A 104 25.10 -0.10 -13.08
CA THR A 104 26.37 -0.21 -13.79
C THR A 104 26.12 -1.32 -14.79
N SER A 105 25.51 -2.39 -14.27
CA SER A 105 25.18 -3.55 -15.04
C SER A 105 24.67 -3.14 -16.42
N VAL A 106 23.64 -2.31 -16.44
CA VAL A 106 23.02 -1.81 -17.67
C VAL A 106 23.84 -0.73 -18.37
N ASN A 107 24.44 0.18 -17.60
CA ASN A 107 25.22 1.26 -18.19
C ASN A 107 26.38 0.67 -18.96
N MET A 108 26.95 -0.42 -18.43
CA MET A 108 28.07 -1.09 -19.09
C MET A 108 27.55 -1.90 -20.28
N ASN A 109 26.46 -2.61 -20.09
CA ASN A 109 25.81 -3.41 -21.12
C ASN A 109 25.71 -2.57 -22.40
N THR A 110 25.26 -1.33 -22.26
CA THR A 110 25.13 -0.43 -23.38
C THR A 110 26.49 0.04 -23.86
N ASN A 111 27.36 0.38 -22.90
CA ASN A 111 28.71 0.82 -23.19
C ASN A 111 29.35 -0.13 -24.18
N GLU A 112 29.34 -1.42 -23.82
CA GLU A 112 29.90 -2.49 -24.63
C GLU A 112 29.20 -2.64 -25.98
N VAL A 113 27.90 -2.91 -25.95
CA VAL A 113 27.13 -3.11 -27.17
C VAL A 113 27.50 -2.12 -28.26
N LEU A 114 27.39 -0.85 -27.95
CA LEU A 114 27.68 0.22 -28.88
C LEU A 114 29.13 0.20 -29.40
N ALA A 115 30.04 -0.34 -28.59
CA ALA A 115 31.45 -0.45 -28.97
C ALA A 115 31.62 -1.48 -30.07
N ASN A 116 31.16 -2.69 -29.79
CA ASN A 116 31.24 -3.80 -30.74
C ASN A 116 30.47 -3.51 -32.01
N ILE A 117 29.22 -3.06 -31.86
CA ILE A 117 28.41 -2.72 -33.01
C ILE A 117 29.23 -1.70 -33.80
N GLY A 118 29.84 -0.77 -33.08
CA GLY A 118 30.68 0.27 -33.68
C GLY A 118 31.95 -0.27 -34.31
N LEU A 119 32.50 -1.33 -33.73
CA LEU A 119 33.72 -1.96 -34.26
C LEU A 119 33.41 -2.74 -35.54
N GLU A 120 32.30 -3.47 -35.54
CA GLU A 120 31.86 -4.24 -36.70
C GLU A 120 31.80 -3.27 -37.87
N LEU A 121 31.31 -2.06 -37.59
CA LEU A 121 31.18 -1.02 -38.57
C LEU A 121 32.51 -0.31 -38.80
N MET A 122 33.46 -0.57 -37.89
CA MET A 122 34.81 -0.01 -38.00
C MET A 122 35.67 -1.03 -38.73
N GLY A 123 35.02 -2.09 -39.22
CA GLY A 123 35.73 -3.16 -39.91
C GLY A 123 36.43 -4.02 -38.89
N HIS A 124 36.78 -3.41 -37.76
CA HIS A 124 37.47 -4.11 -36.70
C HIS A 124 36.72 -5.31 -36.21
N GLN A 125 37.50 -6.28 -35.76
CA GLN A 125 37.07 -7.58 -35.24
C GLN A 125 36.34 -7.52 -33.91
N LYS A 126 36.10 -6.30 -33.42
CA LYS A 126 35.43 -6.07 -32.14
C LYS A 126 36.13 -6.81 -30.98
N GLY A 127 35.33 -7.42 -30.10
CA GLY A 127 35.87 -8.17 -28.99
C GLY A 127 37.05 -7.56 -28.28
N GLU A 128 37.79 -8.43 -27.57
CA GLU A 128 38.97 -8.10 -26.78
C GLU A 128 39.63 -6.80 -27.21
N TYR A 129 39.94 -6.73 -28.50
CA TYR A 129 40.56 -5.53 -29.05
C TYR A 129 39.42 -4.54 -29.28
N GLN A 130 39.22 -3.70 -28.27
CA GLN A 130 38.16 -2.68 -28.32
C GLN A 130 38.77 -1.34 -28.81
N TYR A 131 38.43 -0.95 -30.05
CA TYR A 131 38.89 0.31 -30.67
C TYR A 131 37.92 1.46 -30.31
N LEU A 132 36.88 1.08 -29.59
CA LEU A 132 35.86 1.96 -29.04
C LEU A 132 35.78 1.31 -27.69
N ASN A 133 36.53 1.85 -26.73
CA ASN A 133 36.54 1.25 -25.41
C ASN A 133 35.22 1.58 -24.72
N PRO A 134 34.48 0.53 -24.31
CA PRO A 134 33.20 0.74 -23.63
C PRO A 134 33.29 1.78 -22.54
N ASN A 135 34.50 1.99 -22.03
CA ASN A 135 34.72 2.97 -21.00
C ASN A 135 35.52 4.19 -21.51
N ASP A 136 36.73 3.95 -22.01
CA ASP A 136 37.61 5.02 -22.49
C ASP A 136 37.16 5.76 -23.74
N HIS A 137 36.05 5.36 -24.35
CA HIS A 137 35.57 6.03 -25.56
C HIS A 137 34.06 6.13 -25.64
N VAL A 138 33.34 5.16 -25.10
CA VAL A 138 31.89 5.17 -25.10
C VAL A 138 31.50 5.90 -23.82
N ASN A 139 31.75 5.21 -22.70
CA ASN A 139 31.48 5.69 -21.36
C ASN A 139 32.48 6.78 -21.03
N LYS A 140 32.50 7.83 -21.85
CA LYS A 140 33.43 8.93 -21.66
C LYS A 140 32.76 10.08 -20.95
N CYS A 141 33.47 10.67 -19.99
CA CYS A 141 32.92 11.79 -19.23
C CYS A 141 31.52 11.46 -18.73
N GLN A 142 31.40 10.31 -18.06
CA GLN A 142 30.11 9.87 -17.53
C GLN A 142 30.22 9.02 -16.27
N SER A 143 29.13 8.33 -15.99
CA SER A 143 29.02 7.45 -14.86
C SER A 143 27.56 7.07 -14.70
N THR A 144 27.33 5.86 -14.20
CA THR A 144 25.99 5.32 -13.95
C THR A 144 25.22 6.39 -13.23
N ASN A 145 25.93 7.00 -12.28
CA ASN A 145 25.47 8.06 -11.40
C ASN A 145 24.67 9.12 -12.11
N ASP A 146 24.76 9.13 -13.44
CA ASP A 146 24.03 10.11 -14.25
C ASP A 146 23.46 9.52 -15.53
N ALA A 147 24.20 8.60 -16.15
CA ALA A 147 23.72 7.99 -17.39
C ALA A 147 22.51 7.13 -17.15
N TYR A 148 22.60 6.26 -16.15
CA TYR A 148 21.49 5.37 -15.85
C TYR A 148 20.19 6.12 -15.57
N PRO A 149 20.19 7.07 -14.62
CA PRO A 149 18.93 7.77 -14.37
C PRO A 149 18.46 8.55 -15.60
N THR A 150 19.37 9.19 -16.32
CA THR A 150 19.01 9.93 -17.52
C THR A 150 18.23 9.02 -18.47
N GLY A 151 18.86 7.92 -18.89
CA GLY A 151 18.21 6.99 -19.80
C GLY A 151 16.86 6.61 -19.24
N PHE A 152 16.85 6.24 -17.97
CA PHE A 152 15.63 5.86 -17.28
C PHE A 152 14.57 6.93 -17.48
N ARG A 153 14.88 8.15 -17.04
CA ARG A 153 13.97 9.29 -17.17
C ARG A 153 13.54 9.38 -18.60
N ILE A 154 14.51 9.63 -19.46
CA ILE A 154 14.30 9.75 -20.89
C ILE A 154 13.40 8.64 -21.42
N ALA A 155 13.60 7.44 -20.90
CA ALA A 155 12.80 6.27 -21.32
C ALA A 155 11.37 6.36 -20.80
N VAL A 156 11.21 6.47 -19.49
CA VAL A 156 9.89 6.54 -18.84
C VAL A 156 9.01 7.57 -19.53
N TYR A 157 9.64 8.68 -19.91
CA TYR A 157 8.94 9.76 -20.55
C TYR A 157 8.26 9.29 -21.83
N SER A 158 9.07 8.83 -22.77
CA SER A 158 8.52 8.32 -24.02
C SER A 158 7.46 7.25 -23.76
N SER A 159 7.71 6.41 -22.76
CA SER A 159 6.80 5.34 -22.40
C SER A 159 5.50 5.91 -21.90
N LEU A 160 5.58 7.07 -21.26
CA LEU A 160 4.41 7.76 -20.74
C LEU A 160 3.67 8.43 -21.90
N ILE A 161 4.43 8.86 -22.91
CA ILE A 161 3.86 9.48 -24.09
C ILE A 161 2.88 8.53 -24.74
N LYS A 162 3.26 7.25 -24.76
CA LYS A 162 2.46 6.18 -25.34
C LYS A 162 1.20 5.94 -24.52
N LEU A 163 1.39 5.96 -23.20
CA LEU A 163 0.30 5.75 -22.25
C LEU A 163 -0.83 6.71 -22.50
N VAL A 164 -0.52 8.01 -22.53
CA VAL A 164 -1.56 9.01 -22.73
C VAL A 164 -2.29 8.76 -24.04
N ASP A 165 -1.52 8.52 -25.11
CA ASP A 165 -2.11 8.28 -26.42
C ASP A 165 -3.14 7.17 -26.30
N ALA A 166 -2.73 6.07 -25.67
CA ALA A 166 -3.61 4.94 -25.44
C ALA A 166 -4.82 5.44 -24.67
N ILE A 167 -4.57 6.12 -23.56
CA ILE A 167 -5.63 6.67 -22.70
C ILE A 167 -6.61 7.54 -23.46
N ASN A 168 -6.11 8.27 -24.45
CA ASN A 168 -6.96 9.12 -25.26
C ASN A 168 -7.79 8.33 -26.25
N GLN A 169 -7.29 7.17 -26.66
CA GLN A 169 -8.06 6.35 -27.57
C GLN A 169 -9.23 5.82 -26.75
N LEU A 170 -9.00 5.65 -25.46
CA LEU A 170 -10.04 5.19 -24.56
C LEU A 170 -10.98 6.37 -24.35
N ARG A 171 -10.43 7.59 -24.25
CA ARG A 171 -11.24 8.78 -24.07
C ARG A 171 -12.15 8.94 -25.29
N GLU A 172 -11.61 8.73 -26.48
CA GLU A 172 -12.40 8.83 -27.72
C GLU A 172 -13.56 7.82 -27.74
N GLY A 173 -13.32 6.65 -27.17
CA GLY A 173 -14.33 5.61 -27.12
C GLY A 173 -15.43 5.96 -26.15
N PHE A 174 -15.07 6.49 -24.99
CA PHE A 174 -16.08 6.87 -24.01
C PHE A 174 -16.88 8.04 -24.62
N GLU A 175 -16.20 8.89 -25.38
CA GLU A 175 -16.82 10.03 -26.04
C GLU A 175 -18.00 9.63 -26.94
N ARG A 176 -17.69 8.87 -27.99
CA ARG A 176 -18.68 8.38 -28.97
C ARG A 176 -19.87 7.70 -28.28
N LYS A 177 -19.63 7.19 -27.08
CA LYS A 177 -20.66 6.53 -26.32
C LYS A 177 -21.51 7.56 -25.58
N ALA A 178 -20.89 8.70 -25.27
CA ALA A 178 -21.59 9.80 -24.60
C ALA A 178 -22.49 10.45 -25.64
N VAL A 179 -22.06 10.33 -26.89
CA VAL A 179 -22.80 10.88 -28.01
C VAL A 179 -23.99 9.97 -28.35
N GLU A 180 -23.80 8.66 -28.23
CA GLU A 180 -24.86 7.69 -28.53
C GLU A 180 -25.97 7.75 -27.49
N PHE A 181 -25.63 7.35 -26.27
CA PHE A 181 -26.57 7.29 -25.14
C PHE A 181 -27.12 8.63 -24.63
N GLN A 182 -26.58 9.73 -25.14
CA GLN A 182 -27.01 11.07 -24.71
C GLN A 182 -28.50 11.31 -24.42
N ASP A 183 -29.39 10.65 -25.16
CA ASP A 183 -30.83 10.83 -24.96
C ASP A 183 -31.50 9.84 -24.00
N ILE A 184 -30.70 8.98 -23.37
CA ILE A 184 -31.23 7.98 -22.45
C ILE A 184 -31.30 8.59 -21.06
N LEU A 185 -32.45 8.49 -20.42
CA LEU A 185 -32.58 9.02 -19.06
C LEU A 185 -32.23 7.92 -18.06
N LYS A 186 -31.52 8.29 -17.01
CA LYS A 186 -31.15 7.36 -15.95
C LYS A 186 -31.12 8.14 -14.65
N MET A 187 -31.45 7.48 -13.56
CA MET A 187 -31.46 8.15 -12.27
C MET A 187 -30.08 8.04 -11.62
N GLY A 188 -29.34 9.15 -11.63
CA GLY A 188 -28.03 9.16 -11.01
C GLY A 188 -28.21 8.81 -9.55
N ARG A 189 -27.20 8.23 -8.91
CA ARG A 189 -27.35 7.84 -7.50
C ARG A 189 -26.09 7.95 -6.63
N THR A 190 -26.13 8.89 -5.69
CA THR A 190 -25.01 9.11 -4.77
C THR A 190 -25.09 8.16 -3.58
N GLN A 191 -23.95 7.62 -3.15
CA GLN A 191 -23.89 6.69 -2.01
C GLN A 191 -24.81 5.49 -2.23
N LEU A 192 -24.98 5.15 -3.50
CA LEU A 192 -25.83 4.06 -3.94
C LEU A 192 -27.29 4.42 -3.85
N GLN A 193 -27.62 5.31 -2.91
CA GLN A 193 -28.98 5.81 -2.72
C GLN A 193 -29.29 6.70 -3.91
N ASP A 194 -30.51 6.63 -4.42
CA ASP A 194 -30.88 7.43 -5.57
C ASP A 194 -30.70 8.90 -5.34
N ALA A 195 -30.14 9.57 -6.33
CA ALA A 195 -29.94 10.99 -6.27
C ALA A 195 -30.98 11.55 -7.22
N VAL A 196 -30.57 11.99 -8.40
CA VAL A 196 -31.53 12.56 -9.34
C VAL A 196 -31.23 12.27 -10.81
N PRO A 197 -32.25 12.45 -11.67
CA PRO A 197 -32.19 12.22 -13.13
C PRO A 197 -31.08 12.90 -13.94
N MET A 198 -30.42 12.10 -14.78
CA MET A 198 -29.32 12.54 -15.65
C MET A 198 -29.31 11.64 -16.88
N THR A 199 -28.66 12.06 -17.97
CA THR A 199 -28.61 11.21 -19.14
C THR A 199 -27.41 10.29 -19.02
N LEU A 200 -27.62 9.02 -19.39
CA LEU A 200 -26.58 8.01 -19.38
C LEU A 200 -25.52 8.40 -20.44
N GLY A 201 -25.77 9.56 -21.06
CA GLY A 201 -24.85 10.12 -22.03
C GLY A 201 -23.85 10.92 -21.22
N GLN A 202 -24.34 11.57 -20.16
CA GLN A 202 -23.51 12.37 -19.27
C GLN A 202 -22.55 11.52 -18.45
N GLU A 203 -23.03 10.39 -17.95
CA GLU A 203 -22.17 9.53 -17.16
C GLU A 203 -20.96 9.13 -17.97
N PHE A 204 -21.14 8.90 -19.27
CA PHE A 204 -19.98 8.57 -20.08
C PHE A 204 -19.10 9.79 -20.32
N ARG A 205 -19.70 10.97 -20.30
CA ARG A 205 -18.96 12.21 -20.50
C ARG A 205 -18.17 12.46 -19.21
N ALA A 206 -18.64 11.90 -18.11
CA ALA A 206 -17.93 12.04 -16.85
C ALA A 206 -16.64 11.26 -16.98
N PHE A 207 -16.74 10.10 -17.66
CA PHE A 207 -15.62 9.17 -17.92
C PHE A 207 -14.50 9.82 -18.72
N SER A 208 -14.83 10.29 -19.92
CA SER A 208 -13.86 10.94 -20.77
C SER A 208 -13.18 12.09 -20.05
N ILE A 209 -13.98 12.93 -19.40
CA ILE A 209 -13.49 14.10 -18.69
C ILE A 209 -12.65 13.77 -17.49
N LEU A 210 -12.94 12.63 -16.87
CA LEU A 210 -12.18 12.17 -15.72
C LEU A 210 -10.78 11.90 -16.29
N LEU A 211 -10.74 11.02 -17.28
CA LEU A 211 -9.52 10.64 -17.95
C LEU A 211 -8.83 11.89 -18.48
N LYS A 212 -9.61 12.81 -19.05
CA LYS A 212 -9.06 14.05 -19.60
C LYS A 212 -8.18 14.76 -18.58
N GLU A 213 -8.66 14.82 -17.33
CA GLU A 213 -7.87 15.47 -16.30
C GLU A 213 -6.76 14.53 -15.85
N GLU A 214 -7.00 13.24 -16.07
CA GLU A 214 -6.03 12.21 -15.70
C GLU A 214 -4.82 12.20 -16.64
N VAL A 215 -5.07 12.41 -17.93
CA VAL A 215 -4.01 12.46 -18.93
C VAL A 215 -3.17 13.67 -18.62
N LYS A 216 -3.85 14.83 -18.50
CA LYS A 216 -3.20 16.09 -18.20
C LYS A 216 -2.34 16.01 -16.95
N ASN A 217 -2.78 15.17 -16.02
CA ASN A 217 -2.03 14.96 -14.79
C ASN A 217 -0.78 14.15 -15.10
N ILE A 218 -0.88 13.21 -16.05
CA ILE A 218 0.24 12.36 -16.44
C ILE A 218 1.32 13.15 -17.14
N GLN A 219 0.95 13.80 -18.24
CA GLN A 219 1.89 14.60 -19.02
C GLN A 219 2.38 15.78 -18.22
N ARG A 220 1.69 16.08 -17.12
CA ARG A 220 2.09 17.16 -16.23
C ARG A 220 3.35 16.62 -15.58
N THR A 221 3.16 15.77 -14.57
CA THR A 221 4.25 15.15 -13.83
C THR A 221 5.36 14.66 -14.76
N ALA A 222 4.96 14.16 -15.93
CA ALA A 222 5.88 13.64 -16.92
C ALA A 222 7.03 14.59 -17.16
N GLU A 223 6.77 15.67 -17.88
CA GLU A 223 7.81 16.65 -18.22
C GLU A 223 8.77 17.01 -17.09
N LEU A 224 8.41 16.70 -15.85
CA LEU A 224 9.33 16.95 -14.76
C LEU A 224 10.59 16.12 -15.06
N LEU A 225 10.38 14.88 -15.49
CA LEU A 225 11.47 13.95 -15.84
C LEU A 225 12.55 14.56 -16.74
N LEU A 226 12.13 15.35 -17.73
CA LEU A 226 13.03 16.03 -18.67
C LEU A 226 14.18 16.74 -17.97
N GLU A 227 14.02 17.01 -16.68
CA GLU A 227 15.05 17.66 -15.90
C GLU A 227 16.00 16.52 -15.52
N VAL A 228 17.06 16.43 -16.30
CA VAL A 228 18.05 15.36 -16.15
C VAL A 228 19.40 15.83 -15.67
N ASN A 229 20.35 14.88 -15.64
CA ASN A 229 21.72 15.12 -15.19
C ASN A 229 22.69 14.25 -15.99
N LEU A 230 23.36 14.80 -17.01
CA LEU A 230 24.27 13.98 -17.80
C LEU A 230 25.75 14.24 -17.52
N GLY A 231 26.41 13.25 -16.93
CA GLY A 231 27.82 13.40 -16.60
C GLY A 231 28.02 14.42 -15.51
N ALA A 232 28.03 13.97 -14.26
CA ALA A 232 28.19 14.88 -13.12
C ALA A 232 28.30 14.20 -11.74
N THR A 233 27.16 14.07 -11.08
CA THR A 233 27.09 13.50 -9.73
C THR A 233 27.74 12.13 -9.49
N ALA A 234 28.23 11.98 -8.26
CA ALA A 234 28.90 10.79 -7.69
C ALA A 234 29.25 11.16 -6.24
N ILE A 235 28.87 12.40 -5.88
CA ILE A 235 29.05 13.02 -4.56
C ILE A 235 28.26 14.34 -4.41
N GLY A 236 28.56 15.31 -5.28
CA GLY A 236 27.88 16.60 -5.23
C GLY A 236 27.75 17.23 -6.61
N THR A 237 28.16 18.50 -6.73
CA THR A 237 28.12 19.26 -7.99
C THR A 237 28.62 18.48 -9.24
N GLY A 238 29.33 17.38 -8.99
CA GLY A 238 29.83 16.55 -10.07
C GLY A 238 31.35 16.49 -10.18
N LEU A 239 31.85 15.47 -10.88
CA LEU A 239 33.28 15.32 -11.09
C LEU A 239 33.71 16.23 -12.22
N ASN A 240 34.89 16.01 -12.79
CA ASN A 240 35.36 16.89 -13.84
C ASN A 240 34.72 16.88 -15.23
N THR A 241 33.39 16.85 -15.21
CA THR A 241 32.57 16.93 -16.41
C THR A 241 32.33 18.40 -16.88
N PRO A 242 32.47 19.41 -15.98
CA PRO A 242 32.26 20.85 -16.22
C PRO A 242 32.46 21.44 -17.61
N LYS A 243 32.19 22.74 -17.70
CA LYS A 243 32.31 23.46 -18.97
C LYS A 243 31.24 22.90 -19.87
N GLU A 244 31.06 23.51 -21.04
CA GLU A 244 30.07 23.11 -22.03
C GLU A 244 29.38 21.75 -21.78
N TYR A 245 30.17 20.68 -21.75
CA TYR A 245 29.71 19.29 -21.56
C TYR A 245 28.32 19.08 -20.98
N SER A 246 28.26 18.83 -19.67
CA SER A 246 27.01 18.54 -18.97
C SER A 246 25.78 19.30 -19.49
N PRO A 247 25.83 20.64 -19.51
CA PRO A 247 24.63 21.31 -20.03
C PRO A 247 24.51 21.12 -21.55
N LEU A 248 25.66 21.05 -22.21
CA LEU A 248 25.73 20.86 -23.65
C LEU A 248 25.27 19.47 -24.07
N ALA A 249 25.53 18.47 -23.22
CA ALA A 249 25.13 17.09 -23.50
C ALA A 249 23.64 16.97 -23.37
N VAL A 250 23.09 17.39 -22.23
CA VAL A 250 21.65 17.34 -22.01
C VAL A 250 20.95 18.08 -23.15
N LYS A 251 21.69 19.05 -23.71
CA LYS A 251 21.24 19.88 -24.82
C LYS A 251 21.19 19.05 -26.09
N LYS A 252 22.29 18.36 -26.37
CA LYS A 252 22.37 17.51 -27.55
C LYS A 252 21.42 16.33 -27.35
N LEU A 253 21.18 15.96 -26.10
CA LEU A 253 20.29 14.85 -25.76
C LEU A 253 18.85 15.24 -26.13
N ALA A 254 18.67 16.55 -26.28
CA ALA A 254 17.39 17.09 -26.65
C ALA A 254 17.29 17.04 -28.17
N GLU A 255 18.45 17.05 -28.83
CA GLU A 255 18.51 16.98 -30.29
C GLU A 255 18.34 15.54 -30.74
N VAL A 256 18.52 14.59 -29.82
CA VAL A 256 18.32 13.19 -30.15
C VAL A 256 16.87 12.82 -29.87
N THR A 257 16.58 12.55 -28.59
CA THR A 257 15.25 12.16 -28.12
C THR A 257 14.10 12.90 -28.77
N GLY A 258 14.21 14.22 -28.76
CA GLY A 258 13.19 15.09 -29.30
C GLY A 258 12.45 15.68 -28.11
N PHE A 259 13.10 15.60 -26.96
CA PHE A 259 12.50 16.07 -25.73
C PHE A 259 13.12 17.34 -25.22
N PRO A 260 12.29 18.28 -24.71
CA PRO A 260 12.68 19.58 -24.15
C PRO A 260 13.44 19.30 -22.88
N CYS A 261 14.62 18.75 -23.05
CA CYS A 261 15.49 18.39 -21.96
C CYS A 261 16.18 19.61 -21.36
N VAL A 262 16.28 19.62 -20.04
CA VAL A 262 16.93 20.70 -19.30
C VAL A 262 17.77 20.06 -18.20
N PRO A 263 18.97 20.63 -17.95
CA PRO A 263 19.83 20.07 -16.90
C PRO A 263 19.12 20.39 -15.60
N ALA A 264 19.34 19.57 -14.58
CA ALA A 264 18.69 19.82 -13.30
C ALA A 264 19.11 21.18 -12.73
N GLU A 265 18.22 21.76 -11.92
CA GLU A 265 18.46 23.05 -11.28
C GLU A 265 19.83 23.03 -10.61
N ASP A 266 20.02 22.16 -9.64
CA ASP A 266 21.32 22.06 -9.01
C ASP A 266 22.01 20.79 -9.52
N LEU A 267 22.56 19.99 -8.61
CA LEU A 267 23.26 18.75 -8.99
C LEU A 267 23.92 18.13 -7.77
N ILE A 268 23.21 18.12 -6.63
CA ILE A 268 23.74 17.58 -5.39
C ILE A 268 22.87 16.39 -4.94
N GLU A 269 21.77 16.15 -5.66
CA GLU A 269 20.84 15.04 -5.38
C GLU A 269 20.86 13.99 -6.54
N ALA A 270 19.69 13.47 -6.93
CA ALA A 270 19.48 12.49 -8.00
C ALA A 270 20.15 11.16 -7.73
N THR A 271 21.42 11.25 -7.35
CA THR A 271 22.24 10.11 -7.02
C THR A 271 21.43 9.26 -6.05
N SER A 272 20.90 9.93 -5.03
CA SER A 272 20.05 9.32 -4.01
C SER A 272 18.60 9.40 -4.55
N ASP A 273 18.43 8.93 -5.79
CA ASP A 273 17.14 8.93 -6.50
C ASP A 273 16.49 10.31 -6.53
N CYS A 274 15.21 10.33 -6.90
CA CYS A 274 14.49 11.57 -6.96
C CYS A 274 13.03 11.29 -6.68
N GLY A 275 12.37 12.30 -6.12
CA GLY A 275 10.96 12.20 -5.82
C GLY A 275 10.13 12.28 -7.10
N ALA A 276 10.79 12.59 -8.23
CA ALA A 276 10.11 12.68 -9.51
C ALA A 276 9.46 11.33 -9.75
N TYR A 277 10.20 10.29 -9.42
CA TYR A 277 9.75 8.92 -9.59
C TYR A 277 8.47 8.66 -8.86
N VAL A 278 8.48 8.92 -7.56
CA VAL A 278 7.29 8.71 -6.74
C VAL A 278 6.18 9.56 -7.32
N MET A 279 6.55 10.74 -7.80
CA MET A 279 5.59 11.64 -8.40
C MET A 279 4.98 11.03 -9.65
N VAL A 280 5.79 10.83 -10.68
CA VAL A 280 5.27 10.24 -11.91
C VAL A 280 4.52 8.94 -11.64
N HIS A 281 5.06 8.09 -10.78
CA HIS A 281 4.36 6.84 -10.48
C HIS A 281 3.09 7.17 -9.72
N GLY A 282 3.06 8.37 -9.14
CA GLY A 282 1.88 8.79 -8.42
C GLY A 282 0.76 8.94 -9.43
N ALA A 283 1.08 9.61 -10.54
CA ALA A 283 0.13 9.84 -11.63
C ALA A 283 -0.35 8.52 -12.19
N LEU A 284 0.55 7.53 -12.18
CA LEU A 284 0.26 6.18 -12.66
C LEU A 284 -0.68 5.45 -11.70
N LYS A 285 -0.42 5.60 -10.41
CA LYS A 285 -1.26 4.98 -9.40
C LYS A 285 -2.63 5.65 -9.45
N ARG A 286 -2.65 6.98 -9.55
CA ARG A 286 -3.89 7.75 -9.61
C ARG A 286 -4.70 7.29 -10.79
N LEU A 287 -4.04 7.18 -11.95
CA LEU A 287 -4.69 6.72 -13.16
C LEU A 287 -5.33 5.38 -12.90
N ALA A 288 -4.59 4.51 -12.25
CA ALA A 288 -5.06 3.16 -11.92
C ALA A 288 -6.26 3.23 -11.00
N VAL A 289 -6.20 4.16 -10.05
CA VAL A 289 -7.27 4.38 -9.08
C VAL A 289 -8.54 4.81 -9.78
N LYS A 290 -8.38 5.64 -10.80
CA LYS A 290 -9.52 6.13 -11.55
C LYS A 290 -10.07 5.08 -12.52
N MET A 291 -9.20 4.34 -13.19
CA MET A 291 -9.69 3.31 -14.09
C MET A 291 -10.43 2.24 -13.32
N SER A 292 -10.02 1.99 -12.08
CA SER A 292 -10.70 1.00 -11.26
C SER A 292 -12.14 1.45 -11.15
N LYS A 293 -12.32 2.68 -10.66
CA LYS A 293 -13.64 3.26 -10.45
C LYS A 293 -14.51 3.05 -11.69
N ILE A 294 -14.01 3.45 -12.85
CA ILE A 294 -14.71 3.33 -14.12
C ILE A 294 -15.20 1.91 -14.37
N CYS A 295 -14.33 0.94 -14.15
CA CYS A 295 -14.68 -0.46 -14.37
C CYS A 295 -15.67 -0.98 -13.32
N ASN A 296 -15.49 -0.57 -12.07
CA ASN A 296 -16.38 -0.98 -10.99
C ASN A 296 -17.77 -0.43 -11.28
N ASP A 297 -17.82 0.66 -12.04
CA ASP A 297 -19.06 1.29 -12.47
C ASP A 297 -19.56 0.44 -13.60
N LEU A 298 -18.72 0.36 -14.65
CA LEU A 298 -19.03 -0.41 -15.87
C LEU A 298 -19.60 -1.74 -15.50
N ARG A 299 -19.03 -2.34 -14.47
CA ARG A 299 -19.51 -3.60 -13.97
C ARG A 299 -20.84 -3.34 -13.26
N LEU A 300 -20.84 -2.40 -12.32
CA LEU A 300 -22.03 -2.07 -11.54
C LEU A 300 -23.24 -1.78 -12.43
N LEU A 301 -23.05 -1.02 -13.52
CA LEU A 301 -24.15 -0.68 -14.44
C LEU A 301 -24.67 -1.85 -15.28
N SER A 302 -23.84 -2.87 -15.43
CA SER A 302 -24.22 -4.04 -16.21
C SER A 302 -24.72 -5.11 -15.25
N SER A 303 -24.45 -4.90 -13.96
CA SER A 303 -24.79 -5.82 -12.90
C SER A 303 -26.08 -6.56 -13.13
N GLY A 304 -25.97 -7.89 -13.07
CA GLY A 304 -27.10 -8.77 -13.23
C GLY A 304 -28.20 -8.40 -14.19
N PRO A 305 -28.39 -9.21 -15.26
CA PRO A 305 -29.43 -8.98 -16.27
C PRO A 305 -30.78 -9.33 -15.67
N ARG A 306 -31.65 -8.32 -15.59
CA ARG A 306 -33.00 -8.46 -15.03
C ARG A 306 -33.07 -8.58 -13.52
N ALA A 307 -31.90 -8.58 -12.87
CA ALA A 307 -31.83 -8.69 -11.41
C ALA A 307 -30.65 -7.93 -10.78
N GLY A 308 -30.08 -7.03 -11.56
CA GLY A 308 -29.00 -6.19 -11.08
C GLY A 308 -29.47 -4.76 -11.37
N LEU A 309 -28.53 -3.87 -11.69
CA LEU A 309 -28.89 -2.52 -12.03
C LEU A 309 -29.38 -2.62 -13.46
N ASN A 310 -28.61 -3.35 -14.29
CA ASN A 310 -28.98 -3.60 -15.67
C ASN A 310 -29.18 -2.33 -16.53
N GLU A 311 -28.15 -1.49 -16.63
CA GLU A 311 -28.26 -0.27 -17.42
C GLU A 311 -27.49 -0.36 -18.73
N ILE A 312 -26.25 -0.80 -18.64
CA ILE A 312 -25.42 -0.94 -19.84
C ILE A 312 -25.11 -2.42 -20.05
N ASN A 313 -24.99 -2.84 -21.31
CA ASN A 313 -24.68 -4.23 -21.61
C ASN A 313 -23.25 -4.35 -22.09
N LEU A 314 -22.39 -4.87 -21.23
CA LEU A 314 -21.01 -5.03 -21.63
C LEU A 314 -21.00 -6.08 -22.74
N PRO A 315 -20.47 -5.73 -23.94
CA PRO A 315 -20.43 -6.67 -25.07
C PRO A 315 -19.86 -8.02 -24.67
N GLU A 316 -20.65 -9.06 -24.96
CA GLU A 316 -20.31 -10.45 -24.66
C GLU A 316 -19.18 -10.96 -25.54
N LEU A 317 -18.24 -11.68 -24.94
CA LEU A 317 -17.13 -12.19 -25.72
C LEU A 317 -16.53 -13.49 -25.21
N GLN A 318 -17.04 -14.01 -24.10
CA GLN A 318 -16.55 -15.28 -23.57
C GLN A 318 -17.61 -16.41 -23.60
N ALA A 319 -17.95 -16.95 -22.42
CA ALA A 319 -18.89 -18.07 -22.25
C ALA A 319 -20.25 -18.09 -22.97
N GLY A 320 -21.13 -18.99 -22.51
CA GLY A 320 -22.46 -19.12 -23.09
C GLY A 320 -23.24 -20.37 -22.66
N SER A 321 -24.25 -20.15 -21.81
CA SER A 321 -25.14 -21.21 -21.32
C SER A 321 -26.52 -20.79 -21.82
N SER A 322 -27.14 -21.66 -22.61
CA SER A 322 -28.42 -21.36 -23.22
C SER A 322 -29.68 -21.41 -22.35
N ILE A 323 -29.86 -22.54 -21.68
CA ILE A 323 -31.05 -22.78 -20.83
C ILE A 323 -31.32 -21.65 -19.84
N MET A 324 -30.25 -21.07 -19.29
CA MET A 324 -30.34 -20.00 -18.30
C MET A 324 -29.56 -18.74 -18.67
N PRO A 325 -30.16 -17.86 -19.51
CA PRO A 325 -29.52 -16.61 -19.93
C PRO A 325 -29.42 -15.55 -18.82
N ALA A 326 -29.54 -16.02 -17.57
CA ALA A 326 -29.44 -15.18 -16.37
C ALA A 326 -27.95 -15.00 -16.07
N LYS A 327 -27.21 -14.46 -17.03
CA LYS A 327 -25.75 -14.27 -16.93
C LYS A 327 -25.19 -13.39 -18.10
N VAL A 328 -23.89 -13.09 -18.01
CA VAL A 328 -23.02 -12.32 -18.94
C VAL A 328 -21.96 -11.50 -18.16
N ASN A 329 -20.85 -12.19 -17.86
CA ASN A 329 -19.73 -11.65 -17.09
C ASN A 329 -19.02 -10.38 -17.56
N PRO A 330 -18.74 -9.45 -16.61
CA PRO A 330 -18.05 -8.18 -16.84
C PRO A 330 -16.53 -8.43 -16.85
N VAL A 331 -16.11 -9.48 -17.55
CA VAL A 331 -14.73 -9.95 -17.64
C VAL A 331 -13.59 -9.00 -18.07
N VAL A 332 -13.85 -8.11 -19.03
CA VAL A 332 -12.83 -7.16 -19.47
C VAL A 332 -12.64 -6.08 -18.42
N PRO A 333 -13.73 -5.56 -17.81
CA PRO A 333 -13.47 -4.55 -16.80
C PRO A 333 -12.70 -5.26 -15.70
N GLU A 334 -13.15 -6.43 -15.33
CA GLU A 334 -12.47 -7.21 -14.32
C GLU A 334 -10.97 -7.26 -14.55
N VAL A 335 -10.54 -7.53 -15.79
CA VAL A 335 -9.10 -7.59 -16.06
C VAL A 335 -8.42 -6.26 -15.76
N VAL A 336 -9.07 -5.17 -16.16
CA VAL A 336 -8.51 -3.84 -15.90
C VAL A 336 -8.48 -3.62 -14.38
N ASN A 337 -9.47 -4.16 -13.67
CA ASN A 337 -9.50 -4.04 -12.22
C ASN A 337 -8.17 -4.59 -11.78
N GLN A 338 -7.81 -5.73 -12.35
CA GLN A 338 -6.57 -6.41 -12.01
C GLN A 338 -5.26 -5.73 -12.38
N VAL A 339 -5.23 -4.99 -13.48
CA VAL A 339 -3.99 -4.32 -13.86
C VAL A 339 -3.79 -3.11 -12.95
N CYS A 340 -4.89 -2.64 -12.38
CA CYS A 340 -4.85 -1.49 -11.48
C CYS A 340 -4.21 -1.87 -10.16
N PHE A 341 -4.82 -2.81 -9.44
CA PHE A 341 -4.32 -3.28 -8.15
C PHE A 341 -2.82 -3.53 -8.21
N LYS A 342 -2.34 -3.99 -9.36
CA LYS A 342 -0.92 -4.26 -9.53
C LYS A 342 -0.18 -2.95 -9.63
N VAL A 343 -0.64 -2.06 -10.50
CA VAL A 343 -0.01 -0.76 -10.66
C VAL A 343 -0.09 0.01 -9.34
N ILE A 344 -1.22 -0.15 -8.65
CA ILE A 344 -1.40 0.51 -7.37
C ILE A 344 -0.36 -0.16 -6.45
N GLY A 345 -0.21 -1.47 -6.60
CA GLY A 345 0.75 -2.23 -5.78
C GLY A 345 2.20 -1.87 -6.02
N ASN A 346 2.49 -1.33 -7.21
CA ASN A 346 3.85 -0.94 -7.57
C ASN A 346 4.21 0.38 -6.94
N ASP A 347 3.22 1.04 -6.35
CA ASP A 347 3.47 2.33 -5.73
C ASP A 347 4.25 2.15 -4.43
N THR A 348 4.20 0.94 -3.89
CA THR A 348 4.91 0.62 -2.67
C THR A 348 6.31 0.20 -3.11
N THR A 349 6.37 -0.70 -4.09
CA THR A 349 7.63 -1.22 -4.65
C THR A 349 8.59 -0.10 -5.08
N VAL A 350 8.01 1.01 -5.51
CA VAL A 350 8.80 2.16 -5.91
C VAL A 350 9.13 2.88 -4.61
N THR A 351 8.08 3.20 -3.85
CA THR A 351 8.23 3.90 -2.56
C THR A 351 9.37 3.32 -1.74
N MET A 352 9.21 2.06 -1.35
CA MET A 352 10.21 1.36 -0.55
C MET A 352 11.61 1.50 -1.10
N ALA A 353 11.73 1.68 -2.40
CA ALA A 353 13.04 1.83 -3.03
C ALA A 353 13.58 3.22 -2.76
N ALA A 354 12.78 4.24 -3.05
CA ALA A 354 13.14 5.65 -2.86
C ALA A 354 13.58 5.94 -1.44
N GLU A 355 12.91 5.30 -0.50
CA GLU A 355 13.18 5.45 0.93
C GLU A 355 14.51 4.83 1.27
N ALA A 356 14.82 3.71 0.63
CA ALA A 356 16.05 2.98 0.85
C ALA A 356 17.33 3.76 0.57
N GLY A 357 17.21 5.08 0.47
CA GLY A 357 18.36 5.89 0.19
C GLY A 357 19.43 5.83 1.27
N GLN A 358 20.68 5.75 0.83
CA GLN A 358 21.85 5.71 1.73
C GLN A 358 22.86 6.74 1.23
N LEU A 359 23.32 7.58 2.15
CA LEU A 359 24.27 8.65 1.89
C LEU A 359 24.13 9.30 0.52
N GLN A 360 25.22 9.40 -0.21
CA GLN A 360 25.17 10.04 -1.51
C GLN A 360 24.82 9.22 -2.75
N LEU A 361 23.90 8.26 -2.60
CA LEU A 361 23.41 7.42 -3.72
C LEU A 361 22.39 6.37 -3.32
N ASN A 362 21.23 6.38 -3.99
CA ASN A 362 20.18 5.40 -3.75
C ASN A 362 20.45 4.26 -4.71
N VAL A 363 20.89 3.14 -4.15
CA VAL A 363 21.28 1.94 -4.87
C VAL A 363 20.15 1.08 -5.44
N MET A 364 18.89 1.48 -5.23
CA MET A 364 17.74 0.70 -5.69
C MET A 364 16.97 1.29 -6.90
N GLU A 365 17.64 2.15 -7.67
CA GLU A 365 17.02 2.77 -8.84
C GLU A 365 16.39 1.73 -9.81
N PRO A 366 17.08 0.61 -10.06
CA PRO A 366 16.50 -0.39 -10.99
C PRO A 366 15.17 -1.03 -10.60
N VAL A 367 14.90 -1.20 -9.31
CA VAL A 367 13.63 -1.79 -8.91
C VAL A 367 12.54 -0.75 -9.05
N ILE A 368 12.95 0.50 -9.20
CA ILE A 368 12.01 1.58 -9.39
C ILE A 368 11.77 1.57 -10.89
N GLY A 369 12.85 1.35 -11.63
CA GLY A 369 12.80 1.32 -13.07
C GLY A 369 11.82 0.33 -13.64
N GLN A 370 12.00 -0.95 -13.28
CA GLN A 370 11.15 -2.00 -13.78
C GLN A 370 9.73 -1.81 -13.32
N ALA A 371 9.55 -1.60 -12.03
CA ALA A 371 8.23 -1.37 -11.47
C ALA A 371 7.64 -0.23 -12.27
N MET A 372 8.46 0.78 -12.54
CA MET A 372 8.01 1.91 -13.32
C MET A 372 7.42 1.33 -14.61
N PHE A 373 8.29 0.86 -15.50
CA PHE A 373 7.89 0.29 -16.78
C PHE A 373 6.72 -0.71 -16.77
N GLU A 374 6.68 -1.60 -15.78
CA GLU A 374 5.60 -2.56 -15.67
C GLU A 374 4.30 -1.74 -15.60
N SER A 375 4.25 -0.83 -14.63
CA SER A 375 3.07 0.03 -14.43
C SER A 375 2.66 0.77 -15.69
N VAL A 376 3.60 1.53 -16.23
CA VAL A 376 3.38 2.34 -17.42
C VAL A 376 3.00 1.53 -18.62
N HIS A 377 3.41 0.26 -18.64
CA HIS A 377 3.12 -0.62 -19.77
C HIS A 377 1.80 -1.36 -19.63
N ILE A 378 1.66 -2.16 -18.57
CA ILE A 378 0.45 -2.92 -18.36
C ILE A 378 -0.77 -2.02 -18.41
N LEU A 379 -0.66 -0.84 -17.78
CA LEU A 379 -1.75 0.13 -17.75
C LEU A 379 -2.18 0.47 -19.16
N THR A 380 -1.22 0.89 -19.97
CA THR A 380 -1.48 1.26 -21.35
C THR A 380 -2.34 0.22 -22.08
N ASN A 381 -1.92 -1.04 -22.03
CA ASN A 381 -2.69 -2.12 -22.66
C ASN A 381 -4.05 -2.24 -22.02
N ALA A 382 -4.07 -2.07 -20.69
CA ALA A 382 -5.28 -2.11 -19.86
C ALA A 382 -6.33 -1.17 -20.43
N CYS A 383 -5.83 -0.14 -21.09
CA CYS A 383 -6.69 0.83 -21.71
C CYS A 383 -7.31 0.22 -22.96
N TYR A 384 -6.47 -0.12 -23.94
CA TYR A 384 -6.95 -0.69 -25.20
C TYR A 384 -7.86 -1.91 -25.05
N ASN A 385 -7.58 -2.76 -24.07
CA ASN A 385 -8.39 -3.94 -23.87
C ASN A 385 -9.82 -3.58 -23.47
N LEU A 386 -9.94 -2.53 -22.68
CA LEU A 386 -11.23 -2.06 -22.21
C LEU A 386 -11.94 -1.43 -23.40
N LEU A 387 -11.26 -0.46 -23.99
CA LEU A 387 -11.76 0.26 -25.15
C LEU A 387 -12.30 -0.73 -26.17
N GLU A 388 -11.36 -1.39 -26.84
CA GLU A 388 -11.57 -2.37 -27.91
C GLU A 388 -12.43 -3.61 -27.63
N LYS A 389 -12.26 -4.22 -26.46
CA LYS A 389 -13.04 -5.41 -26.13
C LYS A 389 -14.26 -5.19 -25.22
N CYS A 390 -14.52 -3.93 -24.85
CA CYS A 390 -15.66 -3.63 -23.98
C CYS A 390 -16.46 -2.38 -24.33
N ILE A 391 -15.98 -1.22 -23.87
CA ILE A 391 -16.69 0.04 -24.06
C ILE A 391 -17.05 0.43 -25.49
N ASN A 392 -16.19 0.10 -26.44
CA ASN A 392 -16.44 0.42 -27.84
C ASN A 392 -17.72 -0.22 -28.38
N GLY A 393 -18.31 -1.11 -27.58
CA GLY A 393 -19.52 -1.78 -28.02
C GLY A 393 -20.57 -2.00 -26.95
N ILE A 394 -20.60 -1.11 -25.97
CA ILE A 394 -21.60 -1.24 -24.93
C ILE A 394 -22.88 -0.70 -25.51
N THR A 395 -23.99 -1.22 -25.02
CA THR A 395 -25.30 -0.76 -25.41
C THR A 395 -25.90 -0.47 -24.06
N ALA A 396 -26.94 0.34 -24.03
CA ALA A 396 -27.58 0.64 -22.75
C ALA A 396 -28.97 0.02 -22.79
N ASN A 397 -29.78 0.28 -21.78
CA ASN A 397 -31.11 -0.28 -21.79
C ASN A 397 -32.12 0.81 -21.39
N LYS A 398 -32.26 1.78 -22.31
CA LYS A 398 -33.15 2.93 -22.20
C LYS A 398 -34.38 2.71 -21.32
N GLU A 399 -35.35 1.97 -21.85
CA GLU A 399 -36.58 1.67 -21.13
C GLU A 399 -36.37 1.36 -19.64
N VAL A 400 -35.25 0.71 -19.32
CA VAL A 400 -34.90 0.39 -17.95
C VAL A 400 -34.35 1.64 -17.31
N CYS A 401 -33.33 2.21 -17.92
CA CYS A 401 -32.68 3.43 -17.45
C CYS A 401 -33.72 4.49 -17.21
N GLU A 402 -34.44 4.85 -18.27
CA GLU A 402 -35.49 5.86 -18.21
C GLU A 402 -36.57 5.46 -17.21
N GLY A 403 -36.77 4.16 -17.06
CA GLY A 403 -37.76 3.68 -16.10
C GLY A 403 -37.28 3.81 -14.66
N TYR A 404 -36.04 4.25 -14.50
CA TYR A 404 -35.47 4.42 -13.16
C TYR A 404 -35.75 5.82 -12.69
N VAL A 405 -35.92 6.73 -13.65
CA VAL A 405 -36.24 8.12 -13.33
C VAL A 405 -37.76 8.28 -13.26
N TYR A 406 -38.42 7.95 -14.38
CA TYR A 406 -39.87 8.05 -14.51
C TYR A 406 -40.61 7.42 -13.37
N ASN A 407 -39.94 6.54 -12.64
CA ASN A 407 -40.54 5.82 -11.51
C ASN A 407 -39.94 6.15 -10.15
N SER A 408 -38.87 6.96 -10.11
CA SER A 408 -38.25 7.33 -8.84
C SER A 408 -39.22 8.11 -7.95
N ILE A 409 -39.19 7.81 -6.67
CA ILE A 409 -40.09 8.43 -5.69
C ILE A 409 -40.11 9.95 -5.54
N GLY A 410 -39.06 10.63 -6.00
CA GLY A 410 -39.01 12.07 -5.87
C GLY A 410 -38.86 12.85 -7.16
N ILE A 411 -39.79 12.66 -8.10
CA ILE A 411 -39.75 13.38 -9.38
C ILE A 411 -40.82 14.48 -9.32
N VAL A 412 -41.53 14.49 -8.21
CA VAL A 412 -42.59 15.45 -7.95
C VAL A 412 -41.99 16.79 -7.49
N THR A 413 -40.67 16.92 -7.56
CA THR A 413 -39.99 18.16 -7.19
C THR A 413 -40.24 19.18 -8.29
N TYR A 414 -40.82 18.74 -9.39
CA TYR A 414 -41.14 19.68 -10.47
C TYR A 414 -42.63 19.82 -10.70
N LEU A 415 -43.44 19.05 -9.98
CA LEU A 415 -44.87 19.15 -10.11
C LEU A 415 -45.36 20.02 -8.98
N ASN A 416 -44.53 20.18 -7.94
CA ASN A 416 -44.87 20.99 -6.77
C ASN A 416 -45.33 22.38 -7.15
N PRO A 417 -44.58 23.08 -8.01
CA PRO A 417 -45.04 24.42 -8.37
C PRO A 417 -46.46 24.35 -8.95
N PHE A 418 -46.78 23.23 -9.60
CA PHE A 418 -48.08 23.02 -10.24
C PHE A 418 -49.12 22.37 -9.33
N ILE A 419 -48.68 21.49 -8.44
CA ILE A 419 -49.59 20.80 -7.53
C ILE A 419 -49.47 21.41 -6.15
N GLY A 420 -48.54 22.33 -6.00
CA GLY A 420 -48.32 22.96 -4.72
C GLY A 420 -47.46 22.05 -3.89
N HIS A 421 -46.25 22.51 -3.57
CA HIS A 421 -45.28 21.77 -2.76
C HIS A 421 -45.96 20.90 -1.70
N HIS A 422 -46.87 21.50 -0.93
CA HIS A 422 -47.61 20.82 0.13
C HIS A 422 -48.29 19.56 -0.39
N ASN A 423 -48.87 19.66 -1.58
CA ASN A 423 -49.50 18.52 -2.19
C ASN A 423 -48.44 17.51 -2.58
N GLY A 424 -47.39 17.98 -3.25
CA GLY A 424 -46.33 17.08 -3.65
C GLY A 424 -45.78 16.29 -2.48
N ASP A 425 -45.44 16.98 -1.39
CA ASP A 425 -44.90 16.35 -0.18
C ASP A 425 -45.76 15.22 0.34
N ILE A 426 -46.97 15.09 -0.17
CA ILE A 426 -47.80 13.98 0.26
C ILE A 426 -47.88 12.91 -0.82
N VAL A 427 -47.72 13.31 -2.08
CA VAL A 427 -47.75 12.39 -3.21
C VAL A 427 -46.52 11.48 -3.11
N GLY A 428 -45.35 12.10 -3.11
CA GLY A 428 -44.09 11.38 -3.01
C GLY A 428 -44.06 10.53 -1.75
N LYS A 429 -45.03 10.75 -0.88
CA LYS A 429 -45.12 9.97 0.34
C LYS A 429 -46.15 8.89 0.14
N ILE A 430 -47.21 9.20 -0.62
CA ILE A 430 -48.24 8.20 -0.89
C ILE A 430 -47.62 7.14 -1.81
N CYS A 431 -46.58 7.55 -2.53
CA CYS A 431 -45.88 6.66 -3.41
C CYS A 431 -45.15 5.61 -2.58
N ALA A 432 -44.34 6.07 -1.63
CA ALA A 432 -43.58 5.17 -0.76
C ALA A 432 -44.43 4.12 -0.04
N GLU A 433 -45.67 4.47 0.28
CA GLU A 433 -46.55 3.54 0.98
C GLU A 433 -47.31 2.64 0.00
N THR A 434 -46.98 2.76 -1.27
CA THR A 434 -47.66 1.99 -2.31
C THR A 434 -46.75 1.32 -3.34
N GLY A 435 -45.67 2.01 -3.72
CA GLY A 435 -44.78 1.46 -4.72
C GLY A 435 -45.17 2.06 -6.04
N LYS A 436 -46.34 2.71 -6.06
CA LYS A 436 -46.84 3.36 -7.26
C LYS A 436 -45.83 4.40 -7.77
N SER A 437 -46.00 4.85 -9.00
CA SER A 437 -45.09 5.85 -9.53
C SER A 437 -45.66 7.20 -9.17
N VAL A 438 -44.90 8.26 -9.37
CA VAL A 438 -45.40 9.58 -9.05
C VAL A 438 -46.62 9.85 -9.91
N ARG A 439 -46.46 9.69 -11.22
CA ARG A 439 -47.56 9.90 -12.17
C ARG A 439 -48.85 9.29 -11.63
N GLU A 440 -48.81 8.00 -11.35
CA GLU A 440 -49.96 7.28 -10.84
C GLU A 440 -50.63 7.98 -9.69
N VAL A 441 -49.90 8.15 -8.58
CA VAL A 441 -50.48 8.81 -7.42
C VAL A 441 -51.01 10.17 -7.84
N VAL A 442 -50.27 10.87 -8.71
CA VAL A 442 -50.71 12.17 -9.19
C VAL A 442 -52.01 11.97 -9.93
N LEU A 443 -51.95 11.14 -10.95
CA LEU A 443 -53.09 10.85 -11.80
C LEU A 443 -54.29 10.29 -11.10
N GLU A 444 -54.08 9.47 -10.08
CA GLU A 444 -55.22 8.89 -9.34
C GLU A 444 -55.93 10.01 -8.59
N ARG A 445 -55.19 10.74 -7.77
CA ARG A 445 -55.74 11.84 -7.01
C ARG A 445 -56.31 12.87 -7.95
N GLY A 446 -55.76 12.91 -9.16
CA GLY A 446 -56.21 13.82 -10.20
C GLY A 446 -55.73 15.26 -10.09
N LEU A 447 -54.55 15.46 -9.50
CA LEU A 447 -54.02 16.81 -9.33
C LEU A 447 -53.55 17.45 -10.64
N LEU A 448 -53.29 16.63 -11.66
CA LEU A 448 -52.81 17.09 -12.97
C LEU A 448 -53.21 16.14 -14.11
N THR A 449 -53.77 16.68 -15.18
CA THR A 449 -54.20 15.87 -16.32
C THR A 449 -53.01 15.18 -16.98
N GLU A 450 -53.24 13.94 -17.42
CA GLU A 450 -52.22 13.15 -18.09
C GLU A 450 -51.52 13.98 -19.15
N ALA A 451 -52.28 14.82 -19.84
CA ALA A 451 -51.69 15.68 -20.86
C ALA A 451 -50.75 16.70 -20.21
N GLU A 452 -51.25 17.50 -19.27
CA GLU A 452 -50.41 18.48 -18.59
C GLU A 452 -49.52 17.74 -17.60
N LEU A 453 -49.06 16.57 -18.02
CA LEU A 453 -48.19 15.72 -17.23
C LEU A 453 -47.29 14.94 -18.19
N ASP A 454 -47.87 14.41 -19.28
CA ASP A 454 -47.08 13.66 -20.26
C ASP A 454 -46.36 14.69 -21.12
N ASP A 455 -46.78 15.94 -20.98
CA ASP A 455 -46.18 17.07 -21.68
C ASP A 455 -45.32 17.81 -20.65
N ILE A 456 -44.48 17.03 -19.95
CA ILE A 456 -43.52 17.48 -18.92
C ILE A 456 -42.91 16.32 -18.09
N PHE A 457 -41.58 16.29 -18.00
CA PHE A 457 -40.78 15.31 -17.21
C PHE A 457 -39.26 15.20 -17.51
N SER A 458 -38.89 15.09 -18.79
CA SER A 458 -37.48 14.99 -19.18
C SER A 458 -36.67 16.26 -18.85
N VAL A 459 -35.35 16.21 -19.06
CA VAL A 459 -34.45 17.35 -18.79
C VAL A 459 -32.95 16.99 -18.93
N MET B 1 1.77 26.93 35.79
CA MET B 1 3.08 26.48 35.24
C MET B 1 4.16 26.95 36.19
N SER B 2 5.24 26.17 36.30
CA SER B 2 6.38 26.48 37.18
C SER B 2 6.04 26.26 38.67
N ASN B 3 4.85 26.70 39.05
CA ASN B 3 4.35 26.59 40.43
C ASN B 3 4.52 25.19 41.06
N ASN B 4 4.92 25.20 42.33
CA ASN B 4 5.12 24.00 43.14
C ASN B 4 5.75 22.83 42.39
N ILE B 5 7.08 22.70 42.47
CA ILE B 5 7.78 21.63 41.78
C ILE B 5 8.76 20.89 42.67
N ARG B 6 9.60 20.08 42.03
CA ARG B 6 10.62 19.24 42.66
C ARG B 6 11.83 19.19 41.73
N ILE B 7 13.01 19.48 42.26
CA ILE B 7 14.23 19.46 41.46
C ILE B 7 14.87 18.08 41.56
N GLU B 8 14.99 17.44 40.39
CA GLU B 8 15.52 16.09 40.25
C GLU B 8 16.72 16.13 39.30
N GLU B 9 17.79 15.43 39.69
CA GLU B 9 19.02 15.38 38.90
C GLU B 9 19.22 14.10 38.06
N ASP B 10 20.12 14.18 37.09
CA ASP B 10 20.45 13.07 36.19
C ASP B 10 21.75 13.33 35.41
N LEU B 11 22.09 12.39 34.52
CA LEU B 11 23.28 12.47 33.68
C LEU B 11 23.38 13.85 33.08
N LEU B 12 22.23 14.36 32.66
CA LEU B 12 22.13 15.69 32.06
C LEU B 12 21.65 16.74 33.06
N GLY B 13 22.50 17.00 34.04
CA GLY B 13 22.20 17.99 35.04
C GLY B 13 20.99 17.74 35.91
N THR B 14 20.52 18.86 36.46
CA THR B 14 19.40 18.92 37.37
C THR B 14 18.25 19.72 36.76
N ARG B 15 17.06 19.13 36.74
CA ARG B 15 15.89 19.81 36.20
C ARG B 15 14.84 19.68 37.30
N GLU B 16 13.89 20.61 37.34
CA GLU B 16 12.86 20.60 38.38
C GLU B 16 11.49 20.00 38.01
N VAL B 17 11.44 18.68 37.84
CA VAL B 17 10.21 17.96 37.49
C VAL B 17 8.98 18.49 38.27
N PRO B 18 7.80 18.56 37.60
CA PRO B 18 6.53 19.05 38.16
C PRO B 18 6.04 18.36 39.43
N ALA B 19 6.74 18.59 40.55
CA ALA B 19 6.41 18.02 41.86
C ALA B 19 5.60 16.73 41.82
N ASP B 20 4.32 16.85 42.20
CA ASP B 20 3.35 15.76 42.25
C ASP B 20 3.42 14.78 41.08
N ALA B 21 3.86 15.26 39.92
CA ALA B 21 3.99 14.40 38.76
C ALA B 21 4.80 13.17 39.14
N TYR B 22 4.19 12.01 38.94
CA TYR B 22 4.87 10.77 39.25
C TYR B 22 6.01 10.45 38.29
N TYR B 23 5.92 10.97 37.06
CA TYR B 23 7.01 10.75 36.10
C TYR B 23 8.19 11.56 36.60
N GLY B 24 9.39 10.98 36.51
CA GLY B 24 10.57 11.70 36.96
C GLY B 24 11.19 12.56 35.90
N VAL B 25 12.52 12.68 35.93
CA VAL B 25 13.25 13.52 34.97
C VAL B 25 13.24 12.92 33.57
N HIS B 26 13.84 11.75 33.42
CA HIS B 26 13.95 11.09 32.12
C HIS B 26 12.68 11.29 31.31
N THR B 27 11.54 11.18 31.99
CA THR B 27 10.24 11.35 31.35
C THR B 27 10.06 12.80 31.00
N LEU B 28 10.19 13.65 32.01
CA LEU B 28 10.08 15.09 31.85
C LEU B 28 10.84 15.52 30.60
N ARG B 29 12.04 14.98 30.42
CA ARG B 29 12.89 15.32 29.28
C ARG B 29 12.26 14.80 27.98
N ALA B 30 11.65 13.63 28.04
CA ALA B 30 11.02 13.05 26.86
C ALA B 30 9.90 13.98 26.42
N ILE B 31 9.16 14.51 27.39
CA ILE B 31 8.05 15.43 27.14
C ILE B 31 8.50 16.70 26.39
N GLU B 32 9.78 16.79 26.02
CA GLU B 32 10.28 17.98 25.35
C GLU B 32 11.08 17.73 24.07
N ASN B 33 11.60 16.52 23.93
CA ASN B 33 12.38 16.18 22.76
C ASN B 33 11.47 15.57 21.73
N PHE B 34 10.24 15.23 22.13
CA PHE B 34 9.27 14.62 21.24
C PHE B 34 7.95 15.37 21.22
N TYR B 35 7.76 16.12 20.14
CA TYR B 35 6.55 16.92 19.93
C TYR B 35 6.03 16.82 18.50
N ILE B 36 5.46 15.66 18.19
CA ILE B 36 4.94 15.42 16.87
C ILE B 36 3.43 15.44 16.93
N SER B 37 2.87 14.58 17.76
CA SER B 37 1.43 14.50 17.88
C SER B 37 0.91 14.90 19.25
N ASN B 38 -0.41 14.98 19.35
CA ASN B 38 -1.05 15.33 20.60
C ASN B 38 -1.36 14.02 21.32
N ASN B 39 -1.34 12.92 20.58
CA ASN B 39 -1.58 11.61 21.15
C ASN B 39 -0.37 11.26 21.96
N LYS B 40 -0.58 11.06 23.25
CA LYS B 40 0.49 10.71 24.17
C LYS B 40 0.14 9.35 24.75
N ILE B 41 1.09 8.70 25.41
CA ILE B 41 0.86 7.38 25.97
C ILE B 41 -0.37 7.28 26.87
N SER B 42 -1.54 7.22 26.24
CA SER B 42 -2.85 7.14 26.91
C SER B 42 -3.58 5.94 26.29
N ASP B 43 -4.05 5.03 27.14
CA ASP B 43 -4.67 3.81 26.63
C ASP B 43 -6.14 3.47 26.85
N ILE B 44 -6.61 2.64 25.92
CA ILE B 44 -7.95 2.05 25.82
C ILE B 44 -7.74 0.52 25.77
N PRO B 45 -6.69 0.08 25.03
CA PRO B 45 -6.40 -1.36 24.95
C PRO B 45 -5.58 -1.88 26.15
N GLU B 46 -4.47 -1.22 26.46
CA GLU B 46 -3.60 -1.61 27.57
C GLU B 46 -2.28 -0.81 27.54
N PHE B 47 -1.14 -1.52 27.56
CA PHE B 47 0.19 -0.93 27.51
C PHE B 47 0.72 -0.35 28.84
N VAL B 48 0.03 0.62 29.44
CA VAL B 48 0.47 1.18 30.71
C VAL B 48 0.40 0.06 31.69
N ARG B 49 -0.71 -0.66 31.66
CA ARG B 49 -0.91 -1.82 32.52
C ARG B 49 0.10 -2.86 32.03
N GLY B 50 0.16 -3.02 30.70
CA GLY B 50 1.07 -3.97 30.09
C GLY B 50 2.46 -3.76 30.63
N MET B 51 2.79 -2.52 30.94
CA MET B 51 4.10 -2.24 31.48
C MET B 51 4.08 -2.57 32.97
N VAL B 52 3.22 -1.89 33.73
CA VAL B 52 3.14 -2.14 35.16
C VAL B 52 3.04 -3.63 35.52
N MET B 53 2.46 -4.42 34.61
CA MET B 53 2.33 -5.86 34.82
C MET B 53 3.70 -6.49 34.60
N VAL B 54 4.39 -6.09 33.54
CA VAL B 54 5.72 -6.61 33.23
C VAL B 54 6.69 -6.29 34.38
N LYS B 55 6.40 -5.21 35.10
CA LYS B 55 7.21 -4.80 36.23
C LYS B 55 6.89 -5.70 37.41
N LYS B 56 5.61 -5.75 37.80
CA LYS B 56 5.19 -6.59 38.92
C LYS B 56 5.85 -7.95 38.81
N ALA B 57 5.67 -8.56 37.64
CA ALA B 57 6.24 -9.87 37.31
C ALA B 57 7.74 -9.83 37.55
N ALA B 58 8.41 -8.84 36.98
CA ALA B 58 9.85 -8.68 37.14
C ALA B 58 10.18 -8.48 38.62
N ALA B 59 9.36 -7.66 39.27
CA ALA B 59 9.51 -7.35 40.67
C ALA B 59 9.45 -8.60 41.52
N MET B 60 8.27 -9.22 41.56
CA MET B 60 8.08 -10.43 42.35
C MET B 60 9.03 -11.55 41.98
N ALA B 61 9.74 -11.39 40.87
CA ALA B 61 10.71 -12.38 40.44
C ALA B 61 12.02 -12.01 41.11
N ASN B 62 12.35 -10.71 41.07
CA ASN B 62 13.58 -10.20 41.67
C ASN B 62 13.64 -10.60 43.16
N LYS B 63 12.58 -10.28 43.90
CA LYS B 63 12.49 -10.62 45.31
C LYS B 63 12.76 -12.12 45.53
N GLU B 64 12.22 -12.96 44.64
CA GLU B 64 12.43 -14.39 44.73
C GLU B 64 13.95 -14.62 44.76
N LEU B 65 14.62 -14.36 43.64
CA LEU B 65 16.07 -14.54 43.53
C LEU B 65 16.82 -13.62 44.51
N GLN B 66 16.08 -12.77 45.20
CA GLN B 66 16.67 -11.84 46.14
C GLN B 66 17.68 -10.98 45.41
N THR B 67 17.43 -10.77 44.12
CA THR B 67 18.32 -9.95 43.32
C THR B 67 18.27 -8.56 43.91
N ILE B 68 17.07 -8.17 44.36
CA ILE B 68 16.84 -6.86 44.99
C ILE B 68 16.20 -7.09 46.36
N PRO B 69 16.26 -6.08 47.26
CA PRO B 69 15.67 -6.16 48.61
C PRO B 69 14.18 -6.48 48.63
N LYS B 70 13.76 -7.35 49.56
CA LYS B 70 12.35 -7.72 49.71
C LYS B 70 11.65 -6.48 50.28
N SER B 71 12.41 -5.64 50.96
CA SER B 71 11.87 -4.43 51.52
C SER B 71 11.38 -3.53 50.40
N VAL B 72 12.22 -3.31 49.40
CA VAL B 72 11.84 -2.46 48.28
C VAL B 72 10.92 -3.20 47.32
N ALA B 73 11.22 -4.48 47.10
CA ALA B 73 10.47 -5.31 46.18
C ALA B 73 8.96 -5.37 46.41
N ASN B 74 8.53 -5.72 47.62
CA ASN B 74 7.10 -5.79 47.88
C ASN B 74 6.42 -4.42 47.77
N ALA B 75 7.24 -3.38 47.69
CA ALA B 75 6.75 -2.01 47.54
C ALA B 75 6.48 -1.83 46.04
N ILE B 76 7.37 -2.41 45.24
CA ILE B 76 7.26 -2.35 43.79
C ILE B 76 6.07 -3.12 43.25
N ILE B 77 5.85 -4.34 43.76
CA ILE B 77 4.71 -5.15 43.30
C ILE B 77 3.42 -4.49 43.76
N ALA B 78 3.48 -3.95 44.98
CA ALA B 78 2.33 -3.26 45.57
C ALA B 78 2.08 -2.02 44.73
N ALA B 79 3.15 -1.27 44.47
CA ALA B 79 3.06 -0.06 43.67
C ALA B 79 2.29 -0.37 42.40
N CYS B 80 2.67 -1.47 41.75
CA CYS B 80 2.02 -1.89 40.52
C CYS B 80 0.52 -1.87 40.75
N ASP B 81 0.10 -2.59 41.78
CA ASP B 81 -1.30 -2.71 42.13
C ASP B 81 -2.04 -1.39 42.25
N GLU B 82 -1.33 -0.34 42.68
CA GLU B 82 -1.98 0.96 42.82
C GLU B 82 -2.16 1.58 41.44
N VAL B 83 -1.71 0.86 40.42
CA VAL B 83 -1.81 1.31 39.04
C VAL B 83 -2.65 0.30 38.27
N LEU B 84 -2.73 -0.91 38.80
CA LEU B 84 -3.50 -1.94 38.14
C LEU B 84 -4.94 -1.86 38.60
N ASN B 85 -5.10 -1.74 39.92
CA ASN B 85 -6.38 -1.61 40.59
C ASN B 85 -7.31 -0.72 39.76
N ASN B 86 -7.39 0.55 40.14
CA ASN B 86 -8.17 1.55 39.43
C ASN B 86 -7.12 2.50 38.86
N GLY B 87 -5.90 2.00 38.73
CA GLY B 87 -4.83 2.81 38.21
C GLY B 87 -4.85 4.09 39.00
N LYS B 88 -4.82 3.95 40.33
CA LYS B 88 -4.85 5.10 41.23
C LYS B 88 -3.63 5.96 41.01
N CYS B 89 -2.94 5.74 39.89
CA CYS B 89 -1.76 6.51 39.57
C CYS B 89 -1.53 6.49 38.07
N MET B 90 -2.61 6.19 37.33
CA MET B 90 -2.59 6.09 35.87
C MET B 90 -2.20 7.36 35.13
N ASP B 91 -2.28 7.29 33.79
CA ASP B 91 -1.92 8.40 32.90
C ASP B 91 -0.90 9.36 33.49
N GLN B 92 0.27 8.80 33.75
CA GLN B 92 1.41 9.52 34.26
C GLN B 92 2.49 9.35 33.22
N PHE B 93 2.07 8.94 32.02
CA PHE B 93 2.97 8.74 30.87
C PHE B 93 2.52 9.75 29.84
N PRO B 94 3.03 10.99 29.94
CA PRO B 94 2.72 12.12 29.05
C PRO B 94 3.57 12.17 27.79
N VAL B 95 4.36 11.15 27.57
CA VAL B 95 5.22 11.10 26.40
C VAL B 95 4.41 10.87 25.14
N ASP B 96 4.79 11.55 24.05
CA ASP B 96 4.10 11.42 22.78
C ASP B 96 4.22 9.98 22.30
N VAL B 97 3.13 9.46 21.72
CA VAL B 97 3.12 8.12 21.18
C VAL B 97 4.37 8.02 20.31
N TYR B 98 4.62 9.08 19.53
CA TYR B 98 5.80 9.16 18.67
C TYR B 98 6.94 9.48 19.64
N GLN B 99 7.97 8.65 19.62
CA GLN B 99 9.12 8.85 20.49
C GLN B 99 10.23 7.97 19.99
N GLY B 100 11.47 8.44 20.15
CA GLY B 100 12.61 7.68 19.67
C GLY B 100 13.28 6.85 20.75
N GLY B 101 14.25 6.04 20.30
CA GLY B 101 14.99 5.20 21.21
C GLY B 101 14.34 3.86 21.49
N ALA B 102 13.59 3.33 20.51
CA ALA B 102 12.93 2.04 20.67
C ALA B 102 12.03 1.88 21.92
N GLY B 103 11.95 2.91 22.76
CA GLY B 103 11.10 2.83 23.93
C GLY B 103 11.78 2.84 25.28
N THR B 104 12.98 3.42 25.36
CA THR B 104 13.72 3.53 26.63
C THR B 104 12.90 4.48 27.47
N SER B 105 12.45 5.53 26.79
CA SER B 105 11.66 6.60 27.35
C SER B 105 10.34 6.09 27.89
N VAL B 106 9.91 4.91 27.47
CA VAL B 106 8.66 4.33 27.97
C VAL B 106 8.95 3.43 29.19
N ASN B 107 9.99 2.61 29.09
CA ASN B 107 10.36 1.74 30.20
C ASN B 107 10.81 2.68 31.31
N MET B 108 11.42 3.79 30.94
CA MET B 108 11.89 4.79 31.89
C MET B 108 10.76 5.50 32.64
N ASN B 109 9.65 5.72 31.96
CA ASN B 109 8.50 6.36 32.58
C ASN B 109 7.85 5.36 33.54
N THR B 110 7.64 4.13 33.05
CA THR B 110 7.04 3.08 33.86
C THR B 110 7.82 2.92 35.15
N ASN B 111 9.15 2.85 35.02
CA ASN B 111 10.05 2.72 36.16
C ASN B 111 9.79 3.85 37.13
N GLU B 112 9.99 5.07 36.66
CA GLU B 112 9.82 6.25 37.49
C GLU B 112 8.49 6.29 38.23
N VAL B 113 7.39 6.39 37.49
CA VAL B 113 6.06 6.44 38.08
C VAL B 113 5.91 5.37 39.15
N LEU B 114 6.32 4.15 38.84
CA LEU B 114 6.24 3.05 39.79
C LEU B 114 7.14 3.28 41.02
N ALA B 115 8.36 3.74 40.77
CA ALA B 115 9.36 4.01 41.81
C ALA B 115 8.83 4.88 42.94
N ASN B 116 8.09 5.93 42.59
CA ASN B 116 7.49 6.86 43.55
C ASN B 116 6.34 6.18 44.29
N ILE B 117 5.40 5.59 43.55
CA ILE B 117 4.27 4.89 44.18
C ILE B 117 4.77 3.99 45.28
N GLY B 118 5.80 3.22 44.98
CA GLY B 118 6.36 2.35 46.00
C GLY B 118 6.83 3.21 47.16
N LEU B 119 7.71 4.16 46.87
CA LEU B 119 8.24 5.07 47.88
C LEU B 119 7.14 5.68 48.73
N GLU B 120 6.16 6.32 48.07
CA GLU B 120 5.05 6.91 48.80
C GLU B 120 4.27 5.87 49.61
N LEU B 121 4.19 4.64 49.10
CA LEU B 121 3.51 3.56 49.81
C LEU B 121 4.33 3.28 51.06
N MET B 122 5.64 3.45 50.92
CA MET B 122 6.57 3.24 52.02
C MET B 122 6.59 4.51 52.84
N GLY B 123 5.68 5.42 52.52
CA GLY B 123 5.55 6.68 53.23
C GLY B 123 6.57 7.77 52.95
N HIS B 124 7.57 7.47 52.12
CA HIS B 124 8.58 8.46 51.80
C HIS B 124 8.10 9.49 50.82
N GLN B 125 8.93 10.50 50.67
CA GLN B 125 8.73 11.60 49.74
C GLN B 125 9.31 11.06 48.45
N LYS B 126 8.55 11.15 47.37
CA LYS B 126 9.03 10.67 46.10
C LYS B 126 9.92 11.73 45.45
N GLY B 127 10.63 11.35 44.39
CA GLY B 127 11.45 12.31 43.68
C GLY B 127 12.89 12.51 44.05
N GLU B 128 13.21 13.64 44.67
CA GLU B 128 14.59 13.98 45.06
C GLU B 128 15.22 12.82 45.81
N TYR B 129 14.55 12.37 46.88
CA TYR B 129 15.05 11.25 47.64
C TYR B 129 14.30 9.97 47.28
N GLN B 130 15.06 9.04 46.71
CA GLN B 130 14.55 7.76 46.27
C GLN B 130 15.22 6.58 46.96
N TYR B 131 14.63 6.19 48.09
CA TYR B 131 15.08 5.05 48.88
C TYR B 131 14.65 3.81 48.07
N LEU B 132 13.89 4.07 47.01
CA LEU B 132 13.38 3.06 46.10
C LEU B 132 13.74 3.50 44.69
N ASN B 133 15.03 3.77 44.50
CA ASN B 133 15.56 4.19 43.22
C ASN B 133 15.09 3.22 42.15
N PRO B 134 14.38 3.74 41.14
CA PRO B 134 13.84 2.96 40.02
C PRO B 134 14.88 2.02 39.39
N ASN B 135 15.98 2.60 38.90
CA ASN B 135 17.06 1.86 38.24
C ASN B 135 17.41 0.51 38.87
N ASP B 136 18.24 0.53 39.91
CA ASP B 136 18.68 -0.71 40.56
C ASP B 136 17.59 -1.45 41.33
N HIS B 137 16.33 -1.08 41.10
CA HIS B 137 15.21 -1.76 41.76
C HIS B 137 14.07 -2.07 40.79
N VAL B 138 13.25 -1.06 40.52
CA VAL B 138 12.11 -1.23 39.63
C VAL B 138 12.51 -1.81 38.28
N ASN B 139 13.71 -1.48 37.81
CA ASN B 139 14.20 -2.00 36.54
C ASN B 139 15.51 -2.76 36.73
N LYS B 140 15.57 -3.60 37.76
CA LYS B 140 16.76 -4.38 38.03
C LYS B 140 16.62 -5.71 37.30
N CYS B 141 17.71 -6.11 36.63
CA CYS B 141 17.77 -7.33 35.86
C CYS B 141 16.92 -7.22 34.60
N GLN B 142 17.11 -6.12 33.87
CA GLN B 142 16.38 -5.87 32.63
C GLN B 142 16.84 -4.64 31.86
N SER B 143 16.37 -4.53 30.63
CA SER B 143 16.69 -3.42 29.74
C SER B 143 15.54 -3.24 28.75
N THR B 144 15.37 -2.01 28.31
CA THR B 144 14.31 -1.67 27.39
C THR B 144 14.08 -2.68 26.29
N ASN B 145 15.14 -3.04 25.57
CA ASN B 145 15.04 -4.01 24.48
C ASN B 145 14.21 -5.24 24.84
N ASP B 146 14.20 -5.61 26.13
CA ASP B 146 13.40 -6.75 26.53
C ASP B 146 12.14 -6.35 27.30
N ALA B 147 12.28 -5.36 28.18
CA ALA B 147 11.15 -4.92 28.97
C ALA B 147 10.12 -4.15 28.16
N TYR B 148 10.58 -3.42 27.16
CA TYR B 148 9.67 -2.63 26.35
C TYR B 148 8.72 -3.48 25.51
N PRO B 149 9.26 -4.35 24.63
CA PRO B 149 8.39 -5.18 23.81
C PRO B 149 7.46 -6.14 24.57
N THR B 150 7.96 -6.79 25.61
CA THR B 150 7.11 -7.70 26.40
C THR B 150 5.90 -6.96 26.96
N GLY B 151 6.04 -5.66 27.18
CA GLY B 151 4.92 -4.89 27.67
C GLY B 151 3.96 -4.71 26.50
N PHE B 152 4.54 -4.40 25.35
CA PHE B 152 3.77 -4.20 24.13
C PHE B 152 3.07 -5.49 23.70
N ARG B 153 3.67 -6.62 24.04
CA ARG B 153 3.13 -7.92 23.69
C ARG B 153 1.92 -8.28 24.55
N ILE B 154 2.03 -8.05 25.86
CA ILE B 154 0.94 -8.34 26.78
C ILE B 154 -0.23 -7.48 26.31
N ALA B 155 0.05 -6.20 26.13
CA ALA B 155 -0.90 -5.19 25.68
C ALA B 155 -1.66 -5.64 24.46
N VAL B 156 -1.01 -5.62 23.31
CA VAL B 156 -1.62 -6.03 22.06
C VAL B 156 -2.37 -7.33 22.19
N TYR B 157 -1.77 -8.31 22.85
CA TYR B 157 -2.41 -9.59 23.04
C TYR B 157 -3.70 -9.45 23.82
N SER B 158 -3.75 -8.47 24.72
CA SER B 158 -4.93 -8.23 25.54
C SER B 158 -5.92 -7.32 24.82
N SER B 159 -5.40 -6.57 23.87
CA SER B 159 -6.17 -5.65 23.05
C SER B 159 -6.88 -6.49 22.03
N LEU B 160 -6.20 -7.54 21.56
CA LEU B 160 -6.74 -8.46 20.59
C LEU B 160 -7.88 -9.19 21.22
N ILE B 161 -7.69 -9.62 22.46
CA ILE B 161 -8.75 -10.31 23.16
C ILE B 161 -9.97 -9.43 23.05
N LYS B 162 -9.86 -8.19 23.49
CA LYS B 162 -10.99 -7.27 23.43
C LYS B 162 -11.56 -7.15 22.01
N LEU B 163 -10.71 -7.27 21.02
CA LEU B 163 -11.17 -7.17 19.64
C LEU B 163 -12.05 -8.35 19.26
N VAL B 164 -11.67 -9.56 19.72
CA VAL B 164 -12.46 -10.73 19.38
C VAL B 164 -13.83 -10.69 20.04
N ASP B 165 -13.87 -10.21 21.29
CA ASP B 165 -15.13 -10.10 22.03
C ASP B 165 -16.08 -9.34 21.13
N ALA B 166 -15.64 -8.14 20.74
CA ALA B 166 -16.39 -7.25 19.87
C ALA B 166 -16.79 -7.99 18.61
N ILE B 167 -15.83 -8.70 18.01
CA ILE B 167 -16.09 -9.46 16.79
C ILE B 167 -17.20 -10.47 17.02
N ASN B 168 -17.19 -11.13 18.17
CA ASN B 168 -18.22 -12.11 18.49
C ASN B 168 -19.53 -11.39 18.66
N GLN B 169 -19.50 -10.29 19.40
CA GLN B 169 -20.69 -9.47 19.66
C GLN B 169 -21.38 -9.15 18.33
N LEU B 170 -20.58 -8.79 17.33
CA LEU B 170 -21.05 -8.45 15.99
C LEU B 170 -21.54 -9.66 15.22
N ARG B 171 -21.06 -10.85 15.59
CA ARG B 171 -21.49 -12.06 14.89
C ARG B 171 -22.91 -12.52 15.20
N GLU B 172 -23.35 -12.33 16.44
CA GLU B 172 -24.71 -12.72 16.81
C GLU B 172 -25.65 -11.75 16.09
N GLY B 173 -25.17 -10.54 15.84
CA GLY B 173 -25.96 -9.55 15.16
C GLY B 173 -26.14 -9.92 13.70
N PHE B 174 -25.35 -10.88 13.25
CA PHE B 174 -25.42 -11.38 11.88
C PHE B 174 -26.25 -12.64 11.94
N GLU B 175 -26.02 -13.41 13.01
CA GLU B 175 -26.74 -14.65 13.23
C GLU B 175 -28.22 -14.42 13.50
N ARG B 176 -28.54 -13.48 14.39
CA ARG B 176 -29.94 -13.15 14.71
C ARG B 176 -30.63 -12.74 13.42
N LYS B 177 -29.89 -12.02 12.58
CA LYS B 177 -30.44 -11.60 11.31
C LYS B 177 -30.65 -12.78 10.39
N ALA B 178 -29.71 -13.71 10.38
CA ALA B 178 -29.87 -14.89 9.53
C ALA B 178 -31.13 -15.62 9.98
N VAL B 179 -31.22 -15.91 11.27
CA VAL B 179 -32.37 -16.61 11.81
C VAL B 179 -33.65 -15.88 11.48
N GLU B 180 -33.55 -14.57 11.29
CA GLU B 180 -34.70 -13.74 10.98
C GLU B 180 -35.15 -13.92 9.52
N PHE B 181 -34.24 -13.65 8.61
CA PHE B 181 -34.48 -13.74 7.15
C PHE B 181 -34.28 -15.13 6.57
N GLN B 182 -34.06 -16.14 7.43
CA GLN B 182 -33.80 -17.52 6.99
C GLN B 182 -34.51 -18.01 5.76
N ASP B 183 -35.74 -17.51 5.49
CA ASP B 183 -36.46 -17.91 4.28
C ASP B 183 -37.01 -16.81 3.39
N ILE B 184 -36.10 -15.97 2.89
CA ILE B 184 -36.46 -14.90 1.96
C ILE B 184 -35.52 -15.09 0.76
N LEU B 185 -36.09 -15.56 -0.34
CA LEU B 185 -35.30 -15.82 -1.54
C LEU B 185 -34.64 -14.62 -2.20
N LYS B 186 -33.32 -14.65 -2.20
CA LYS B 186 -32.50 -13.65 -2.82
C LYS B 186 -31.75 -14.45 -3.87
N MET B 187 -31.32 -13.80 -4.94
CA MET B 187 -30.56 -14.52 -5.94
C MET B 187 -29.17 -13.92 -5.88
N GLY B 188 -28.15 -14.77 -5.77
CA GLY B 188 -26.78 -14.31 -5.67
C GLY B 188 -26.27 -13.55 -6.86
N ARG B 189 -25.09 -12.96 -6.73
CA ARG B 189 -24.51 -12.23 -7.85
C ARG B 189 -23.00 -12.33 -7.97
N THR B 190 -22.56 -13.32 -8.73
CA THR B 190 -21.15 -13.54 -8.99
C THR B 190 -20.78 -12.53 -10.07
N GLN B 191 -19.72 -11.76 -9.85
CA GLN B 191 -19.27 -10.75 -10.84
C GLN B 191 -20.41 -9.80 -11.17
N LEU B 192 -21.33 -9.66 -10.21
CA LEU B 192 -22.51 -8.83 -10.33
C LEU B 192 -23.65 -9.54 -11.05
N GLN B 193 -23.31 -10.43 -11.97
CA GLN B 193 -24.31 -11.22 -12.71
C GLN B 193 -25.08 -12.07 -11.73
N ASP B 194 -26.30 -12.46 -12.08
CA ASP B 194 -27.08 -13.29 -11.18
C ASP B 194 -26.42 -14.67 -11.10
N ALA B 195 -26.93 -15.53 -10.23
CA ALA B 195 -26.36 -16.86 -10.10
C ALA B 195 -27.41 -17.92 -9.80
N VAL B 196 -27.53 -18.32 -8.54
CA VAL B 196 -28.50 -19.35 -8.16
C VAL B 196 -29.17 -19.02 -6.85
N PRO B 197 -30.52 -19.09 -6.80
CA PRO B 197 -31.37 -18.80 -5.64
C PRO B 197 -30.68 -19.05 -4.31
N MET B 198 -31.02 -18.24 -3.33
CA MET B 198 -30.40 -18.28 -2.01
C MET B 198 -31.32 -17.55 -1.07
N THR B 199 -31.15 -17.72 0.24
CA THR B 199 -31.98 -16.96 1.19
C THR B 199 -31.11 -15.84 1.74
N LEU B 200 -31.72 -14.71 2.08
CA LEU B 200 -30.95 -13.61 2.63
C LEU B 200 -30.31 -14.08 3.93
N GLY B 201 -30.98 -15.03 4.57
CA GLY B 201 -30.51 -15.60 5.81
C GLY B 201 -29.15 -16.19 5.55
N GLN B 202 -29.04 -16.91 4.43
CA GLN B 202 -27.78 -17.54 4.03
C GLN B 202 -26.72 -16.49 3.69
N GLU B 203 -27.18 -15.32 3.23
CA GLU B 203 -26.29 -14.21 2.90
C GLU B 203 -25.69 -13.64 4.18
N PHE B 204 -26.53 -13.60 5.22
CA PHE B 204 -26.13 -13.06 6.50
C PHE B 204 -25.33 -13.94 7.46
N ARG B 205 -25.41 -15.27 7.32
CA ARG B 205 -24.60 -16.15 8.19
C ARG B 205 -23.22 -16.19 7.56
N ALA B 206 -23.18 -15.97 6.25
CA ALA B 206 -21.96 -15.97 5.46
C ALA B 206 -21.04 -14.95 6.05
N PHE B 207 -21.62 -13.82 6.44
CA PHE B 207 -20.87 -12.77 7.06
C PHE B 207 -20.32 -13.29 8.39
N SER B 208 -21.21 -13.72 9.30
CA SER B 208 -20.79 -14.22 10.60
C SER B 208 -19.83 -15.41 10.51
N ILE B 209 -19.89 -16.16 9.41
CA ILE B 209 -18.97 -17.27 9.23
C ILE B 209 -17.64 -16.66 8.83
N LEU B 210 -17.72 -15.59 8.03
CA LEU B 210 -16.56 -14.85 7.52
C LEU B 210 -15.73 -14.28 8.68
N LEU B 211 -16.42 -13.76 9.70
CA LEU B 211 -15.74 -13.18 10.84
C LEU B 211 -15.32 -14.26 11.82
N LYS B 212 -16.02 -15.39 11.78
CA LYS B 212 -15.70 -16.52 12.64
C LYS B 212 -14.28 -16.95 12.34
N GLU B 213 -13.92 -16.90 11.06
CA GLU B 213 -12.59 -17.26 10.60
C GLU B 213 -11.61 -16.16 10.96
N GLU B 214 -12.06 -14.91 10.92
CA GLU B 214 -11.20 -13.78 11.29
C GLU B 214 -10.75 -13.97 12.72
N VAL B 215 -11.67 -14.43 13.56
CA VAL B 215 -11.41 -14.69 14.96
C VAL B 215 -10.41 -15.84 15.04
N LYS B 216 -10.70 -16.93 14.32
CA LYS B 216 -9.84 -18.12 14.27
C LYS B 216 -8.41 -17.73 13.96
N ASN B 217 -8.26 -16.86 12.96
CA ASN B 217 -6.97 -16.37 12.52
C ASN B 217 -6.34 -15.41 13.49
N ILE B 218 -7.15 -14.50 14.03
CA ILE B 218 -6.66 -13.51 14.99
C ILE B 218 -6.05 -14.12 16.24
N GLN B 219 -6.85 -14.87 16.99
CA GLN B 219 -6.41 -15.50 18.23
C GLN B 219 -5.25 -16.46 17.97
N ARG B 220 -5.06 -16.85 16.71
CA ARG B 220 -3.99 -17.76 16.31
C ARG B 220 -2.69 -17.04 16.03
N THR B 221 -2.78 -15.98 15.25
CA THR B 221 -1.62 -15.18 14.90
C THR B 221 -1.17 -14.36 16.10
N ALA B 222 -2.07 -14.22 17.07
CA ALA B 222 -1.81 -13.46 18.30
C ALA B 222 -0.89 -14.20 19.29
N GLU B 223 -0.82 -15.52 19.17
CA GLU B 223 0.00 -16.34 20.07
C GLU B 223 1.50 -16.18 19.82
N LEU B 224 1.84 -15.46 18.76
CA LEU B 224 3.24 -15.21 18.46
C LEU B 224 3.74 -14.19 19.49
N LEU B 225 2.80 -13.40 20.03
CA LEU B 225 3.07 -12.36 21.04
C LEU B 225 3.40 -12.96 22.40
N LEU B 226 2.70 -14.04 22.73
CA LEU B 226 2.87 -14.78 23.99
C LEU B 226 4.31 -15.09 24.33
N GLU B 227 5.14 -15.29 23.30
CA GLU B 227 6.55 -15.60 23.51
C GLU B 227 7.28 -14.34 23.89
N VAL B 228 6.99 -13.88 25.10
CA VAL B 228 7.60 -12.67 25.64
C VAL B 228 9.10 -12.79 25.92
N ASN B 229 9.73 -11.62 26.05
CA ASN B 229 11.16 -11.53 26.34
C ASN B 229 11.41 -10.65 27.56
N LEU B 230 11.92 -11.26 28.62
CA LEU B 230 12.21 -10.50 29.81
C LEU B 230 13.42 -11.15 30.44
N GLY B 231 14.52 -10.42 30.43
CA GLY B 231 15.74 -10.94 31.01
C GLY B 231 16.80 -11.29 29.97
N ALA B 232 16.65 -10.77 28.76
CA ALA B 232 17.61 -11.04 27.68
C ALA B 232 18.82 -10.12 27.78
N THR B 233 19.24 -9.56 26.64
CA THR B 233 20.36 -8.61 26.55
C THR B 233 20.59 -8.00 25.15
N ALA B 234 20.73 -6.67 25.17
CA ALA B 234 20.96 -5.79 24.02
C ALA B 234 21.47 -6.43 22.78
N ILE B 235 22.73 -6.86 22.86
CA ILE B 235 23.46 -7.52 21.78
C ILE B 235 23.42 -9.06 21.80
N GLY B 236 24.60 -9.67 21.73
CA GLY B 236 24.72 -11.12 21.77
C GLY B 236 24.44 -11.67 23.15
N THR B 237 25.13 -12.77 23.46
CA THR B 237 25.04 -13.52 24.73
C THR B 237 24.03 -13.02 25.77
N GLY B 238 24.55 -12.23 26.70
CA GLY B 238 23.72 -11.68 27.75
C GLY B 238 24.54 -11.11 28.89
N LEU B 239 23.99 -10.10 29.54
CA LEU B 239 24.64 -9.50 30.69
C LEU B 239 24.27 -10.52 31.78
N ASN B 240 24.17 -10.12 33.05
CA ASN B 240 23.81 -11.14 34.02
C ASN B 240 22.29 -11.37 34.07
N THR B 241 21.57 -10.66 33.19
CA THR B 241 20.12 -10.81 33.08
C THR B 241 20.02 -12.33 32.89
N PRO B 242 20.80 -12.89 31.92
CA PRO B 242 20.76 -14.33 31.72
C PRO B 242 21.20 -15.03 33.01
N LYS B 243 20.39 -16.01 33.41
CA LYS B 243 20.57 -16.82 34.60
C LYS B 243 19.26 -17.58 34.69
N GLU B 244 19.01 -18.21 35.83
CA GLU B 244 17.75 -18.91 36.01
C GLU B 244 16.68 -17.83 36.15
N TYR B 245 17.12 -16.58 36.16
CA TYR B 245 16.23 -15.44 36.29
C TYR B 245 15.19 -15.35 35.16
N SER B 246 15.68 -14.97 33.98
CA SER B 246 14.88 -14.79 32.77
C SER B 246 13.56 -15.58 32.71
N PRO B 247 13.61 -16.93 32.93
CA PRO B 247 12.43 -17.80 32.91
C PRO B 247 11.54 -17.64 34.14
N LEU B 248 12.17 -17.47 35.30
CA LEU B 248 11.45 -17.27 36.55
C LEU B 248 10.60 -16.02 36.42
N ALA B 249 11.21 -15.01 35.79
CA ALA B 249 10.58 -13.71 35.55
C ALA B 249 9.23 -13.89 34.86
N VAL B 250 9.27 -14.34 33.61
CA VAL B 250 8.05 -14.57 32.83
C VAL B 250 7.12 -15.56 33.50
N LYS B 251 7.67 -16.41 34.37
CA LYS B 251 6.88 -17.39 35.09
C LYS B 251 5.91 -16.68 36.01
N LYS B 252 6.32 -15.48 36.41
CA LYS B 252 5.55 -14.62 37.27
C LYS B 252 4.71 -13.78 36.32
N LEU B 253 5.31 -13.42 35.19
CA LEU B 253 4.64 -12.61 34.19
C LEU B 253 3.34 -13.27 33.79
N ALA B 254 3.39 -14.57 33.53
CA ALA B 254 2.20 -15.30 33.14
C ALA B 254 1.25 -15.43 34.34
N GLU B 255 1.80 -15.33 35.54
CA GLU B 255 1.03 -15.44 36.78
C GLU B 255 0.18 -14.18 37.03
N VAL B 256 0.56 -13.09 36.37
CA VAL B 256 -0.17 -11.82 36.48
C VAL B 256 -1.15 -11.69 35.33
N THR B 257 -0.60 -11.54 34.13
CA THR B 257 -1.36 -11.38 32.91
C THR B 257 -2.49 -12.41 32.82
N GLY B 258 -2.11 -13.66 33.06
CA GLY B 258 -3.05 -14.75 32.98
C GLY B 258 -2.98 -15.30 31.58
N PHE B 259 -1.94 -14.91 30.87
CA PHE B 259 -1.72 -15.36 29.50
C PHE B 259 -0.64 -16.41 29.57
N PRO B 260 -0.77 -17.48 28.76
CA PRO B 260 0.18 -18.59 28.73
C PRO B 260 1.51 -18.24 28.07
N CYS B 261 1.93 -16.99 28.25
CA CYS B 261 3.18 -16.47 27.68
C CYS B 261 4.34 -17.37 28.08
N VAL B 262 5.34 -17.46 27.22
CA VAL B 262 6.50 -18.30 27.51
C VAL B 262 7.80 -17.65 27.05
N PRO B 263 8.93 -18.19 27.51
CA PRO B 263 10.20 -17.62 27.11
C PRO B 263 10.33 -17.67 25.58
N ALA B 264 10.61 -16.51 25.01
CA ALA B 264 10.76 -16.31 23.56
C ALA B 264 11.52 -17.42 22.85
N GLU B 265 11.44 -17.39 21.50
CA GLU B 265 12.11 -18.35 20.61
C GLU B 265 13.43 -18.80 21.23
N ASP B 266 14.09 -17.86 21.88
CA ASP B 266 15.34 -18.07 22.58
C ASP B 266 15.89 -16.72 23.07
N LEU B 267 17.20 -16.53 22.99
CA LEU B 267 17.78 -15.28 23.45
C LEU B 267 18.66 -14.63 22.40
N ILE B 268 18.56 -15.08 21.16
CA ILE B 268 19.36 -14.50 20.08
C ILE B 268 18.45 -13.97 18.97
N GLU B 269 18.93 -12.95 18.28
CA GLU B 269 18.20 -12.27 17.20
C GLU B 269 17.11 -11.41 17.85
N ALA B 270 16.13 -12.08 18.47
CA ALA B 270 15.02 -11.44 19.17
C ALA B 270 14.63 -10.08 18.63
N THR B 271 14.88 -9.07 19.46
CA THR B 271 14.58 -7.66 19.18
C THR B 271 14.97 -7.19 17.77
N SER B 272 15.93 -7.89 17.16
CA SER B 272 16.38 -7.57 15.80
C SER B 272 15.27 -7.89 14.78
N ASP B 273 14.54 -6.84 14.39
CA ASP B 273 13.46 -6.92 13.41
C ASP B 273 12.39 -7.98 13.70
N CYS B 274 12.06 -8.21 14.98
CA CYS B 274 11.04 -9.20 15.32
C CYS B 274 9.68 -8.77 14.78
N GLY B 275 9.33 -9.34 13.63
CA GLY B 275 8.08 -9.02 12.98
C GLY B 275 6.91 -9.92 13.28
N ALA B 276 6.81 -10.35 14.53
CA ALA B 276 5.69 -11.18 14.93
C ALA B 276 4.52 -10.19 14.93
N TYR B 277 4.87 -8.91 14.88
CA TYR B 277 3.93 -7.80 14.85
C TYR B 277 3.44 -7.62 13.40
N VAL B 278 4.30 -8.00 12.45
CA VAL B 278 3.97 -7.93 11.03
C VAL B 278 2.86 -8.92 10.82
N MET B 279 2.90 -10.01 11.62
CA MET B 279 1.91 -11.06 11.57
C MET B 279 0.64 -10.76 12.38
N VAL B 280 0.80 -10.31 13.63
CA VAL B 280 -0.36 -10.01 14.49
C VAL B 280 -1.14 -8.85 13.91
N HIS B 281 -0.43 -7.91 13.28
CA HIS B 281 -1.11 -6.79 12.68
C HIS B 281 -1.61 -7.30 11.37
N GLY B 282 -0.75 -8.01 10.64
CA GLY B 282 -1.12 -8.58 9.36
C GLY B 282 -2.48 -9.26 9.48
N ALA B 283 -2.83 -9.62 10.71
CA ALA B 283 -4.11 -10.24 11.02
C ALA B 283 -5.16 -9.16 11.08
N LEU B 284 -4.87 -8.08 11.80
CA LEU B 284 -5.81 -6.95 11.89
C LEU B 284 -6.16 -6.42 10.49
N LYS B 285 -5.21 -6.47 9.55
CA LYS B 285 -5.43 -6.00 8.19
C LYS B 285 -6.38 -6.94 7.43
N ARG B 286 -6.32 -8.23 7.78
CA ARG B 286 -7.20 -9.20 7.14
C ARG B 286 -8.64 -8.84 7.54
N LEU B 287 -8.87 -8.58 8.83
CA LEU B 287 -10.20 -8.20 9.31
C LEU B 287 -10.66 -6.99 8.51
N ALA B 288 -9.70 -6.15 8.14
CA ALA B 288 -9.96 -4.94 7.36
C ALA B 288 -10.56 -5.31 6.02
N VAL B 289 -9.79 -5.98 5.19
CA VAL B 289 -10.29 -6.36 3.88
C VAL B 289 -11.63 -7.09 4.02
N LYS B 290 -11.80 -7.84 5.10
CA LYS B 290 -13.03 -8.57 5.27
C LYS B 290 -14.18 -7.70 5.68
N MET B 291 -14.16 -7.21 6.92
CA MET B 291 -15.23 -6.36 7.42
C MET B 291 -15.64 -5.30 6.41
N SER B 292 -14.66 -4.76 5.72
CA SER B 292 -14.91 -3.74 4.72
C SER B 292 -15.88 -4.31 3.68
N LYS B 293 -15.46 -5.37 3.00
CA LYS B 293 -16.30 -6.01 1.99
C LYS B 293 -17.69 -6.35 2.55
N ILE B 294 -17.74 -6.71 3.83
CA ILE B 294 -18.98 -7.05 4.52
C ILE B 294 -19.83 -5.79 4.54
N CYS B 295 -19.15 -4.64 4.65
CA CYS B 295 -19.81 -3.35 4.64
C CYS B 295 -20.01 -2.94 3.20
N ASN B 296 -19.21 -3.49 2.29
CA ASN B 296 -19.36 -3.17 0.88
C ASN B 296 -20.63 -3.81 0.31
N ASP B 297 -20.95 -5.01 0.78
CA ASP B 297 -22.15 -5.74 0.34
C ASP B 297 -23.40 -5.02 0.81
N LEU B 298 -23.51 -4.81 2.13
CA LEU B 298 -24.67 -4.13 2.71
C LEU B 298 -24.99 -2.80 2.00
N ARG B 299 -23.97 -1.96 1.78
CA ARG B 299 -24.15 -0.69 1.11
C ARG B 299 -24.79 -0.84 -0.27
N LEU B 300 -24.39 -1.88 -1.00
CA LEU B 300 -24.93 -2.14 -2.33
C LEU B 300 -26.18 -3.01 -2.30
N LEU B 301 -26.29 -3.87 -1.30
CA LEU B 301 -27.46 -4.72 -1.18
C LEU B 301 -28.61 -3.81 -0.85
N SER B 302 -28.29 -2.73 -0.12
CA SER B 302 -29.28 -1.73 0.28
C SER B 302 -29.17 -0.51 -0.62
N SER B 303 -28.69 -0.74 -1.84
CA SER B 303 -28.52 0.30 -2.82
C SER B 303 -29.81 1.05 -3.13
N GLY B 304 -29.74 1.93 -4.13
CA GLY B 304 -30.86 2.76 -4.54
C GLY B 304 -32.29 2.27 -4.33
N PRO B 305 -33.07 2.97 -3.47
CA PRO B 305 -34.47 2.62 -3.16
C PRO B 305 -35.36 2.99 -4.35
N ARG B 306 -36.26 2.09 -4.75
CA ARG B 306 -37.13 2.38 -5.89
C ARG B 306 -36.26 2.40 -7.15
N ALA B 307 -35.00 2.01 -7.01
CA ALA B 307 -34.04 1.97 -8.13
C ALA B 307 -32.65 1.47 -7.76
N GLY B 308 -32.56 0.20 -7.39
CA GLY B 308 -31.30 -0.41 -7.03
C GLY B 308 -31.56 -1.66 -6.19
N LEU B 309 -30.55 -2.52 -6.05
CA LEU B 309 -30.69 -3.73 -5.23
C LEU B 309 -31.28 -3.18 -3.92
N ASN B 310 -32.59 -3.25 -3.82
CA ASN B 310 -33.34 -2.74 -2.67
C ASN B 310 -33.66 -3.96 -1.81
N GLU B 311 -32.67 -4.81 -1.61
CA GLU B 311 -32.88 -6.03 -0.83
C GLU B 311 -33.05 -5.82 0.67
N ILE B 312 -32.18 -5.02 1.26
CA ILE B 312 -32.27 -4.77 2.69
C ILE B 312 -32.54 -3.32 3.02
N ASN B 313 -32.43 -2.97 4.30
CA ASN B 313 -32.66 -1.60 4.76
C ASN B 313 -31.81 -1.23 5.97
N LEU B 314 -30.82 -0.36 5.76
CA LEU B 314 -29.97 0.07 6.87
C LEU B 314 -30.74 1.19 7.57
N PRO B 315 -30.66 1.24 8.91
CA PRO B 315 -31.34 2.25 9.73
C PRO B 315 -31.05 3.73 9.40
N GLU B 316 -32.11 4.51 9.18
CA GLU B 316 -31.96 5.94 8.89
C GLU B 316 -31.50 6.59 10.19
N LEU B 317 -30.24 7.01 10.21
CA LEU B 317 -29.67 7.66 11.38
C LEU B 317 -29.60 9.17 11.18
N GLN B 318 -29.31 9.60 9.96
CA GLN B 318 -29.26 11.03 9.63
C GLN B 318 -30.65 11.62 9.33
N ALA B 319 -30.71 12.76 8.63
CA ALA B 319 -31.98 13.45 8.31
C ALA B 319 -32.68 13.07 7.02
N GLY B 320 -33.98 12.81 7.12
CA GLY B 320 -34.75 12.45 5.93
C GLY B 320 -34.71 13.50 4.81
N SER B 321 -34.83 13.01 3.57
CA SER B 321 -34.83 13.87 2.38
C SER B 321 -36.28 14.18 2.00
N SER B 322 -37.04 14.69 2.95
CA SER B 322 -38.46 15.04 2.80
C SER B 322 -39.06 15.10 1.39
N ILE B 323 -38.79 16.23 0.70
CA ILE B 323 -39.28 16.54 -0.65
C ILE B 323 -38.61 15.73 -1.78
N MET B 324 -37.56 15.00 -1.43
CA MET B 324 -36.82 14.16 -2.38
C MET B 324 -36.57 12.85 -1.60
N PRO B 325 -37.64 12.21 -1.09
CA PRO B 325 -37.69 10.98 -0.30
C PRO B 325 -36.81 9.82 -0.75
N ALA B 326 -36.08 10.06 -1.84
CA ALA B 326 -35.19 9.06 -2.42
C ALA B 326 -33.82 9.04 -1.76
N LYS B 327 -33.75 8.45 -0.56
CA LYS B 327 -32.51 8.30 0.21
C LYS B 327 -32.62 7.71 1.62
N VAL B 328 -31.54 7.05 2.03
CA VAL B 328 -31.30 6.44 3.34
C VAL B 328 -29.84 6.02 3.22
N ASN B 329 -28.96 7.03 3.22
CA ASN B 329 -27.53 6.81 3.07
C ASN B 329 -26.93 5.69 3.93
N PRO B 330 -26.19 4.76 3.28
CA PRO B 330 -25.51 3.61 3.89
C PRO B 330 -24.35 4.17 4.70
N VAL B 331 -24.72 4.97 5.68
CA VAL B 331 -23.78 5.68 6.52
C VAL B 331 -22.89 4.90 7.48
N VAL B 332 -23.47 4.05 8.31
CA VAL B 332 -22.68 3.27 9.27
C VAL B 332 -21.60 2.39 8.63
N PRO B 333 -21.91 1.75 7.49
CA PRO B 333 -20.88 0.91 6.88
C PRO B 333 -19.75 1.74 6.29
N GLU B 334 -20.10 2.90 5.72
CA GLU B 334 -19.11 3.76 5.13
C GLU B 334 -18.02 4.10 6.13
N VAL B 335 -18.40 4.64 7.28
CA VAL B 335 -17.42 4.98 8.27
C VAL B 335 -16.56 3.78 8.63
N VAL B 336 -17.13 2.58 8.53
CA VAL B 336 -16.38 1.37 8.84
C VAL B 336 -15.39 1.09 7.74
N ASN B 337 -15.79 1.37 6.49
CA ASN B 337 -14.89 1.18 5.37
C ASN B 337 -13.70 2.08 5.61
N GLN B 338 -13.97 3.25 6.14
CA GLN B 338 -12.92 4.20 6.44
C GLN B 338 -11.91 3.60 7.39
N VAL B 339 -12.37 3.16 8.56
CA VAL B 339 -11.46 2.56 9.54
C VAL B 339 -10.68 1.45 8.85
N CYS B 340 -11.40 0.62 8.10
CA CYS B 340 -10.75 -0.46 7.39
C CYS B 340 -9.58 0.08 6.59
N PHE B 341 -9.88 1.02 5.69
CA PHE B 341 -8.85 1.63 4.85
C PHE B 341 -7.68 2.09 5.68
N LYS B 342 -7.99 2.70 6.82
CA LYS B 342 -6.99 3.21 7.74
C LYS B 342 -6.23 2.02 8.27
N VAL B 343 -6.96 1.03 8.75
CA VAL B 343 -6.38 -0.19 9.29
C VAL B 343 -5.42 -0.69 8.26
N ILE B 344 -5.97 -0.97 7.08
CA ILE B 344 -5.20 -1.48 5.96
C ILE B 344 -3.90 -0.70 5.79
N GLY B 345 -4.01 0.62 5.69
CA GLY B 345 -2.84 1.48 5.54
C GLY B 345 -1.82 1.42 6.67
N ASN B 346 -2.28 1.18 7.90
CA ASN B 346 -1.36 1.09 9.04
C ASN B 346 -0.39 -0.07 8.82
N ASP B 347 -0.82 -1.04 8.01
CA ASP B 347 0.02 -2.18 7.72
C ASP B 347 1.29 -1.61 7.10
N THR B 348 1.12 -0.92 5.97
CA THR B 348 2.20 -0.29 5.22
C THR B 348 3.20 0.47 6.11
N THR B 349 2.75 0.90 7.27
CA THR B 349 3.62 1.61 8.21
C THR B 349 4.53 0.60 8.90
N VAL B 350 3.91 -0.25 9.72
CA VAL B 350 4.57 -1.30 10.50
C VAL B 350 5.59 -2.07 9.68
N THR B 351 5.23 -2.37 8.42
CA THR B 351 6.11 -3.08 7.53
C THR B 351 7.37 -2.24 7.39
N MET B 352 7.21 -0.98 6.99
CA MET B 352 8.34 -0.08 6.83
C MET B 352 9.18 -0.05 8.09
N ALA B 353 8.48 -0.11 9.23
CA ALA B 353 9.11 -0.10 10.55
C ALA B 353 9.94 -1.35 10.73
N ALA B 354 9.38 -2.49 10.35
CA ALA B 354 10.07 -3.77 10.44
C ALA B 354 11.23 -3.78 9.45
N GLU B 355 10.96 -3.37 8.22
CA GLU B 355 11.98 -3.29 7.17
C GLU B 355 13.09 -2.37 7.69
N ALA B 356 12.71 -1.40 8.52
CA ALA B 356 13.62 -0.43 9.11
C ALA B 356 14.71 -1.00 10.03
N GLY B 357 14.60 -2.29 10.38
CA GLY B 357 15.57 -2.94 11.25
C GLY B 357 17.02 -2.77 10.85
N GLN B 358 17.83 -2.29 11.80
CA GLN B 358 19.24 -2.04 11.53
C GLN B 358 20.15 -2.61 12.60
N LEU B 359 20.98 -3.58 12.19
CA LEU B 359 21.93 -4.30 13.04
C LEU B 359 21.39 -5.07 14.24
N GLN B 360 21.87 -4.79 15.44
CA GLN B 360 21.42 -5.54 16.62
C GLN B 360 20.20 -4.99 17.34
N LEU B 361 19.46 -4.08 16.71
CA LEU B 361 18.26 -3.50 17.33
C LEU B 361 17.37 -2.84 16.29
N ASN B 362 16.08 -3.05 16.41
CA ASN B 362 15.14 -2.43 15.51
C ASN B 362 14.34 -1.45 16.35
N VAL B 363 14.79 -0.20 16.35
CA VAL B 363 14.17 0.85 17.15
C VAL B 363 12.74 1.26 16.81
N MET B 364 12.36 1.16 15.54
CA MET B 364 11.03 1.55 15.08
C MET B 364 9.85 0.78 15.66
N GLU B 365 10.06 0.12 16.79
CA GLU B 365 8.99 -0.65 17.43
C GLU B 365 7.83 0.22 17.94
N PRO B 366 8.13 1.39 18.54
CA PRO B 366 7.03 2.22 19.03
C PRO B 366 6.09 2.70 17.92
N VAL B 367 6.61 2.82 16.70
CA VAL B 367 5.79 3.25 15.58
C VAL B 367 4.92 2.07 15.26
N ILE B 368 5.45 0.87 15.49
CA ILE B 368 4.69 -0.35 15.28
C ILE B 368 3.66 -0.43 16.39
N GLY B 369 3.99 0.17 17.53
CA GLY B 369 3.10 0.16 18.68
C GLY B 369 1.79 0.91 18.50
N GLN B 370 1.87 2.22 18.25
CA GLN B 370 0.67 3.04 18.08
C GLN B 370 -0.06 2.67 16.80
N ALA B 371 0.69 2.19 15.81
CA ALA B 371 0.11 1.78 14.55
C ALA B 371 -0.71 0.54 14.85
N MET B 372 -0.08 -0.41 15.52
CA MET B 372 -0.74 -1.66 15.91
C MET B 372 -1.96 -1.31 16.72
N PHE B 373 -1.73 -0.67 17.87
CA PHE B 373 -2.78 -0.26 18.80
C PHE B 373 -3.94 0.47 18.14
N GLU B 374 -3.61 1.41 17.25
CA GLU B 374 -4.61 2.18 16.52
C GLU B 374 -5.64 1.23 15.90
N SER B 375 -5.18 0.30 15.06
CA SER B 375 -6.09 -0.65 14.40
C SER B 375 -6.96 -1.49 15.29
N VAL B 376 -6.38 -2.03 16.35
CA VAL B 376 -7.15 -2.82 17.26
C VAL B 376 -8.29 -1.94 17.78
N HIS B 377 -7.94 -0.71 18.18
CA HIS B 377 -8.88 0.24 18.71
C HIS B 377 -10.06 0.56 17.78
N ILE B 378 -9.76 1.13 16.61
CA ILE B 378 -10.78 1.51 15.64
C ILE B 378 -11.64 0.35 15.13
N LEU B 379 -11.00 -0.79 14.91
CA LEU B 379 -11.70 -1.98 14.45
C LEU B 379 -12.79 -2.29 15.46
N THR B 380 -12.40 -2.40 16.73
CA THR B 380 -13.34 -2.70 17.79
C THR B 380 -14.60 -1.84 17.72
N ASN B 381 -14.43 -0.52 17.69
CA ASN B 381 -15.59 0.37 17.62
C ASN B 381 -16.25 0.27 16.29
N ALA B 382 -15.45 -0.05 15.27
CA ALA B 382 -15.98 -0.18 13.93
C ALA B 382 -16.90 -1.39 13.97
N CYS B 383 -16.57 -2.34 14.85
CA CYS B 383 -17.36 -3.55 15.02
C CYS B 383 -18.61 -3.28 15.84
N TYR B 384 -18.43 -2.67 17.01
CA TYR B 384 -19.59 -2.36 17.83
C TYR B 384 -20.50 -1.41 17.07
N ASN B 385 -19.91 -0.52 16.26
CA ASN B 385 -20.67 0.45 15.48
C ASN B 385 -21.66 -0.28 14.57
N LEU B 386 -21.13 -0.97 13.58
CA LEU B 386 -21.94 -1.72 12.62
C LEU B 386 -22.95 -2.55 13.37
N LEU B 387 -22.49 -3.20 14.43
CA LEU B 387 -23.34 -4.06 15.25
C LEU B 387 -24.53 -3.31 15.78
N GLU B 388 -24.27 -2.54 16.82
CA GLU B 388 -25.28 -1.77 17.51
C GLU B 388 -26.08 -0.80 16.64
N LYS B 389 -25.38 -0.10 15.76
CA LYS B 389 -26.00 0.88 14.89
C LYS B 389 -26.52 0.38 13.57
N CYS B 390 -25.87 -0.61 12.96
CA CYS B 390 -26.30 -1.11 11.65
C CYS B 390 -27.05 -2.45 11.55
N ILE B 391 -26.31 -3.56 11.49
CA ILE B 391 -26.91 -4.89 11.33
C ILE B 391 -28.16 -5.21 12.14
N ASN B 392 -28.28 -4.65 13.33
CA ASN B 392 -29.43 -4.91 14.18
C ASN B 392 -30.73 -4.32 13.65
N GLY B 393 -30.61 -3.33 12.78
CA GLY B 393 -31.80 -2.70 12.26
C GLY B 393 -32.12 -3.04 10.83
N ILE B 394 -31.23 -3.78 10.15
CA ILE B 394 -31.50 -4.13 8.77
C ILE B 394 -32.66 -5.09 8.73
N THR B 395 -33.47 -4.97 7.68
CA THR B 395 -34.64 -5.82 7.47
C THR B 395 -34.82 -5.90 5.97
N ALA B 396 -35.04 -7.11 5.47
CA ALA B 396 -35.20 -7.28 4.05
C ALA B 396 -36.51 -6.76 3.50
N ASN B 397 -36.56 -6.73 2.18
CA ASN B 397 -37.75 -6.32 1.45
C ASN B 397 -38.12 -7.59 0.70
N LYS B 398 -38.60 -8.55 1.48
CA LYS B 398 -39.02 -9.87 1.00
C LYS B 398 -39.50 -9.85 -0.44
N GLU B 399 -40.50 -9.03 -0.68
CA GLU B 399 -41.13 -8.88 -1.98
C GLU B 399 -40.12 -8.79 -3.12
N VAL B 400 -39.42 -7.67 -3.22
CA VAL B 400 -38.44 -7.49 -4.29
C VAL B 400 -37.37 -8.57 -4.29
N CYS B 401 -37.10 -9.15 -3.12
CA CYS B 401 -36.11 -10.22 -3.03
C CYS B 401 -36.64 -11.48 -3.64
N GLU B 402 -37.76 -11.98 -3.10
CA GLU B 402 -38.37 -13.20 -3.61
C GLU B 402 -38.61 -13.00 -5.11
N GLY B 403 -39.09 -11.80 -5.45
CA GLY B 403 -39.38 -11.47 -6.82
C GLY B 403 -38.15 -11.38 -7.70
N TYR B 404 -36.97 -11.42 -7.09
CA TYR B 404 -35.74 -11.40 -7.84
C TYR B 404 -35.58 -12.82 -8.33
N VAL B 405 -35.89 -13.76 -7.44
CA VAL B 405 -35.78 -15.17 -7.74
C VAL B 405 -36.79 -15.63 -8.77
N TYR B 406 -38.05 -15.25 -8.59
CA TYR B 406 -39.07 -15.67 -9.54
C TYR B 406 -39.06 -14.98 -10.89
N ASN B 407 -38.20 -13.98 -11.06
CA ASN B 407 -38.14 -13.29 -12.33
C ASN B 407 -36.85 -13.55 -13.10
N SER B 408 -36.02 -14.44 -12.54
CA SER B 408 -34.77 -14.79 -13.19
C SER B 408 -35.11 -15.83 -14.27
N ILE B 409 -34.14 -16.14 -15.11
CA ILE B 409 -34.37 -17.12 -16.16
C ILE B 409 -33.71 -18.44 -15.73
N GLY B 410 -32.99 -18.40 -14.61
CA GLY B 410 -32.33 -19.58 -14.10
C GLY B 410 -33.31 -20.60 -13.54
N ILE B 411 -34.46 -20.11 -13.08
CA ILE B 411 -35.49 -20.97 -12.52
C ILE B 411 -36.12 -21.88 -13.57
N VAL B 412 -35.72 -21.78 -14.84
CA VAL B 412 -36.27 -22.67 -15.88
C VAL B 412 -35.66 -24.05 -15.67
N THR B 413 -34.48 -24.06 -15.05
CA THR B 413 -33.74 -25.26 -14.72
C THR B 413 -34.63 -26.23 -13.92
N TYR B 414 -35.43 -25.66 -13.02
CA TYR B 414 -36.31 -26.46 -12.17
C TYR B 414 -37.53 -26.99 -12.92
N LEU B 415 -37.67 -26.57 -14.17
CA LEU B 415 -38.79 -27.06 -14.96
C LEU B 415 -38.30 -28.09 -15.95
N ASN B 416 -37.06 -27.92 -16.41
CA ASN B 416 -36.41 -28.82 -17.37
C ASN B 416 -36.78 -30.32 -17.25
N PRO B 417 -36.70 -30.87 -16.03
CA PRO B 417 -37.03 -32.29 -15.87
C PRO B 417 -38.51 -32.60 -16.15
N PHE B 418 -39.34 -31.55 -16.21
CA PHE B 418 -40.77 -31.72 -16.45
C PHE B 418 -41.28 -31.28 -17.80
N ILE B 419 -40.53 -30.43 -18.48
CA ILE B 419 -40.97 -29.93 -19.77
C ILE B 419 -39.96 -30.20 -20.82
N GLY B 420 -38.92 -30.93 -20.44
CA GLY B 420 -37.88 -31.27 -21.36
C GLY B 420 -36.93 -30.10 -21.48
N HIS B 421 -35.64 -30.38 -21.27
CA HIS B 421 -34.59 -29.40 -21.34
C HIS B 421 -34.77 -28.45 -22.55
N HIS B 422 -34.89 -29.02 -23.76
CA HIS B 422 -35.05 -28.21 -24.99
C HIS B 422 -36.13 -27.15 -25.01
N ASN B 423 -37.20 -27.35 -24.25
CA ASN B 423 -38.26 -26.35 -24.18
C ASN B 423 -37.83 -25.30 -23.16
N GLY B 424 -37.14 -25.76 -22.12
CA GLY B 424 -36.66 -24.87 -21.09
C GLY B 424 -35.88 -23.75 -21.73
N ASP B 425 -34.98 -24.12 -22.63
CA ASP B 425 -34.16 -23.17 -23.33
C ASP B 425 -35.03 -22.24 -24.13
N ILE B 426 -35.94 -22.79 -24.91
CA ILE B 426 -36.82 -21.94 -25.69
C ILE B 426 -37.64 -21.07 -24.71
N VAL B 427 -37.82 -21.56 -23.49
CA VAL B 427 -38.55 -20.81 -22.47
C VAL B 427 -37.65 -19.71 -21.92
N GLY B 428 -36.35 -19.98 -21.89
CA GLY B 428 -35.37 -19.02 -21.37
C GLY B 428 -34.96 -17.88 -22.28
N LYS B 429 -34.96 -18.14 -23.59
CA LYS B 429 -34.59 -17.14 -24.58
C LYS B 429 -35.77 -16.21 -24.68
N ILE B 430 -36.96 -16.79 -24.78
CA ILE B 430 -38.19 -16.01 -24.88
C ILE B 430 -38.23 -15.10 -23.68
N CYS B 431 -38.05 -15.68 -22.50
CA CYS B 431 -38.03 -14.88 -21.29
C CYS B 431 -36.99 -13.78 -21.48
N ALA B 432 -35.89 -14.12 -22.15
CA ALA B 432 -34.81 -13.16 -22.41
C ALA B 432 -35.02 -12.48 -23.77
N GLU B 433 -36.27 -12.39 -24.19
CA GLU B 433 -36.61 -11.79 -25.48
C GLU B 433 -37.81 -10.87 -25.33
N THR B 434 -38.89 -11.46 -24.83
CA THR B 434 -40.15 -10.74 -24.64
C THR B 434 -40.12 -9.87 -23.39
N GLY B 435 -39.17 -10.14 -22.50
CA GLY B 435 -39.05 -9.39 -21.25
C GLY B 435 -39.85 -10.06 -20.15
N LYS B 436 -40.59 -11.10 -20.52
CA LYS B 436 -41.44 -11.84 -19.60
C LYS B 436 -40.69 -12.76 -18.64
N SER B 437 -41.41 -13.62 -17.93
CA SER B 437 -40.78 -14.53 -17.00
C SER B 437 -41.05 -15.96 -17.37
N VAL B 438 -40.19 -16.85 -16.88
CA VAL B 438 -40.30 -18.29 -17.11
C VAL B 438 -41.69 -18.73 -16.66
N ARG B 439 -42.26 -17.99 -15.70
CA ARG B 439 -43.59 -18.33 -15.21
C ARG B 439 -44.70 -17.96 -16.20
N GLU B 440 -44.42 -17.06 -17.14
CA GLU B 440 -45.39 -16.64 -18.15
C GLU B 440 -45.14 -17.31 -19.47
N VAL B 441 -43.87 -17.38 -19.87
CA VAL B 441 -43.53 -18.02 -21.13
C VAL B 441 -44.11 -19.42 -21.09
N VAL B 442 -43.81 -20.15 -20.03
CA VAL B 442 -44.32 -21.50 -19.81
C VAL B 442 -45.84 -21.49 -19.93
N LEU B 443 -46.48 -20.52 -19.25
CA LEU B 443 -47.93 -20.35 -19.24
C LEU B 443 -48.59 -19.89 -20.54
N GLU B 444 -47.83 -19.28 -21.45
CA GLU B 444 -48.39 -18.83 -22.73
C GLU B 444 -48.05 -19.84 -23.83
N ARG B 445 -47.09 -20.71 -23.55
CA ARG B 445 -46.71 -21.74 -24.51
C ARG B 445 -47.62 -22.93 -24.26
N GLY B 446 -48.19 -22.98 -23.06
CA GLY B 446 -49.07 -24.06 -22.69
C GLY B 446 -48.29 -25.28 -22.24
N LEU B 447 -47.16 -25.05 -21.58
CA LEU B 447 -46.31 -26.15 -21.11
C LEU B 447 -46.74 -26.80 -19.80
N LEU B 448 -47.28 -26.00 -18.87
CA LEU B 448 -47.72 -26.51 -17.58
C LEU B 448 -49.04 -25.87 -17.18
N THR B 449 -49.42 -26.11 -15.94
CA THR B 449 -50.65 -25.57 -15.36
C THR B 449 -50.18 -24.82 -14.11
N GLU B 450 -50.85 -23.70 -13.79
CA GLU B 450 -50.44 -22.93 -12.61
C GLU B 450 -50.27 -23.77 -11.35
N ALA B 451 -51.29 -24.56 -11.01
CA ALA B 451 -51.20 -25.41 -9.84
C ALA B 451 -49.88 -26.15 -9.88
N GLU B 452 -49.67 -26.93 -10.95
CA GLU B 452 -48.44 -27.68 -11.14
C GLU B 452 -47.31 -26.70 -11.04
N LEU B 453 -47.30 -25.76 -11.98
CA LEU B 453 -46.28 -24.74 -12.06
C LEU B 453 -45.94 -24.20 -10.66
N ASP B 454 -46.91 -23.57 -10.01
CA ASP B 454 -46.64 -23.02 -8.70
C ASP B 454 -46.57 -24.03 -7.55
N ASP B 455 -45.96 -25.18 -7.84
CA ASP B 455 -45.76 -26.24 -6.84
C ASP B 455 -44.27 -26.49 -6.68
N ILE B 456 -43.48 -25.49 -7.07
CA ILE B 456 -42.03 -25.57 -6.96
C ILE B 456 -41.40 -24.17 -6.89
N PHE B 457 -40.08 -24.07 -7.11
CA PHE B 457 -39.31 -22.80 -7.11
C PHE B 457 -38.68 -22.27 -5.80
N SER B 458 -39.11 -22.79 -4.65
CA SER B 458 -38.64 -22.36 -3.34
C SER B 458 -37.32 -22.91 -2.76
N VAL B 459 -36.23 -22.72 -3.50
CA VAL B 459 -34.86 -23.16 -3.13
C VAL B 459 -34.53 -24.60 -2.68
N GLN B 460 -33.24 -24.91 -2.89
CA GLN B 460 -32.55 -26.16 -2.57
C GLN B 460 -31.16 -26.08 -3.24
N ILE C 5 -5.72 -26.34 -39.55
CA ILE C 5 -6.61 -26.00 -38.39
C ILE C 5 -7.84 -26.91 -38.22
N ARG C 6 -8.49 -26.81 -37.06
CA ARG C 6 -9.71 -27.56 -36.73
C ARG C 6 -10.73 -26.51 -36.32
N ILE C 7 -12.02 -26.79 -36.45
CA ILE C 7 -13.04 -25.81 -36.07
C ILE C 7 -13.99 -26.28 -34.98
N GLU C 8 -13.82 -25.75 -33.76
CA GLU C 8 -14.64 -26.14 -32.61
C GLU C 8 -15.95 -25.33 -32.46
N GLU C 9 -16.96 -25.94 -31.81
CA GLU C 9 -18.25 -25.28 -31.61
C GLU C 9 -18.37 -24.64 -30.22
N ASP C 10 -18.86 -23.41 -30.21
CA ASP C 10 -19.03 -22.62 -28.99
C ASP C 10 -20.25 -21.75 -29.24
N LEU C 11 -20.97 -21.43 -28.18
CA LEU C 11 -22.18 -20.61 -28.27
C LEU C 11 -22.00 -19.32 -29.05
N LEU C 12 -20.90 -18.61 -28.78
CA LEU C 12 -20.61 -17.37 -29.48
C LEU C 12 -20.07 -17.65 -30.88
N GLY C 13 -20.65 -18.65 -31.54
CA GLY C 13 -20.22 -19.03 -32.88
C GLY C 13 -19.12 -20.10 -32.87
N THR C 14 -18.78 -20.60 -34.05
CA THR C 14 -17.74 -21.60 -34.13
C THR C 14 -16.40 -20.99 -34.39
N ARG C 15 -15.54 -20.98 -33.38
CA ARG C 15 -14.21 -20.45 -33.57
C ARG C 15 -13.35 -21.63 -33.98
N GLU C 16 -12.28 -21.34 -34.71
CA GLU C 16 -11.40 -22.40 -35.13
C GLU C 16 -10.05 -22.26 -34.47
N VAL C 17 -9.59 -23.36 -33.89
CA VAL C 17 -8.32 -23.43 -33.18
C VAL C 17 -7.30 -24.35 -33.87
N PRO C 18 -6.06 -23.84 -34.07
CA PRO C 18 -4.96 -24.58 -34.71
C PRO C 18 -4.87 -26.00 -34.17
N ALA C 19 -5.14 -26.95 -35.05
CA ALA C 19 -5.17 -28.38 -34.75
C ALA C 19 -4.14 -28.93 -33.75
N ASP C 20 -2.89 -28.51 -33.85
CA ASP C 20 -1.89 -29.01 -32.91
C ASP C 20 -2.13 -28.51 -31.48
N ALA C 21 -2.90 -27.44 -31.34
CA ALA C 21 -3.21 -26.87 -30.02
C ALA C 21 -4.17 -27.78 -29.25
N TYR C 22 -3.73 -28.28 -28.09
CA TYR C 22 -4.57 -29.18 -27.30
C TYR C 22 -5.69 -28.50 -26.52
N TYR C 23 -5.59 -27.18 -26.35
CA TYR C 23 -6.63 -26.43 -25.64
C TYR C 23 -7.88 -26.33 -26.54
N GLY C 24 -8.86 -25.52 -26.13
CA GLY C 24 -10.06 -25.38 -26.92
C GLY C 24 -10.59 -23.97 -27.01
N VAL C 25 -11.61 -23.81 -27.86
CA VAL C 25 -12.27 -22.54 -28.13
C VAL C 25 -12.25 -21.50 -27.04
N HIS C 26 -12.67 -21.87 -25.84
CA HIS C 26 -12.66 -20.92 -24.75
C HIS C 26 -11.24 -20.40 -24.60
N THR C 27 -10.29 -21.32 -24.46
CA THR C 27 -8.91 -20.94 -24.30
C THR C 27 -8.53 -20.05 -25.45
N LEU C 28 -8.89 -20.48 -26.64
CA LEU C 28 -8.58 -19.74 -27.86
C LEU C 28 -9.09 -18.29 -27.79
N ARG C 29 -10.39 -18.14 -27.51
CA ARG C 29 -11.02 -16.83 -27.42
C ARG C 29 -10.41 -16.01 -26.28
N ALA C 30 -10.10 -16.71 -25.19
CA ALA C 30 -9.52 -16.06 -24.01
C ALA C 30 -8.11 -15.56 -24.25
N ILE C 31 -7.55 -15.81 -25.43
CA ILE C 31 -6.22 -15.30 -25.72
C ILE C 31 -6.34 -13.96 -26.43
N GLU C 32 -7.52 -13.72 -26.99
CA GLU C 32 -7.79 -12.48 -27.69
C GLU C 32 -8.38 -11.43 -26.77
N ASN C 33 -9.36 -11.85 -26.00
CA ASN C 33 -10.03 -10.94 -25.07
C ASN C 33 -9.06 -10.26 -24.12
N PHE C 34 -8.37 -11.04 -23.28
CA PHE C 34 -7.41 -10.51 -22.31
C PHE C 34 -6.00 -10.40 -22.88
N TYR C 35 -5.54 -9.17 -23.09
CA TYR C 35 -4.21 -8.94 -23.63
C TYR C 35 -3.38 -7.87 -22.96
N ILE C 36 -3.02 -8.13 -21.71
CA ILE C 36 -2.20 -7.19 -20.98
C ILE C 36 -0.75 -7.59 -21.12
N SER C 37 -0.28 -8.42 -20.18
CA SER C 37 1.11 -8.87 -20.15
C SER C 37 1.58 -9.84 -21.22
N ASN C 38 2.90 -10.00 -21.28
CA ASN C 38 3.57 -10.91 -22.19
C ASN C 38 3.48 -12.31 -21.61
N ASN C 39 3.37 -12.38 -20.30
CA ASN C 39 3.33 -13.65 -19.60
C ASN C 39 1.99 -14.35 -19.45
N LYS C 40 1.86 -15.49 -20.10
CA LYS C 40 0.65 -16.32 -20.00
C LYS C 40 0.98 -17.19 -18.78
N ILE C 41 0.24 -18.26 -18.50
CA ILE C 41 0.59 -19.08 -17.34
C ILE C 41 1.99 -19.73 -17.54
N SER C 42 3.05 -18.97 -17.25
CA SER C 42 4.44 -19.44 -17.38
C SER C 42 4.88 -20.03 -16.04
N ASP C 43 4.05 -20.91 -15.51
CA ASP C 43 4.30 -21.56 -14.24
C ASP C 43 5.66 -22.23 -13.96
N ILE C 44 6.42 -21.63 -13.04
CA ILE C 44 7.71 -22.19 -12.59
C ILE C 44 7.41 -22.82 -11.20
N PRO C 45 6.62 -22.14 -10.35
CA PRO C 45 6.27 -22.67 -9.02
C PRO C 45 4.99 -23.54 -8.99
N GLU C 46 4.96 -24.57 -9.82
CA GLU C 46 3.88 -25.56 -9.89
C GLU C 46 2.49 -25.36 -10.52
N PHE C 47 1.82 -24.24 -10.25
CA PHE C 47 0.44 -23.98 -10.74
C PHE C 47 -0.28 -24.99 -11.63
N VAL C 48 -0.02 -24.94 -12.94
CA VAL C 48 -0.67 -25.87 -13.87
C VAL C 48 -0.65 -27.28 -13.28
N ARG C 49 0.51 -27.70 -12.80
CA ARG C 49 0.66 -29.02 -12.20
C ARG C 49 -0.39 -29.19 -11.12
N GLY C 50 -0.74 -28.09 -10.48
CA GLY C 50 -1.75 -28.14 -9.44
C GLY C 50 -3.11 -28.29 -10.10
N MET C 51 -3.32 -27.53 -11.18
CA MET C 51 -4.59 -27.60 -11.90
C MET C 51 -4.88 -29.02 -12.39
N VAL C 52 -3.89 -29.63 -13.04
CA VAL C 52 -4.05 -30.99 -13.54
C VAL C 52 -4.32 -31.96 -12.40
N MET C 53 -3.61 -31.78 -11.29
CA MET C 53 -3.81 -32.64 -10.15
C MET C 53 -5.27 -32.58 -9.71
N VAL C 54 -5.85 -31.38 -9.73
CA VAL C 54 -7.25 -31.21 -9.31
C VAL C 54 -8.20 -31.99 -10.20
N LYS C 55 -7.98 -31.92 -11.51
CA LYS C 55 -8.85 -32.67 -12.41
C LYS C 55 -8.65 -34.17 -12.18
N LYS C 56 -7.38 -34.59 -12.12
CA LYS C 56 -7.03 -36.01 -11.89
C LYS C 56 -7.69 -36.52 -10.61
N ALA C 57 -7.76 -35.65 -9.61
CA ALA C 57 -8.38 -36.00 -8.34
C ALA C 57 -9.90 -36.08 -8.48
N ALA C 58 -10.47 -35.22 -9.32
CA ALA C 58 -11.92 -35.19 -9.53
C ALA C 58 -12.35 -36.42 -10.32
N ALA C 59 -11.45 -36.86 -11.21
CA ALA C 59 -11.70 -38.05 -12.03
C ALA C 59 -11.76 -39.28 -11.14
N MET C 60 -10.68 -39.53 -10.39
CA MET C 60 -10.63 -40.68 -9.50
C MET C 60 -11.95 -40.74 -8.74
N ALA C 61 -12.37 -39.59 -8.23
CA ALA C 61 -13.61 -39.47 -7.48
C ALA C 61 -14.80 -39.88 -8.33
N ASN C 62 -15.05 -39.10 -9.39
CA ASN C 62 -16.15 -39.31 -10.32
C ASN C 62 -16.36 -40.78 -10.68
N LYS C 63 -15.24 -41.49 -10.87
CA LYS C 63 -15.23 -42.91 -11.19
C LYS C 63 -15.83 -43.62 -9.97
N GLU C 64 -15.09 -43.65 -8.86
CA GLU C 64 -15.54 -44.29 -7.61
C GLU C 64 -16.78 -43.62 -7.00
N LEU C 65 -17.75 -43.31 -7.86
CA LEU C 65 -18.98 -42.66 -7.45
C LEU C 65 -19.99 -42.84 -8.56
N GLN C 66 -19.51 -43.37 -9.68
CA GLN C 66 -20.32 -43.66 -10.86
C GLN C 66 -20.86 -42.42 -11.60
N THR C 67 -20.21 -41.28 -11.44
CA THR C 67 -20.67 -40.04 -12.08
C THR C 67 -20.56 -40.06 -13.61
N ILE C 68 -19.46 -40.58 -14.12
CA ILE C 68 -19.24 -40.67 -15.57
C ILE C 68 -18.75 -42.03 -16.06
N PRO C 69 -18.75 -42.24 -17.38
CA PRO C 69 -18.29 -43.50 -17.94
C PRO C 69 -16.85 -43.83 -17.55
N LYS C 70 -16.69 -44.96 -16.86
CA LYS C 70 -15.41 -45.48 -16.36
C LYS C 70 -14.27 -45.25 -17.34
N SER C 71 -14.50 -45.56 -18.61
CA SER C 71 -13.47 -45.35 -19.63
C SER C 71 -13.11 -43.86 -19.74
N VAL C 72 -14.11 -42.99 -19.81
CA VAL C 72 -13.82 -41.56 -19.93
C VAL C 72 -13.12 -41.11 -18.66
N ALA C 73 -13.66 -41.52 -17.51
CA ALA C 73 -13.08 -41.15 -16.23
C ALA C 73 -11.64 -41.61 -16.21
N ASN C 74 -11.38 -42.76 -16.81
CA ASN C 74 -10.01 -43.28 -16.83
C ASN C 74 -9.18 -42.59 -17.89
N ALA C 75 -9.84 -42.16 -18.96
CA ALA C 75 -9.17 -41.46 -20.04
C ALA C 75 -8.63 -40.16 -19.47
N ILE C 76 -9.37 -39.63 -18.50
CA ILE C 76 -9.01 -38.39 -17.83
C ILE C 76 -7.74 -38.55 -17.04
N ILE C 77 -7.82 -39.22 -15.89
CA ILE C 77 -6.64 -39.39 -15.06
C ILE C 77 -5.41 -39.81 -15.85
N ALA C 78 -5.64 -40.51 -16.97
CA ALA C 78 -4.58 -40.96 -17.86
C ALA C 78 -3.89 -39.74 -18.46
N ALA C 79 -4.68 -38.85 -19.05
CA ALA C 79 -4.16 -37.63 -19.65
C ALA C 79 -3.42 -36.85 -18.58
N CYS C 80 -4.01 -36.82 -17.39
CA CYS C 80 -3.45 -36.13 -16.24
C CYS C 80 -2.04 -36.59 -15.92
N ASP C 81 -1.80 -37.89 -16.07
CA ASP C 81 -0.49 -38.47 -15.79
C ASP C 81 0.56 -38.17 -16.85
N GLU C 82 0.14 -37.81 -18.05
CA GLU C 82 1.05 -37.45 -19.13
C GLU C 82 1.57 -36.04 -18.90
N VAL C 83 0.74 -35.23 -18.26
CA VAL C 83 1.06 -33.85 -17.92
C VAL C 83 2.00 -33.82 -16.71
N LEU C 84 1.61 -34.52 -15.65
CA LEU C 84 2.40 -34.58 -14.43
C LEU C 84 3.71 -35.34 -14.57
N ASN C 85 3.65 -36.54 -15.18
CA ASN C 85 4.79 -37.45 -15.38
C ASN C 85 6.19 -36.86 -15.33
N ASN C 86 6.32 -35.67 -15.92
CA ASN C 86 7.60 -34.94 -15.97
C ASN C 86 7.24 -33.50 -16.36
N GLY C 87 5.97 -33.12 -16.19
CA GLY C 87 5.53 -31.80 -16.61
C GLY C 87 5.67 -31.82 -18.13
N LYS C 88 4.80 -32.57 -18.80
CA LYS C 88 4.89 -32.70 -20.25
C LYS C 88 4.09 -31.78 -21.17
N CYS C 89 2.90 -32.21 -21.58
CA CYS C 89 2.08 -31.42 -22.49
C CYS C 89 1.69 -30.01 -22.00
N MET C 90 2.37 -29.57 -20.94
CA MET C 90 2.23 -28.28 -20.26
C MET C 90 1.72 -27.15 -21.11
N ASP C 91 2.67 -26.47 -21.75
CA ASP C 91 2.49 -25.31 -22.64
C ASP C 91 1.12 -24.84 -23.16
N GLN C 92 0.13 -25.72 -23.18
CA GLN C 92 -1.21 -25.39 -23.67
C GLN C 92 -2.01 -24.38 -22.86
N PHE C 93 -1.35 -23.70 -21.94
CA PHE C 93 -2.01 -22.69 -21.12
C PHE C 93 -1.48 -21.34 -21.54
N PRO C 94 -2.03 -20.79 -22.63
CA PRO C 94 -1.61 -19.50 -23.16
C PRO C 94 -2.38 -18.28 -22.66
N VAL C 95 -3.17 -18.46 -21.60
CA VAL C 95 -3.93 -17.33 -21.07
C VAL C 95 -3.04 -16.39 -20.27
N ASP C 96 -3.26 -15.09 -20.45
CA ASP C 96 -2.50 -14.04 -19.77
C ASP C 96 -2.69 -14.22 -18.26
N VAL C 97 -1.68 -13.82 -17.48
CA VAL C 97 -1.81 -13.90 -16.04
C VAL C 97 -2.92 -12.93 -15.66
N TYR C 98 -3.08 -11.89 -16.49
CA TYR C 98 -4.15 -10.92 -16.30
C TYR C 98 -5.30 -11.45 -17.13
N GLN C 99 -6.36 -11.86 -16.46
CA GLN C 99 -7.54 -12.39 -17.13
C GLN C 99 -8.81 -11.99 -16.39
N GLY C 100 -9.90 -12.73 -16.61
CA GLY C 100 -11.14 -12.41 -15.92
C GLY C 100 -12.04 -13.57 -15.55
N GLY C 101 -13.02 -13.24 -14.70
CA GLY C 101 -13.99 -14.20 -14.23
C GLY C 101 -13.47 -15.38 -13.45
N ALA C 102 -13.22 -15.21 -12.15
CA ALA C 102 -12.73 -16.29 -11.27
C ALA C 102 -11.61 -17.09 -11.90
N GLY C 103 -11.00 -16.53 -12.94
CA GLY C 103 -9.95 -17.24 -13.64
C GLY C 103 -10.60 -18.45 -14.28
N THR C 104 -11.85 -18.26 -14.73
CA THR C 104 -12.60 -19.32 -15.37
C THR C 104 -11.70 -19.83 -16.46
N SER C 105 -11.14 -18.90 -17.21
CA SER C 105 -10.24 -19.21 -18.32
C SER C 105 -9.16 -20.22 -17.98
N VAL C 106 -8.75 -20.32 -16.71
CA VAL C 106 -7.74 -21.32 -16.32
C VAL C 106 -8.39 -22.70 -16.11
N ASN C 107 -9.58 -22.72 -15.53
CA ASN C 107 -10.32 -23.97 -15.31
C ASN C 107 -10.66 -24.61 -16.64
N MET C 108 -11.28 -23.81 -17.50
CA MET C 108 -11.69 -24.29 -18.80
C MET C 108 -10.51 -24.79 -19.61
N ASN C 109 -9.42 -24.03 -19.62
CA ASN C 109 -8.22 -24.41 -20.36
C ASN C 109 -7.79 -25.80 -19.91
N THR C 110 -7.66 -26.01 -18.60
CA THR C 110 -7.26 -27.31 -18.08
C THR C 110 -8.23 -28.40 -18.53
N ASN C 111 -9.52 -28.11 -18.46
CA ASN C 111 -10.54 -29.07 -18.85
C ASN C 111 -10.23 -29.54 -20.27
N GLU C 112 -10.13 -28.59 -21.19
CA GLU C 112 -9.87 -28.85 -22.60
C GLU C 112 -8.51 -29.46 -22.94
N VAL C 113 -7.46 -29.07 -22.25
CA VAL C 113 -6.16 -29.65 -22.55
C VAL C 113 -6.24 -31.12 -22.18
N LEU C 114 -6.77 -31.41 -21.00
CA LEU C 114 -6.92 -32.78 -20.54
C LEU C 114 -7.84 -33.57 -21.46
N ALA C 115 -8.75 -32.87 -22.13
CA ALA C 115 -9.68 -33.54 -23.02
C ALA C 115 -8.88 -34.12 -24.16
N ASN C 116 -8.31 -33.25 -25.00
CA ASN C 116 -7.52 -33.72 -26.15
C ASN C 116 -6.39 -34.70 -25.81
N ILE C 117 -5.86 -34.63 -24.59
CA ILE C 117 -4.77 -35.52 -24.18
C ILE C 117 -5.38 -36.85 -23.80
N GLY C 118 -6.52 -36.79 -23.11
CA GLY C 118 -7.21 -38.01 -22.72
C GLY C 118 -7.82 -38.68 -23.94
N LEU C 119 -8.19 -37.86 -24.92
CA LEU C 119 -8.78 -38.36 -26.16
C LEU C 119 -7.78 -39.22 -26.93
N GLU C 120 -6.69 -38.61 -27.38
CA GLU C 120 -5.67 -39.31 -28.15
C GLU C 120 -5.28 -40.62 -27.47
N LEU C 121 -5.24 -40.63 -26.14
CA LEU C 121 -4.89 -41.84 -25.42
C LEU C 121 -6.10 -42.79 -25.42
N MET C 122 -6.79 -42.80 -26.56
CA MET C 122 -7.97 -43.64 -26.79
C MET C 122 -8.08 -43.86 -28.29
N GLY C 123 -7.18 -43.22 -29.04
CA GLY C 123 -7.19 -43.35 -30.49
C GLY C 123 -8.11 -42.35 -31.17
N HIS C 124 -8.72 -41.47 -30.38
CA HIS C 124 -9.63 -40.48 -30.91
C HIS C 124 -8.83 -39.31 -31.43
N GLN C 125 -9.36 -38.67 -32.48
CA GLN C 125 -8.69 -37.53 -33.10
C GLN C 125 -8.74 -36.40 -32.09
N LYS C 126 -7.74 -35.52 -32.15
CA LYS C 126 -7.68 -34.41 -31.21
C LYS C 126 -8.86 -33.44 -31.26
N GLY C 127 -8.82 -32.49 -30.34
CA GLY C 127 -9.82 -31.45 -30.28
C GLY C 127 -11.28 -31.82 -30.33
N GLU C 128 -11.97 -31.16 -31.26
CA GLU C 128 -13.41 -31.30 -31.43
C GLU C 128 -13.99 -32.66 -31.11
N TYR C 129 -13.31 -33.73 -31.50
CA TYR C 129 -13.83 -35.06 -31.22
C TYR C 129 -14.20 -35.20 -29.76
N GLN C 130 -15.51 -35.17 -29.46
CA GLN C 130 -15.96 -35.28 -28.09
C GLN C 130 -16.66 -36.54 -27.58
N TYR C 131 -15.90 -37.63 -27.58
CA TYR C 131 -16.37 -38.89 -27.04
C TYR C 131 -15.99 -38.70 -25.58
N LEU C 132 -14.88 -38.00 -25.37
CA LEU C 132 -14.38 -37.66 -24.05
C LEU C 132 -14.48 -36.14 -23.97
N ASN C 133 -15.68 -35.67 -23.68
CA ASN C 133 -15.97 -34.23 -23.56
C ASN C 133 -15.44 -33.63 -22.25
N PRO C 134 -14.74 -32.47 -22.35
CA PRO C 134 -14.14 -31.73 -21.24
C PRO C 134 -15.06 -31.26 -20.13
N ASN C 135 -16.03 -30.41 -20.48
CA ASN C 135 -16.98 -29.89 -19.52
C ASN C 135 -17.79 -31.01 -18.85
N ASP C 136 -18.47 -31.79 -19.69
CA ASP C 136 -19.32 -32.87 -19.22
C ASP C 136 -18.62 -33.92 -18.40
N HIS C 137 -17.40 -34.25 -18.79
CA HIS C 137 -16.65 -35.28 -18.11
C HIS C 137 -15.49 -34.80 -17.25
N VAL C 138 -14.58 -34.00 -17.81
CA VAL C 138 -13.45 -33.51 -17.02
C VAL C 138 -13.88 -32.51 -15.95
N ASN C 139 -14.83 -31.64 -16.28
CA ASN C 139 -15.29 -30.65 -15.32
C ASN C 139 -16.52 -31.12 -14.53
N LYS C 140 -16.96 -32.36 -14.76
CA LYS C 140 -18.13 -32.93 -14.06
C LYS C 140 -18.08 -32.74 -12.54
N CYS C 141 -19.19 -32.25 -11.97
CA CYS C 141 -19.32 -32.00 -10.53
C CYS C 141 -18.30 -30.99 -10.06
N GLN C 142 -17.93 -30.10 -10.97
CA GLN C 142 -16.96 -29.05 -10.68
C GLN C 142 -17.38 -27.77 -11.39
N SER C 143 -16.93 -26.65 -10.84
CA SER C 143 -17.20 -25.34 -11.39
C SER C 143 -15.98 -24.47 -11.14
N THR C 144 -15.91 -23.35 -11.86
CA THR C 144 -14.80 -22.41 -11.75
C THR C 144 -14.71 -21.92 -10.32
N ASN C 145 -15.89 -21.65 -9.77
CA ASN C 145 -16.03 -21.15 -8.42
C ASN C 145 -15.32 -22.03 -7.38
N ASP C 146 -15.02 -23.29 -7.73
CA ASP C 146 -14.38 -24.24 -6.79
C ASP C 146 -13.11 -24.98 -7.25
N ALA C 147 -13.05 -25.37 -8.51
CA ALA C 147 -11.87 -26.06 -9.00
C ALA C 147 -10.71 -25.11 -8.92
N TYR C 148 -10.87 -23.96 -9.58
CA TYR C 148 -9.87 -22.89 -9.66
C TYR C 148 -9.20 -22.48 -8.34
N PRO C 149 -10.00 -22.12 -7.31
CA PRO C 149 -9.39 -21.74 -6.03
C PRO C 149 -8.44 -22.83 -5.55
N THR C 150 -8.92 -24.07 -5.60
CA THR C 150 -8.17 -25.24 -5.15
C THR C 150 -6.84 -25.55 -5.84
N GLY C 151 -6.79 -25.43 -7.16
CA GLY C 151 -5.54 -25.68 -7.86
C GLY C 151 -4.53 -24.63 -7.45
N PHE C 152 -5.06 -23.46 -7.09
CA PHE C 152 -4.27 -22.32 -6.64
C PHE C 152 -3.72 -22.57 -5.22
N ARG C 153 -4.59 -22.98 -4.31
CA ARG C 153 -4.17 -23.25 -2.95
C ARG C 153 -3.14 -24.37 -2.91
N ILE C 154 -3.33 -25.40 -3.74
CA ILE C 154 -2.38 -26.49 -3.73
C ILE C 154 -1.08 -26.06 -4.42
N ALA C 155 -1.22 -25.39 -5.58
CA ALA C 155 -0.06 -24.91 -6.31
C ALA C 155 0.82 -24.12 -5.38
N VAL C 156 0.20 -23.19 -4.66
CA VAL C 156 0.89 -22.34 -3.70
C VAL C 156 1.53 -23.14 -2.57
N TYR C 157 0.83 -24.16 -2.09
CA TYR C 157 1.33 -24.99 -1.01
C TYR C 157 2.66 -25.65 -1.40
N SER C 158 2.79 -26.08 -2.65
CA SER C 158 4.03 -26.72 -3.11
C SER C 158 5.17 -25.74 -3.34
N SER C 159 4.87 -24.57 -3.91
CA SER C 159 5.88 -23.55 -4.15
C SER C 159 6.44 -23.08 -2.83
N LEU C 160 5.65 -23.23 -1.79
CA LEU C 160 6.11 -22.82 -0.50
C LEU C 160 7.01 -23.89 0.10
N ILE C 161 6.79 -25.16 -0.25
CA ILE C 161 7.65 -26.23 0.26
C ILE C 161 9.03 -25.96 -0.34
N LYS C 162 9.04 -25.65 -1.63
CA LYS C 162 10.26 -25.35 -2.36
C LYS C 162 10.82 -24.06 -1.82
N LEU C 163 9.95 -23.17 -1.36
CA LEU C 163 10.42 -21.90 -0.83
C LEU C 163 11.27 -22.14 0.41
N VAL C 164 10.65 -22.75 1.42
CA VAL C 164 11.35 -23.01 2.65
C VAL C 164 12.66 -23.76 2.43
N ASP C 165 12.67 -24.73 1.52
CA ASP C 165 13.90 -25.45 1.27
C ASP C 165 14.95 -24.40 0.93
N ALA C 166 14.68 -23.63 -0.13
CA ALA C 166 15.60 -22.59 -0.59
C ALA C 166 16.04 -21.74 0.57
N ILE C 167 15.10 -21.42 1.44
CA ILE C 167 15.37 -20.61 2.62
C ILE C 167 16.29 -21.39 3.54
N ASN C 168 15.97 -22.67 3.72
CA ASN C 168 16.75 -23.57 4.58
C ASN C 168 18.21 -23.64 4.11
N GLN C 169 18.41 -23.47 2.82
CA GLN C 169 19.75 -23.50 2.27
C GLN C 169 20.50 -22.24 2.65
N LEU C 170 19.81 -21.11 2.55
CA LEU C 170 20.41 -19.82 2.91
C LEU C 170 20.79 -19.92 4.38
N ARG C 171 19.88 -20.51 5.16
CA ARG C 171 20.07 -20.73 6.59
C ARG C 171 21.43 -21.38 6.74
N GLU C 172 21.66 -22.40 5.92
CA GLU C 172 22.92 -23.17 5.90
C GLU C 172 24.11 -22.24 5.82
N GLY C 173 24.10 -21.37 4.81
CA GLY C 173 25.19 -20.42 4.65
C GLY C 173 25.48 -19.64 5.92
N PHE C 174 24.45 -19.15 6.59
CA PHE C 174 24.63 -18.40 7.84
C PHE C 174 25.23 -19.21 8.99
N GLU C 175 24.61 -20.36 9.29
CA GLU C 175 25.09 -21.25 10.35
C GLU C 175 26.41 -21.91 10.01
N ARG C 176 26.93 -21.61 8.81
CA ARG C 176 28.21 -22.11 8.33
C ARG C 176 29.21 -21.06 8.83
N LYS C 177 28.95 -19.81 8.46
CA LYS C 177 29.77 -18.66 8.84
C LYS C 177 29.73 -18.52 10.36
N ALA C 178 28.53 -18.64 10.90
CA ALA C 178 28.30 -18.54 12.33
C ALA C 178 29.34 -19.32 13.08
N VAL C 179 29.52 -20.58 12.68
CA VAL C 179 30.50 -21.44 13.34
C VAL C 179 31.91 -21.10 12.86
N GLU C 180 31.98 -20.46 11.69
CA GLU C 180 33.26 -20.08 11.10
C GLU C 180 33.90 -18.94 11.87
N PHE C 181 33.24 -17.78 11.81
CA PHE C 181 33.72 -16.57 12.46
C PHE C 181 33.67 -16.66 13.97
N GLN C 182 32.82 -17.53 14.50
CA GLN C 182 32.62 -17.77 15.95
C GLN C 182 33.70 -17.27 16.90
N ASP C 183 34.94 -17.57 16.53
CA ASP C 183 36.14 -17.23 17.28
C ASP C 183 36.59 -15.77 17.09
N ILE C 184 35.72 -14.94 16.52
CA ILE C 184 36.06 -13.55 16.23
C ILE C 184 35.31 -12.50 17.04
N LEU C 185 36.01 -11.76 17.91
CA LEU C 185 35.38 -10.72 18.73
C LEU C 185 34.84 -9.60 17.85
N LYS C 186 33.80 -8.91 18.33
CA LYS C 186 33.18 -7.81 17.58
C LYS C 186 32.34 -6.93 18.50
N MET C 187 32.33 -5.63 18.21
CA MET C 187 31.55 -4.71 19.04
C MET C 187 30.12 -4.51 18.52
N GLY C 188 29.17 -5.13 19.22
CA GLY C 188 27.76 -5.02 18.85
C GLY C 188 27.31 -3.58 18.76
N ARG C 189 26.22 -3.34 18.02
CA ARG C 189 25.68 -2.00 17.88
C ARG C 189 24.17 -1.96 17.84
N THR C 190 23.59 -1.30 18.84
CA THR C 190 22.13 -1.11 18.91
C THR C 190 21.93 0.37 18.65
N GLN C 191 20.98 0.70 17.79
CA GLN C 191 20.71 2.09 17.42
C GLN C 191 21.98 2.64 16.77
N LEU C 192 22.78 1.72 16.25
CA LEU C 192 24.06 2.01 15.63
C LEU C 192 25.10 2.45 16.66
N GLN C 193 24.63 2.74 17.88
CA GLN C 193 25.53 3.15 18.97
C GLN C 193 26.15 1.88 19.49
N ASP C 194 27.32 2.00 20.10
CA ASP C 194 28.03 0.83 20.58
C ASP C 194 27.50 0.21 21.87
N ALA C 195 26.91 -0.97 21.73
CA ALA C 195 26.37 -1.68 22.88
C ALA C 195 27.53 -2.49 23.50
N VAL C 196 27.21 -3.66 24.05
CA VAL C 196 28.21 -4.54 24.64
C VAL C 196 28.69 -5.48 23.53
N PRO C 197 29.92 -6.02 23.64
CA PRO C 197 30.43 -6.93 22.59
C PRO C 197 29.81 -8.32 22.41
N MET C 198 30.13 -8.91 21.26
CA MET C 198 29.67 -10.25 20.89
C MET C 198 30.61 -10.71 19.79
N THR C 199 30.55 -11.98 19.43
CA THR C 199 31.44 -12.49 18.39
C THR C 199 30.78 -12.35 17.02
N LEU C 200 31.56 -11.87 16.04
CA LEU C 200 31.05 -11.72 14.68
C LEU C 200 30.30 -12.98 14.28
N GLY C 201 30.79 -14.12 14.77
CA GLY C 201 30.16 -15.40 14.49
C GLY C 201 28.74 -15.47 14.99
N GLN C 202 28.52 -15.01 16.22
CA GLN C 202 27.20 -15.01 16.82
C GLN C 202 26.24 -14.15 16.00
N GLU C 203 26.78 -13.10 15.39
CA GLU C 203 25.99 -12.20 14.57
C GLU C 203 25.23 -12.97 13.51
N PHE C 204 25.97 -13.79 12.75
CA PHE C 204 25.37 -14.58 11.68
C PHE C 204 24.41 -15.68 12.15
N ARG C 205 24.68 -16.30 13.30
CA ARG C 205 23.78 -17.33 13.80
C ARG C 205 22.37 -16.74 13.97
N ALA C 206 22.31 -15.46 14.32
CA ALA C 206 21.04 -14.76 14.51
C ALA C 206 20.34 -14.65 13.17
N PHE C 207 21.13 -14.54 12.12
CA PHE C 207 20.60 -14.45 10.79
C PHE C 207 19.94 -15.78 10.46
N SER C 208 20.64 -16.86 10.78
CA SER C 208 20.11 -18.19 10.56
C SER C 208 18.82 -18.27 11.36
N ILE C 209 18.95 -18.22 12.68
CA ILE C 209 17.81 -18.28 13.58
C ILE C 209 16.64 -17.42 13.10
N LEU C 210 16.94 -16.21 12.63
CA LEU C 210 15.88 -15.33 12.16
C LEU C 210 15.11 -16.16 11.14
N LEU C 211 15.84 -16.62 10.13
CA LEU C 211 15.31 -17.41 9.04
C LEU C 211 14.72 -18.72 9.54
N LYS C 212 15.25 -19.24 10.64
CA LYS C 212 14.75 -20.48 11.23
C LYS C 212 13.32 -20.27 11.66
N GLU C 213 13.07 -19.10 12.25
CA GLU C 213 11.74 -18.75 12.73
C GLU C 213 10.88 -18.31 11.57
N GLU C 214 11.52 -17.88 10.48
CA GLU C 214 10.80 -17.45 9.29
C GLU C 214 10.10 -18.68 8.73
N VAL C 215 10.90 -19.74 8.55
CA VAL C 215 10.40 -20.99 8.06
C VAL C 215 9.22 -21.37 8.94
N LYS C 216 9.48 -21.52 10.24
CA LYS C 216 8.46 -21.86 11.24
C LYS C 216 7.13 -21.14 11.00
N ASN C 217 7.20 -19.95 10.41
CA ASN C 217 6.02 -19.13 10.13
C ASN C 217 5.39 -19.44 8.78
N ILE C 218 6.23 -19.58 7.76
CA ILE C 218 5.76 -19.85 6.41
C ILE C 218 5.01 -21.16 6.29
N GLN C 219 5.47 -22.17 7.01
CA GLN C 219 4.78 -23.44 6.97
C GLN C 219 3.52 -23.27 7.78
N ARG C 220 3.70 -22.83 9.02
CA ARG C 220 2.62 -22.56 9.97
C ARG C 220 1.38 -21.96 9.28
N THR C 221 1.61 -21.01 8.37
CA THR C 221 0.53 -20.37 7.64
C THR C 221 0.08 -21.17 6.44
N ALA C 222 1.06 -21.69 5.71
CA ALA C 222 0.78 -22.46 4.53
C ALA C 222 -0.20 -23.60 4.80
N GLU C 223 -0.14 -24.17 6.00
CA GLU C 223 -1.05 -25.27 6.32
C GLU C 223 -2.50 -24.88 6.23
N LEU C 224 -2.78 -23.58 6.24
CA LEU C 224 -4.15 -23.07 6.18
C LEU C 224 -4.77 -23.21 4.78
N LEU C 225 -3.91 -23.53 3.81
CA LEU C 225 -4.32 -23.73 2.43
C LEU C 225 -4.96 -25.10 2.35
N LEU C 226 -4.52 -26.00 3.22
CA LEU C 226 -5.03 -27.37 3.30
C LEU C 226 -6.55 -27.37 3.37
N GLU C 227 -7.14 -26.38 4.02
CA GLU C 227 -8.59 -26.27 4.09
C GLU C 227 -8.96 -25.89 2.65
N VAL C 228 -9.37 -26.85 1.86
CA VAL C 228 -9.72 -26.58 0.46
C VAL C 228 -11.15 -26.97 0.17
N ASN C 229 -11.46 -27.10 -1.11
CA ASN C 229 -12.78 -27.50 -1.54
C ASN C 229 -12.65 -28.13 -2.92
N LEU C 230 -13.74 -28.74 -3.38
CA LEU C 230 -13.83 -29.37 -4.69
C LEU C 230 -15.27 -29.82 -4.77
N GLY C 231 -16.04 -29.12 -5.59
CA GLY C 231 -17.47 -29.40 -5.68
C GLY C 231 -18.07 -28.59 -4.54
N ALA C 232 -18.10 -27.27 -4.70
CA ALA C 232 -18.61 -26.41 -3.65
C ALA C 232 -19.74 -25.44 -3.99
N THR C 233 -19.49 -24.14 -3.81
CA THR C 233 -20.54 -23.13 -4.01
C THR C 233 -20.35 -21.92 -4.95
N ALA C 234 -21.46 -21.51 -5.57
CA ALA C 234 -21.55 -20.35 -6.47
C ALA C 234 -22.24 -19.30 -5.61
N ILE C 235 -23.23 -19.75 -4.84
CA ILE C 235 -23.98 -18.90 -3.94
C ILE C 235 -23.79 -19.31 -2.46
N GLY C 236 -24.86 -19.30 -1.68
CA GLY C 236 -24.75 -19.68 -0.29
C GLY C 236 -24.34 -21.14 -0.26
N THR C 237 -25.34 -22.01 -0.12
CA THR C 237 -25.15 -23.45 -0.07
C THR C 237 -24.30 -23.95 -1.25
N GLY C 238 -24.95 -24.30 -2.36
CA GLY C 238 -24.21 -24.78 -3.51
C GLY C 238 -24.86 -26.03 -4.11
N LEU C 239 -24.82 -26.10 -5.45
CA LEU C 239 -25.41 -27.18 -6.22
C LEU C 239 -25.09 -28.59 -5.73
N ASN C 240 -25.66 -29.59 -6.39
CA ASN C 240 -25.54 -30.97 -5.95
C ASN C 240 -24.24 -31.75 -5.82
N THR C 241 -23.10 -31.09 -5.71
CA THR C 241 -21.91 -31.92 -5.48
C THR C 241 -22.13 -32.70 -4.16
N PRO C 242 -22.36 -31.98 -3.02
CA PRO C 242 -22.57 -32.50 -1.65
C PRO C 242 -23.10 -33.93 -1.43
N LYS C 243 -22.37 -34.85 -2.02
CA LYS C 243 -22.59 -36.28 -1.94
C LYS C 243 -21.17 -36.77 -1.66
N GLU C 244 -20.89 -38.04 -1.90
CA GLU C 244 -19.56 -38.56 -1.69
C GLU C 244 -18.56 -37.59 -2.33
N TYR C 245 -18.96 -37.04 -3.48
CA TYR C 245 -18.10 -36.17 -4.26
C TYR C 245 -17.01 -35.36 -3.58
N SER C 246 -17.35 -34.17 -3.10
CA SER C 246 -16.38 -33.28 -2.45
C SER C 246 -15.39 -33.93 -1.47
N PRO C 247 -15.87 -34.43 -0.32
CA PRO C 247 -14.89 -35.05 0.57
C PRO C 247 -14.12 -36.15 -0.13
N LEU C 248 -14.81 -36.99 -0.90
CA LEU C 248 -14.16 -38.06 -1.63
C LEU C 248 -13.14 -37.45 -2.57
N ALA C 249 -13.53 -36.36 -3.24
CA ALA C 249 -12.66 -35.68 -4.19
C ALA C 249 -11.47 -35.01 -3.53
N VAL C 250 -11.63 -34.53 -2.31
CA VAL C 250 -10.49 -33.91 -1.63
C VAL C 250 -9.63 -35.05 -1.11
N LYS C 251 -10.29 -36.16 -0.74
CA LYS C 251 -9.57 -37.35 -0.28
C LYS C 251 -8.66 -37.70 -1.47
N LYS C 252 -9.24 -37.60 -2.66
CA LYS C 252 -8.49 -37.85 -3.87
C LYS C 252 -7.35 -36.83 -3.91
N LEU C 253 -7.71 -35.55 -4.01
CA LEU C 253 -6.73 -34.47 -4.09
C LEU C 253 -5.57 -34.64 -3.11
N ALA C 254 -5.86 -35.28 -1.98
CA ALA C 254 -4.86 -35.50 -0.97
C ALA C 254 -3.80 -36.47 -1.51
N GLU C 255 -4.15 -37.76 -1.59
CA GLU C 255 -3.24 -38.81 -2.07
C GLU C 255 -2.47 -38.50 -3.35
N VAL C 256 -3.01 -37.58 -4.15
CA VAL C 256 -2.38 -37.19 -5.40
C VAL C 256 -1.30 -36.13 -5.21
N THR C 257 -1.69 -34.97 -4.70
CA THR C 257 -0.76 -33.88 -4.48
C THR C 257 0.28 -34.26 -3.46
N GLY C 258 -0.07 -35.25 -2.64
CA GLY C 258 0.81 -35.71 -1.59
C GLY C 258 0.52 -34.88 -0.34
N PHE C 259 -0.11 -33.72 -0.55
CA PHE C 259 -0.47 -32.79 0.52
C PHE C 259 -1.72 -33.24 1.24
N PRO C 260 -1.76 -33.09 2.58
CA PRO C 260 -2.85 -33.43 3.51
C PRO C 260 -4.11 -32.60 3.25
N CYS C 261 -4.72 -32.78 2.09
CA CYS C 261 -5.92 -32.04 1.75
C CYS C 261 -7.07 -32.29 2.71
N VAL C 262 -7.85 -31.25 2.96
CA VAL C 262 -8.98 -31.32 3.87
C VAL C 262 -10.14 -30.46 3.41
N PRO C 263 -11.37 -30.99 3.50
CA PRO C 263 -12.57 -30.23 3.09
C PRO C 263 -12.74 -29.03 4.03
N ALA C 264 -12.81 -27.84 3.45
CA ALA C 264 -12.95 -26.61 4.22
C ALA C 264 -14.09 -26.61 5.24
N GLU C 265 -14.07 -25.57 6.07
CA GLU C 265 -15.04 -25.30 7.14
C GLU C 265 -16.51 -25.57 6.82
N ASP C 266 -17.00 -24.90 5.77
CA ASP C 266 -18.38 -25.00 5.34
C ASP C 266 -18.63 -24.27 4.03
N LEU C 267 -19.61 -24.75 3.28
CA LEU C 267 -20.00 -24.18 1.99
C LEU C 267 -20.74 -22.85 2.12
N ILE C 268 -19.94 -21.77 2.19
CA ILE C 268 -20.39 -20.37 2.29
C ILE C 268 -19.16 -19.47 2.38
N GLU C 269 -18.79 -18.86 1.24
CA GLU C 269 -17.64 -17.98 1.09
C GLU C 269 -16.31 -18.75 1.10
N ALA C 270 -15.54 -18.61 0.03
CA ALA C 270 -14.24 -19.27 -0.12
C ALA C 270 -13.60 -18.69 -1.37
N THR C 271 -14.23 -18.93 -2.51
CA THR C 271 -13.76 -18.39 -3.79
C THR C 271 -14.12 -16.89 -3.75
N SER C 272 -15.00 -16.55 -2.81
CA SER C 272 -15.47 -15.19 -2.56
C SER C 272 -14.48 -14.50 -1.59
N ASP C 273 -13.23 -14.42 -2.03
CA ASP C 273 -12.07 -13.87 -1.31
C ASP C 273 -11.60 -14.75 -0.18
N CYS C 274 -10.30 -14.97 -0.12
CA CYS C 274 -9.79 -15.78 0.95
C CYS C 274 -8.64 -15.17 1.75
N GLY C 275 -8.93 -14.95 3.03
CA GLY C 275 -7.96 -14.39 3.93
C GLY C 275 -6.78 -15.32 4.04
N ALA C 276 -6.95 -16.54 3.56
CA ALA C 276 -5.86 -17.49 3.60
C ALA C 276 -4.78 -16.94 2.66
N TYR C 277 -5.20 -16.40 1.52
CA TYR C 277 -4.26 -15.85 0.56
C TYR C 277 -3.53 -14.63 1.09
N VAL C 278 -4.30 -13.71 1.69
CA VAL C 278 -3.73 -12.49 2.24
C VAL C 278 -2.71 -12.94 3.25
N MET C 279 -3.14 -13.88 4.09
CA MET C 279 -2.29 -14.41 5.12
C MET C 279 -1.03 -15.05 4.57
N VAL C 280 -1.16 -15.90 3.54
CA VAL C 280 0.02 -16.57 2.98
C VAL C 280 0.90 -15.57 2.25
N HIS C 281 0.29 -14.52 1.71
CA HIS C 281 1.12 -13.54 1.06
C HIS C 281 1.75 -12.75 2.20
N GLY C 282 1.03 -12.70 3.32
CA GLY C 282 1.53 -12.03 4.49
C GLY C 282 2.82 -12.71 4.89
N ALA C 283 2.75 -14.01 5.15
CA ALA C 283 3.91 -14.84 5.51
C ALA C 283 5.09 -14.52 4.62
N LEU C 284 4.80 -14.42 3.32
CA LEU C 284 5.79 -14.10 2.30
C LEU C 284 6.34 -12.69 2.45
N LYS C 285 5.54 -11.78 2.99
CA LYS C 285 6.00 -10.41 3.17
C LYS C 285 6.97 -10.31 4.33
N ARG C 286 6.60 -10.90 5.46
CA ARG C 286 7.47 -10.86 6.64
C ARG C 286 8.84 -11.39 6.28
N LEU C 287 8.88 -12.49 5.56
CA LEU C 287 10.14 -13.07 5.13
C LEU C 287 10.88 -12.02 4.30
N ALA C 288 10.12 -11.25 3.53
CA ALA C 288 10.71 -10.22 2.70
C ALA C 288 11.20 -9.04 3.55
N VAL C 289 10.62 -8.87 4.72
CA VAL C 289 11.03 -7.78 5.60
C VAL C 289 12.36 -8.13 6.26
N LYS C 290 12.47 -9.35 6.76
CA LYS C 290 13.68 -9.78 7.44
C LYS C 290 14.84 -10.04 6.49
N MET C 291 14.55 -10.69 5.35
CA MET C 291 15.58 -10.96 4.35
C MET C 291 16.19 -9.65 3.87
N SER C 292 15.31 -8.66 3.72
CA SER C 292 15.70 -7.33 3.28
C SER C 292 16.57 -6.74 4.37
N LYS C 293 16.11 -6.90 5.62
CA LYS C 293 16.84 -6.41 6.77
C LYS C 293 18.22 -7.04 6.79
N ILE C 294 18.27 -8.38 6.75
CA ILE C 294 19.54 -9.13 6.76
C ILE C 294 20.54 -8.62 5.74
N CYS C 295 20.05 -8.31 4.56
CA CYS C 295 20.92 -7.82 3.51
C CYS C 295 21.39 -6.39 3.77
N ASN C 296 20.52 -5.56 4.36
CA ASN C 296 20.89 -4.17 4.66
C ASN C 296 22.16 -4.19 5.50
N ASP C 297 22.09 -4.88 6.64
CA ASP C 297 23.21 -5.02 7.54
C ASP C 297 24.42 -5.51 6.77
N LEU C 298 24.22 -6.56 5.97
CA LEU C 298 25.31 -7.13 5.17
C LEU C 298 26.02 -6.05 4.34
N ARG C 299 25.27 -5.03 3.92
CA ARG C 299 25.86 -3.94 3.15
C ARG C 299 26.52 -2.93 4.10
N LEU C 300 25.88 -2.75 5.24
CA LEU C 300 26.37 -1.84 6.26
C LEU C 300 27.63 -2.39 6.90
N LEU C 301 27.68 -3.72 7.06
CA LEU C 301 28.81 -4.40 7.68
C LEU C 301 30.00 -4.52 6.73
N SER C 302 29.74 -4.45 5.44
CA SER C 302 30.82 -4.55 4.47
C SER C 302 30.94 -3.25 3.72
N SER C 303 30.85 -2.17 4.48
CA SER C 303 30.94 -0.83 3.91
C SER C 303 32.37 -0.35 3.61
N GLY C 304 32.45 0.79 2.92
CA GLY C 304 33.69 1.41 2.51
C GLY C 304 34.97 0.98 3.19
N PRO C 305 35.95 0.51 2.39
CA PRO C 305 37.28 0.03 2.77
C PRO C 305 38.05 0.97 3.70
N ARG C 306 38.39 0.44 4.89
CA ARG C 306 39.09 1.18 5.95
C ARG C 306 38.17 2.23 6.58
N ALA C 307 37.82 3.25 5.79
CA ALA C 307 36.97 4.35 6.23
C ALA C 307 35.48 4.05 6.04
N GLY C 308 34.99 3.04 6.75
CA GLY C 308 33.60 2.66 6.64
C GLY C 308 33.32 1.30 7.25
N LEU C 309 33.01 1.33 8.55
CA LEU C 309 32.67 0.17 9.37
C LEU C 309 32.88 -1.17 8.70
N ASN C 310 34.11 -1.59 8.47
CA ASN C 310 34.28 -2.86 7.77
C ASN C 310 34.54 -4.10 8.66
N GLU C 311 33.65 -5.08 8.59
CA GLU C 311 33.79 -6.28 9.42
C GLU C 311 33.79 -7.60 8.68
N ILE C 312 33.21 -7.62 7.49
CA ILE C 312 33.15 -8.83 6.69
C ILE C 312 33.33 -8.49 5.24
N ASN C 313 34.29 -9.15 4.61
CA ASN C 313 34.58 -8.95 3.21
C ASN C 313 33.56 -9.78 2.42
N LEU C 314 32.69 -9.10 1.68
CA LEU C 314 31.70 -9.78 0.87
C LEU C 314 32.34 -10.16 -0.46
N PRO C 315 31.75 -11.12 -1.19
CA PRO C 315 32.31 -11.51 -2.49
C PRO C 315 32.38 -10.30 -3.44
N GLU C 316 33.27 -10.39 -4.43
CA GLU C 316 33.50 -9.33 -5.42
C GLU C 316 33.08 -9.86 -6.78
N LEU C 317 32.19 -9.16 -7.48
CA LEU C 317 31.73 -9.66 -8.78
C LEU C 317 31.77 -8.75 -10.03
N GLN C 318 32.68 -7.78 -10.13
CA GLN C 318 32.68 -6.94 -11.33
C GLN C 318 33.87 -6.02 -11.69
N ALA C 319 34.14 -5.03 -10.87
CA ALA C 319 35.24 -4.12 -11.16
C ALA C 319 36.00 -3.68 -9.91
N GLY C 320 37.26 -3.34 -10.10
CA GLY C 320 38.09 -2.88 -9.01
C GLY C 320 38.74 -1.60 -9.49
N SER C 321 38.58 -0.52 -8.72
CA SER C 321 39.17 0.77 -9.05
C SER C 321 40.67 0.56 -9.33
N SER C 322 41.00 0.34 -10.60
CA SER C 322 42.38 0.07 -11.03
C SER C 322 43.43 0.90 -10.29
N ILE C 323 43.40 2.21 -10.57
CA ILE C 323 44.31 3.22 -10.00
C ILE C 323 44.52 3.13 -8.48
N MET C 324 43.58 2.47 -7.79
CA MET C 324 43.62 2.30 -6.33
C MET C 324 42.40 1.51 -5.84
N PRO C 325 42.61 0.29 -5.31
CA PRO C 325 41.48 -0.52 -4.81
C PRO C 325 40.68 0.29 -3.76
N ALA C 326 39.38 0.50 -4.00
CA ALA C 326 38.57 1.27 -3.06
C ALA C 326 37.07 0.90 -2.93
N LYS C 327 36.65 -0.17 -3.63
CA LYS C 327 35.25 -0.64 -3.59
C LYS C 327 35.18 -2.18 -3.58
N VAL C 328 33.94 -2.67 -3.55
CA VAL C 328 33.51 -4.08 -3.56
C VAL C 328 32.00 -3.86 -3.37
N ASN C 329 31.38 -3.16 -4.32
CA ASN C 329 29.94 -2.85 -4.23
C ASN C 329 29.07 -4.07 -4.02
N PRO C 330 28.42 -4.16 -2.85
CA PRO C 330 27.52 -5.21 -2.37
C PRO C 330 26.37 -5.45 -3.32
N VAL C 331 26.76 -5.79 -4.54
CA VAL C 331 25.84 -6.04 -5.63
C VAL C 331 24.74 -7.07 -5.34
N VAL C 332 25.08 -8.16 -4.67
CA VAL C 332 24.08 -9.20 -4.39
C VAL C 332 23.10 -8.89 -3.24
N PRO C 333 23.60 -8.50 -2.04
CA PRO C 333 22.63 -8.21 -0.99
C PRO C 333 21.69 -7.12 -1.48
N GLU C 334 22.19 -6.31 -2.41
CA GLU C 334 21.40 -5.24 -3.00
C GLU C 334 20.20 -5.83 -3.71
N VAL C 335 20.45 -6.73 -4.64
CA VAL C 335 19.38 -7.36 -5.42
C VAL C 335 18.35 -8.09 -4.57
N VAL C 336 18.72 -8.38 -3.33
CA VAL C 336 17.80 -9.06 -2.41
C VAL C 336 16.82 -8.02 -1.87
N ASN C 337 17.29 -6.79 -1.70
CA ASN C 337 16.41 -5.72 -1.23
C ASN C 337 15.39 -5.58 -2.34
N GLN C 338 15.89 -5.37 -3.55
CA GLN C 338 15.05 -5.20 -4.71
C GLN C 338 13.92 -6.19 -4.81
N VAL C 339 14.19 -7.45 -4.46
CA VAL C 339 13.13 -8.41 -4.54
C VAL C 339 12.16 -8.19 -3.40
N CYS C 340 12.66 -8.14 -2.17
CA CYS C 340 11.82 -7.90 -1.00
C CYS C 340 10.89 -6.71 -1.23
N PHE C 341 11.35 -5.73 -2.00
CA PHE C 341 10.55 -4.57 -2.30
C PHE C 341 9.38 -4.98 -3.18
N LYS C 342 9.68 -5.75 -4.22
CA LYS C 342 8.68 -6.23 -5.15
C LYS C 342 7.71 -7.16 -4.43
N VAL C 343 8.17 -7.83 -3.39
CA VAL C 343 7.29 -8.73 -2.66
C VAL C 343 6.34 -7.97 -1.78
N ILE C 344 6.85 -7.01 -1.03
CA ILE C 344 6.03 -6.20 -0.12
C ILE C 344 4.96 -5.44 -0.87
N GLY C 345 5.34 -4.88 -2.01
CA GLY C 345 4.40 -4.14 -2.83
C GLY C 345 3.21 -5.01 -3.20
N ASN C 346 3.48 -6.28 -3.48
CA ASN C 346 2.42 -7.22 -3.84
C ASN C 346 1.44 -7.41 -2.71
N ASP C 347 1.88 -7.21 -1.47
CA ASP C 347 0.97 -7.39 -0.34
C ASP C 347 -0.13 -6.34 -0.33
N THR C 348 0.03 -5.34 -1.21
CA THR C 348 -0.96 -4.27 -1.39
C THR C 348 -1.90 -4.81 -2.48
N THR C 349 -1.31 -5.31 -3.56
CA THR C 349 -2.08 -5.87 -4.66
C THR C 349 -3.01 -6.96 -4.15
N VAL C 350 -2.45 -7.89 -3.39
CA VAL C 350 -3.25 -8.97 -2.83
C VAL C 350 -4.30 -8.41 -1.89
N THR C 351 -4.00 -7.27 -1.30
CA THR C 351 -4.91 -6.58 -0.37
C THR C 351 -6.12 -6.00 -1.09
N MET C 352 -5.85 -5.16 -2.10
CA MET C 352 -6.90 -4.54 -2.88
C MET C 352 -7.80 -5.65 -3.39
N ALA C 353 -7.17 -6.60 -4.07
CA ALA C 353 -7.82 -7.75 -4.67
C ALA C 353 -8.67 -8.53 -3.68
N ALA C 354 -8.04 -8.99 -2.62
CA ALA C 354 -8.72 -9.76 -1.60
C ALA C 354 -9.67 -8.92 -0.76
N GLU C 355 -10.10 -7.78 -1.30
CA GLU C 355 -11.02 -6.90 -0.58
C GLU C 355 -12.18 -6.53 -1.51
N ALA C 356 -11.92 -6.65 -2.81
CA ALA C 356 -12.90 -6.33 -3.85
C ALA C 356 -13.99 -7.39 -4.06
N GLY C 357 -14.36 -8.11 -3.00
CA GLY C 357 -15.38 -9.14 -3.09
C GLY C 357 -16.74 -8.61 -3.52
N GLN C 358 -17.32 -9.26 -4.52
CA GLN C 358 -18.61 -8.87 -5.07
C GLN C 358 -19.74 -9.80 -4.62
N LEU C 359 -20.29 -9.51 -3.45
CA LEU C 359 -21.39 -10.29 -2.89
C LEU C 359 -21.05 -11.73 -2.56
N GLN C 360 -21.12 -12.60 -3.56
CA GLN C 360 -20.86 -14.01 -3.36
C GLN C 360 -19.61 -14.61 -4.03
N LEU C 361 -18.73 -13.76 -4.56
CA LEU C 361 -17.53 -14.26 -5.22
C LEU C 361 -16.51 -13.17 -5.47
N ASN C 362 -15.24 -13.54 -5.36
CA ASN C 362 -14.15 -12.61 -5.60
C ASN C 362 -13.69 -12.91 -7.00
N VAL C 363 -13.73 -11.88 -7.84
CA VAL C 363 -13.36 -11.99 -9.24
C VAL C 363 -11.87 -11.71 -9.47
N MET C 364 -11.19 -11.34 -8.39
CA MET C 364 -9.78 -10.97 -8.43
C MET C 364 -8.79 -12.06 -8.02
N GLU C 365 -9.27 -13.30 -7.91
CA GLU C 365 -8.40 -14.41 -7.53
C GLU C 365 -7.13 -14.47 -8.40
N PRO C 366 -7.27 -14.28 -9.72
CA PRO C 366 -6.12 -14.31 -10.63
C PRO C 366 -5.01 -13.35 -10.24
N VAL C 367 -5.36 -12.10 -9.96
CA VAL C 367 -4.35 -11.10 -9.60
C VAL C 367 -3.64 -11.44 -8.29
N ILE C 368 -4.36 -12.04 -7.35
CA ILE C 368 -3.74 -12.45 -6.10
C ILE C 368 -2.83 -13.60 -6.51
N GLY C 369 -3.23 -14.29 -7.57
CA GLY C 369 -2.44 -15.40 -8.08
C GLY C 369 -1.13 -14.93 -8.65
N GLN C 370 -1.21 -14.05 -9.64
CA GLN C 370 0.00 -13.54 -10.28
C GLN C 370 0.92 -12.86 -9.25
N ALA C 371 0.32 -12.29 -8.22
CA ALA C 371 1.09 -11.62 -7.17
C ALA C 371 1.74 -12.65 -6.26
N MET C 372 0.97 -13.66 -5.85
CA MET C 372 1.48 -14.70 -4.95
C MET C 372 2.66 -15.40 -5.57
N PHE C 373 2.42 -16.03 -6.71
CA PHE C 373 3.47 -16.76 -7.40
C PHE C 373 4.66 -15.88 -7.67
N GLU C 374 4.45 -14.78 -8.39
CA GLU C 374 5.52 -13.85 -8.70
C GLU C 374 6.39 -13.63 -7.47
N SER C 375 5.76 -13.25 -6.36
CA SER C 375 6.50 -13.00 -5.13
C SER C 375 7.17 -14.25 -4.56
N VAL C 376 6.57 -15.42 -4.78
CA VAL C 376 7.20 -16.64 -4.26
C VAL C 376 8.44 -16.96 -5.11
N HIS C 377 8.33 -16.74 -6.42
CA HIS C 377 9.43 -16.99 -7.34
C HIS C 377 10.70 -16.24 -6.98
N ILE C 378 10.71 -14.92 -7.21
CA ILE C 378 11.89 -14.09 -6.95
C ILE C 378 12.47 -14.27 -5.57
N LEU C 379 11.61 -14.56 -4.59
CA LEU C 379 12.05 -14.78 -3.22
C LEU C 379 12.81 -16.09 -3.17
N THR C 380 12.18 -17.14 -3.69
CA THR C 380 12.78 -18.45 -3.74
C THR C 380 14.13 -18.29 -4.41
N ASN C 381 14.14 -17.63 -5.56
CA ASN C 381 15.39 -17.39 -6.28
C ASN C 381 16.32 -16.51 -5.43
N ALA C 382 15.73 -15.51 -4.79
CA ALA C 382 16.49 -14.60 -3.95
C ALA C 382 17.36 -15.37 -2.97
N CYS C 383 16.72 -16.14 -2.09
CA CYS C 383 17.40 -16.92 -1.07
C CYS C 383 18.66 -17.59 -1.62
N TYR C 384 18.53 -18.17 -2.81
CA TYR C 384 19.64 -18.84 -3.48
C TYR C 384 20.67 -17.85 -3.97
N ASN C 385 20.24 -16.84 -4.71
CA ASN C 385 21.17 -15.86 -5.25
C ASN C 385 22.05 -15.25 -4.17
N LEU C 386 21.51 -15.17 -2.96
CA LEU C 386 22.25 -14.62 -1.84
C LEU C 386 23.17 -15.76 -1.37
N LEU C 387 22.60 -16.95 -1.27
CA LEU C 387 23.35 -18.11 -0.83
C LEU C 387 24.62 -18.32 -1.66
N GLU C 388 24.46 -18.81 -2.88
CA GLU C 388 25.59 -19.09 -3.74
C GLU C 388 26.60 -17.98 -3.92
N LYS C 389 26.15 -16.86 -4.48
CA LYS C 389 27.04 -15.74 -4.78
C LYS C 389 27.26 -14.63 -3.74
N CYS C 390 26.84 -14.84 -2.49
CA CYS C 390 27.04 -13.84 -1.45
C CYS C 390 27.54 -14.33 -0.11
N ILE C 391 26.62 -14.88 0.69
CA ILE C 391 26.99 -15.33 2.03
C ILE C 391 27.96 -16.50 2.04
N ASN C 392 27.85 -17.39 1.05
CA ASN C 392 28.75 -18.53 0.97
C ASN C 392 30.17 -18.03 0.74
N GLY C 393 30.29 -16.77 0.35
CA GLY C 393 31.61 -16.18 0.10
C GLY C 393 31.99 -15.00 0.98
N ILE C 394 31.36 -14.90 2.15
CA ILE C 394 31.65 -13.81 3.08
C ILE C 394 32.79 -14.15 4.03
N THR C 395 33.83 -13.33 4.02
CA THR C 395 35.01 -13.52 4.88
C THR C 395 35.09 -12.37 5.87
N ALA C 396 35.42 -12.66 7.13
CA ALA C 396 35.51 -11.61 8.16
C ALA C 396 36.63 -10.61 7.96
N ASN C 397 37.18 -10.12 9.05
CA ASN C 397 38.28 -9.17 9.00
C ASN C 397 38.83 -9.01 10.43
N LYS C 398 38.73 -10.12 11.17
CA LYS C 398 39.15 -10.26 12.57
C LYS C 398 39.78 -9.08 13.28
N GLU C 399 40.99 -8.70 12.91
CA GLU C 399 41.69 -7.56 13.53
C GLU C 399 40.74 -6.38 13.66
N VAL C 400 39.91 -6.19 12.64
CA VAL C 400 38.94 -5.11 12.66
C VAL C 400 37.74 -5.42 13.56
N CYS C 401 37.15 -6.59 13.38
CA CYS C 401 36.01 -6.97 14.19
C CYS C 401 36.41 -6.92 15.64
N GLU C 402 37.50 -7.60 15.97
CA GLU C 402 38.00 -7.61 17.34
C GLU C 402 38.47 -6.22 17.70
N GLY C 403 39.14 -5.56 16.75
CA GLY C 403 39.62 -4.21 16.98
C GLY C 403 38.60 -3.29 17.64
N TYR C 404 37.36 -3.39 17.18
CA TYR C 404 36.26 -2.57 17.72
C TYR C 404 35.94 -2.89 19.19
N VAL C 405 36.04 -4.16 19.57
CA VAL C 405 35.75 -4.55 20.94
C VAL C 405 36.92 -4.23 21.86
N TYR C 406 38.10 -4.03 21.29
CA TYR C 406 39.26 -3.73 22.10
C TYR C 406 39.37 -2.22 22.39
N ASN C 407 39.32 -1.42 21.34
CA ASN C 407 39.36 0.03 21.50
C ASN C 407 38.00 0.48 22.04
N SER C 408 37.21 -0.50 22.48
CA SER C 408 35.89 -0.25 23.04
C SER C 408 35.94 0.84 24.12
N ILE C 409 35.40 2.01 23.77
CA ILE C 409 35.36 3.16 24.67
C ILE C 409 34.97 2.74 26.10
N GLY C 410 33.78 2.15 26.24
CA GLY C 410 33.28 1.73 27.54
C GLY C 410 33.65 0.34 28.04
N ILE C 411 34.87 -0.11 27.70
CA ILE C 411 35.41 -1.43 28.09
C ILE C 411 35.14 -1.84 29.57
N VAL C 412 35.18 -0.83 30.45
CA VAL C 412 34.99 -0.98 31.90
C VAL C 412 33.71 -1.67 32.43
N THR C 413 32.67 -1.77 31.60
CA THR C 413 31.40 -2.36 32.03
C THR C 413 31.59 -3.62 32.86
N TYR C 414 32.59 -4.41 32.49
CA TYR C 414 32.91 -5.64 33.22
C TYR C 414 34.16 -5.36 34.05
N LEU C 415 34.93 -4.36 33.60
CA LEU C 415 36.16 -3.93 34.27
C LEU C 415 35.84 -2.93 35.40
N ASN C 416 34.66 -3.10 36.02
CA ASN C 416 34.25 -2.27 37.16
C ASN C 416 34.98 -2.81 38.40
N PRO C 417 35.07 -4.16 38.53
CA PRO C 417 35.77 -4.78 39.65
C PRO C 417 36.89 -5.74 39.17
N MET D 1 -21.47 19.70 32.12
CA MET D 1 -21.70 18.25 31.87
C MET D 1 -23.00 18.05 31.06
N SER D 2 -23.89 17.22 31.58
CA SER D 2 -25.20 16.98 30.95
C SER D 2 -26.14 17.91 31.69
N ASN D 3 -25.53 18.88 32.37
CA ASN D 3 -26.22 19.85 33.21
C ASN D 3 -27.40 20.70 32.73
N ASN D 4 -27.53 20.92 31.43
CA ASN D 4 -28.67 21.68 30.88
C ASN D 4 -28.90 21.35 29.40
N ILE D 5 -30.04 21.78 28.85
CA ILE D 5 -30.39 21.48 27.46
C ILE D 5 -31.41 22.41 26.79
N ARG D 6 -31.81 22.01 25.57
CA ARG D 6 -32.80 22.69 24.68
C ARG D 6 -33.21 21.70 23.58
N ILE D 7 -34.52 21.57 23.30
CA ILE D 7 -35.08 20.62 22.30
C ILE D 7 -35.25 21.08 20.83
N GLU D 8 -34.44 20.51 19.94
CA GLU D 8 -34.50 20.82 18.50
C GLU D 8 -35.18 19.68 17.75
N GLU D 9 -35.73 19.97 16.58
CA GLU D 9 -36.41 18.95 15.78
C GLU D 9 -35.94 18.81 14.33
N ASP D 10 -35.89 17.56 13.86
CA ASP D 10 -35.51 17.27 12.47
C ASP D 10 -36.53 16.32 11.88
N LEU D 11 -36.27 15.88 10.66
CA LEU D 11 -37.16 14.97 9.96
C LEU D 11 -37.49 13.72 10.78
N LEU D 12 -36.53 13.21 11.55
CA LEU D 12 -36.76 12.02 12.35
C LEU D 12 -37.47 12.30 13.66
N GLY D 13 -36.98 13.28 14.44
CA GLY D 13 -37.60 13.60 15.71
C GLY D 13 -37.04 14.80 16.48
N THR D 14 -37.23 14.79 17.81
CA THR D 14 -36.76 15.86 18.69
C THR D 14 -35.77 15.39 19.78
N ARG D 15 -34.53 15.87 19.72
CA ARG D 15 -33.52 15.53 20.73
C ARG D 15 -32.98 16.83 21.32
N GLU D 16 -33.13 16.98 22.63
CA GLU D 16 -32.67 18.19 23.33
C GLU D 16 -31.16 18.39 23.38
N VAL D 17 -30.69 19.38 22.62
CA VAL D 17 -29.27 19.73 22.55
C VAL D 17 -28.90 20.70 23.67
N PRO D 18 -27.64 20.66 24.14
CA PRO D 18 -27.14 21.52 25.20
C PRO D 18 -27.31 23.00 24.93
N ALA D 19 -27.53 23.75 26.02
CA ALA D 19 -27.74 25.19 25.96
C ALA D 19 -26.49 25.94 25.52
N ASP D 20 -25.34 25.31 25.65
CA ASP D 20 -24.05 25.89 25.26
C ASP D 20 -23.65 25.37 23.87
N ALA D 21 -24.35 24.32 23.43
CA ALA D 21 -24.11 23.70 22.15
C ALA D 21 -24.73 24.51 21.02
N TYR D 22 -23.87 25.00 20.12
CA TYR D 22 -24.33 25.77 18.96
C TYR D 22 -24.67 24.80 17.82
N TYR D 23 -24.51 23.51 18.08
CA TYR D 23 -24.83 22.53 17.07
C TYR D 23 -26.30 22.13 17.26
N GLY D 24 -26.87 21.50 16.25
CA GLY D 24 -28.26 21.09 16.31
C GLY D 24 -28.36 19.60 16.44
N VAL D 25 -29.58 19.08 16.36
CA VAL D 25 -29.82 17.64 16.44
C VAL D 25 -28.80 16.91 15.60
N HIS D 26 -28.64 17.35 14.37
CA HIS D 26 -27.70 16.72 13.45
C HIS D 26 -26.35 16.45 14.05
N THR D 27 -25.60 17.49 14.38
CA THR D 27 -24.31 17.25 14.96
C THR D 27 -24.48 16.30 16.15
N LEU D 28 -25.46 16.59 16.99
CA LEU D 28 -25.71 15.73 18.15
C LEU D 28 -25.93 14.29 17.67
N ARG D 29 -26.73 14.14 16.62
CA ARG D 29 -27.03 12.83 16.04
C ARG D 29 -25.77 12.24 15.46
N ALA D 30 -25.12 12.99 14.58
CA ALA D 30 -23.90 12.54 13.92
C ALA D 30 -22.77 12.31 14.92
N ILE D 31 -23.02 12.67 16.18
CA ILE D 31 -22.05 12.50 17.26
C ILE D 31 -22.20 11.08 17.77
N GLU D 32 -23.45 10.64 17.82
CA GLU D 32 -23.77 9.32 18.31
C GLU D 32 -23.65 8.25 17.25
N ASN D 33 -24.27 8.51 16.09
CA ASN D 33 -24.28 7.58 14.94
C ASN D 33 -22.96 6.90 14.64
N PHE D 34 -21.86 7.67 14.67
CA PHE D 34 -20.52 7.14 14.41
C PHE D 34 -19.63 7.37 15.65
N TYR D 35 -18.87 6.36 16.03
CA TYR D 35 -17.98 6.49 17.20
C TYR D 35 -16.87 5.45 17.10
N ILE D 36 -15.86 5.77 16.31
CA ILE D 36 -14.76 4.86 16.10
C ILE D 36 -13.50 5.24 16.85
N SER D 37 -13.12 6.51 16.76
CA SER D 37 -11.92 7.00 17.42
C SER D 37 -12.20 8.01 18.52
N ASN D 38 -11.13 8.39 19.20
CA ASN D 38 -11.19 9.37 20.25
C ASN D 38 -10.69 10.69 19.65
N ASN D 39 -10.93 10.84 18.35
CA ASN D 39 -10.54 12.02 17.59
C ASN D 39 -11.72 12.54 16.81
N LYS D 40 -12.48 13.41 17.47
CA LYS D 40 -13.63 14.09 16.88
C LYS D 40 -12.99 15.19 16.01
N ILE D 41 -13.74 16.13 15.46
CA ILE D 41 -13.06 17.12 14.63
C ILE D 41 -12.28 18.19 15.40
N SER D 42 -11.26 17.71 16.13
CA SER D 42 -10.37 18.55 16.94
C SER D 42 -9.88 19.64 16.02
N ASP D 43 -9.23 19.20 14.95
CA ASP D 43 -8.69 20.07 13.90
C ASP D 43 -7.61 21.06 14.34
N ILE D 44 -6.37 20.63 14.18
CA ILE D 44 -5.20 21.45 14.52
C ILE D 44 -4.54 22.04 13.24
N PRO D 45 -4.72 21.39 12.07
CA PRO D 45 -4.11 21.98 10.87
C PRO D 45 -4.91 23.20 10.34
N GLU D 46 -6.26 23.10 10.32
CA GLU D 46 -7.16 24.19 9.88
C GLU D 46 -8.63 23.84 9.74
N PHE D 47 -8.92 22.89 8.86
CA PHE D 47 -10.28 22.42 8.51
C PHE D 47 -11.46 23.29 8.91
N VAL D 48 -11.78 23.33 10.19
CA VAL D 48 -12.90 24.13 10.67
C VAL D 48 -12.85 25.54 10.07
N ARG D 49 -11.78 26.28 10.33
CA ARG D 49 -11.67 27.64 9.78
C ARG D 49 -11.81 27.74 8.27
N GLY D 50 -11.39 26.71 7.55
CA GLY D 50 -11.53 26.75 6.12
C GLY D 50 -12.98 26.52 5.76
N MET D 51 -13.65 25.78 6.63
CA MET D 51 -15.05 25.44 6.43
C MET D 51 -15.91 26.67 6.71
N VAL D 52 -15.53 27.46 7.70
CA VAL D 52 -16.30 28.66 8.01
C VAL D 52 -16.02 29.69 6.93
N MET D 53 -14.82 29.62 6.37
CA MET D 53 -14.40 30.51 5.30
C MET D 53 -15.17 30.25 4.00
N VAL D 54 -15.69 29.04 3.84
CA VAL D 54 -16.45 28.74 2.63
C VAL D 54 -17.90 29.19 2.83
N LYS D 55 -18.46 28.83 3.98
CA LYS D 55 -19.83 29.18 4.32
C LYS D 55 -20.00 30.69 4.24
N LYS D 56 -18.89 31.40 4.49
CA LYS D 56 -18.86 32.86 4.46
C LYS D 56 -18.84 33.42 3.07
N ALA D 57 -18.01 32.83 2.20
CA ALA D 57 -17.94 33.30 0.82
C ALA D 57 -19.29 33.03 0.19
N ALA D 58 -19.88 31.90 0.58
CA ALA D 58 -21.18 31.51 0.06
C ALA D 58 -22.19 32.66 0.26
N ALA D 59 -22.27 33.15 1.51
CA ALA D 59 -23.14 34.25 1.86
C ALA D 59 -22.80 35.53 1.11
N MET D 60 -21.53 35.90 1.09
CA MET D 60 -21.10 37.11 0.39
C MET D 60 -21.67 37.17 -1.03
N ALA D 61 -22.12 36.03 -1.54
CA ALA D 61 -22.71 35.92 -2.90
C ALA D 61 -24.25 35.75 -2.86
N ASN D 62 -24.74 35.19 -1.76
CA ASN D 62 -26.17 34.99 -1.56
C ASN D 62 -26.76 36.31 -1.12
N LYS D 63 -25.99 37.07 -0.36
CA LYS D 63 -26.42 38.38 0.09
C LYS D 63 -26.70 39.14 -1.18
N GLU D 64 -25.63 39.25 -1.97
CA GLU D 64 -25.60 39.94 -3.26
C GLU D 64 -26.83 39.59 -4.10
N LEU D 65 -26.79 38.44 -4.76
CA LEU D 65 -27.90 38.01 -5.61
C LEU D 65 -29.24 37.94 -4.85
N GLN D 66 -29.17 37.88 -3.53
CA GLN D 66 -30.36 37.82 -2.68
C GLN D 66 -31.13 36.51 -2.67
N THR D 67 -30.40 35.44 -2.41
CA THR D 67 -31.02 34.13 -2.31
C THR D 67 -31.53 34.11 -0.87
N ILE D 68 -30.96 35.03 -0.08
CA ILE D 68 -31.27 35.24 1.32
C ILE D 68 -31.22 36.75 1.59
N PRO D 69 -32.02 37.24 2.55
CA PRO D 69 -32.13 38.65 2.97
C PRO D 69 -30.87 39.28 3.58
N LYS D 70 -30.39 40.37 2.95
CA LYS D 70 -29.20 41.12 3.39
C LYS D 70 -28.88 40.99 4.87
N SER D 71 -29.89 41.22 5.71
CA SER D 71 -29.72 41.15 7.16
C SER D 71 -29.17 39.83 7.67
N VAL D 72 -29.93 38.75 7.44
CA VAL D 72 -29.54 37.42 7.87
C VAL D 72 -28.22 37.08 7.23
N ALA D 73 -28.07 37.48 5.97
CA ALA D 73 -26.83 37.24 5.24
C ALA D 73 -25.71 37.85 6.04
N ASN D 74 -25.95 39.03 6.58
CA ASN D 74 -24.95 39.70 7.38
C ASN D 74 -24.79 39.01 8.70
N ALA D 75 -25.87 38.43 9.22
CA ALA D 75 -25.80 37.71 10.50
C ALA D 75 -24.91 36.49 10.30
N ILE D 76 -25.05 35.86 9.14
CA ILE D 76 -24.27 34.68 8.77
C ILE D 76 -22.79 35.03 8.72
N ILE D 77 -22.41 35.89 7.76
CA ILE D 77 -21.01 36.28 7.63
C ILE D 77 -20.44 36.93 8.88
N ALA D 78 -21.32 37.44 9.74
CA ALA D 78 -20.90 38.04 11.00
C ALA D 78 -20.53 36.87 11.89
N ALA D 79 -21.31 35.79 11.77
CA ALA D 79 -21.08 34.60 12.54
C ALA D 79 -19.73 34.01 12.12
N CYS D 80 -19.47 34.04 10.82
CA CYS D 80 -18.23 33.52 10.30
C CYS D 80 -17.07 34.22 10.96
N ASP D 81 -17.02 35.53 10.78
CA ASP D 81 -15.95 36.34 11.32
C ASP D 81 -15.69 36.23 12.81
N GLU D 82 -16.68 35.84 13.60
CA GLU D 82 -16.46 35.69 15.03
C GLU D 82 -15.60 34.44 15.24
N VAL D 83 -15.90 33.40 14.47
CA VAL D 83 -15.16 32.15 14.52
C VAL D 83 -13.71 32.36 14.11
N LEU D 84 -13.51 33.12 13.05
CA LEU D 84 -12.18 33.39 12.51
C LEU D 84 -11.34 34.48 13.18
N ASN D 85 -11.91 35.21 14.16
CA ASN D 85 -11.23 36.32 14.87
C ASN D 85 -9.94 35.98 15.63
N ASN D 86 -9.45 34.75 15.46
CA ASN D 86 -8.22 34.18 16.07
C ASN D 86 -8.45 32.68 16.24
N GLY D 87 -9.62 32.22 15.77
CA GLY D 87 -10.03 30.83 15.91
C GLY D 87 -10.77 30.74 17.26
N LYS D 88 -11.76 31.61 17.44
CA LYS D 88 -12.54 31.68 18.67
C LYS D 88 -13.54 30.55 18.95
N CYS D 89 -14.66 30.58 18.22
CA CYS D 89 -15.78 29.64 18.36
C CYS D 89 -15.56 28.26 17.73
N MET D 90 -14.30 27.84 17.73
CA MET D 90 -13.83 26.58 17.16
C MET D 90 -14.27 25.27 17.77
N ASP D 91 -14.32 25.21 19.09
CA ASP D 91 -14.69 23.97 19.79
C ASP D 91 -16.07 23.33 19.48
N GLN D 92 -16.92 24.02 18.72
CA GLN D 92 -18.25 23.49 18.40
C GLN D 92 -18.33 22.60 17.16
N PHE D 93 -17.54 21.52 17.15
CA PHE D 93 -17.49 20.55 16.05
C PHE D 93 -17.07 19.19 16.63
N PRO D 94 -17.93 18.59 17.48
CA PRO D 94 -17.65 17.30 18.11
C PRO D 94 -17.84 16.00 17.34
N VAL D 95 -18.30 16.03 16.09
CA VAL D 95 -18.44 14.76 15.38
C VAL D 95 -17.06 14.22 15.09
N ASP D 96 -16.97 12.90 14.94
CA ASP D 96 -15.71 12.21 14.70
C ASP D 96 -15.06 12.56 13.36
N VAL D 97 -13.79 12.19 13.20
CA VAL D 97 -13.08 12.42 11.94
C VAL D 97 -13.43 11.29 10.99
N TYR D 98 -13.84 10.17 11.56
CA TYR D 98 -14.26 9.00 10.81
C TYR D 98 -15.75 9.17 10.75
N GLN D 99 -16.29 9.33 9.55
CA GLN D 99 -17.72 9.53 9.46
C GLN D 99 -18.30 9.31 8.08
N GLY D 100 -19.46 8.69 8.05
CA GLY D 100 -20.13 8.43 6.79
C GLY D 100 -20.83 9.68 6.35
N GLY D 101 -21.80 9.52 5.47
CA GLY D 101 -22.52 10.67 4.97
C GLY D 101 -21.64 11.49 4.06
N ALA D 102 -20.37 11.10 3.96
CA ALA D 102 -19.39 11.78 3.11
C ALA D 102 -19.25 13.25 3.40
N GLY D 103 -19.53 13.61 4.65
CA GLY D 103 -19.42 15.01 5.03
C GLY D 103 -20.72 15.73 5.28
N THR D 104 -21.84 15.02 5.22
CA THR D 104 -23.13 15.60 5.49
C THR D 104 -23.06 16.07 6.95
N SER D 105 -22.36 15.29 7.77
CA SER D 105 -22.19 15.57 9.20
C SER D 105 -21.28 16.74 9.55
N VAL D 106 -20.33 17.09 8.67
CA VAL D 106 -19.45 18.24 8.90
C VAL D 106 -20.13 19.43 8.30
N ASN D 107 -20.77 19.20 7.16
CA ASN D 107 -21.48 20.26 6.47
C ASN D 107 -22.52 20.88 7.37
N MET D 108 -23.38 20.05 7.94
CA MET D 108 -24.42 20.55 8.83
C MET D 108 -23.85 21.17 10.11
N ASN D 109 -22.80 20.55 10.63
CA ASN D 109 -22.14 21.03 11.85
C ASN D 109 -21.83 22.50 11.71
N THR D 110 -21.24 22.85 10.58
CA THR D 110 -20.89 24.23 10.30
C THR D 110 -22.20 25.01 10.19
N ASN D 111 -23.06 24.59 9.27
CA ASN D 111 -24.36 25.23 9.00
C ASN D 111 -25.09 25.68 10.24
N GLU D 112 -25.04 24.85 11.28
CA GLU D 112 -25.70 25.18 12.52
C GLU D 112 -24.92 26.18 13.33
N VAL D 113 -23.65 25.90 13.59
CA VAL D 113 -22.83 26.81 14.38
C VAL D 113 -22.90 28.25 13.89
N LEU D 114 -22.83 28.45 12.58
CA LEU D 114 -22.92 29.79 12.02
C LEU D 114 -24.37 30.29 12.10
N ALA D 115 -25.32 29.37 11.97
CA ALA D 115 -26.72 29.72 12.06
C ALA D 115 -26.98 30.31 13.44
N ASN D 116 -26.50 29.63 14.48
CA ASN D 116 -26.70 30.07 15.86
C ASN D 116 -25.97 31.35 16.25
N ILE D 117 -24.69 31.47 15.90
CA ILE D 117 -23.96 32.69 16.21
C ILE D 117 -24.70 33.80 15.51
N GLY D 118 -25.21 33.49 14.32
CA GLY D 118 -25.95 34.46 13.52
C GLY D 118 -27.13 35.06 14.26
N LEU D 119 -28.25 34.35 14.29
CA LEU D 119 -29.44 34.85 14.98
C LEU D 119 -29.16 35.35 16.39
N GLU D 120 -28.22 34.72 17.06
CA GLU D 120 -27.87 35.12 18.43
C GLU D 120 -27.37 36.55 18.43
N LEU D 121 -26.48 36.87 17.50
CA LEU D 121 -25.97 38.22 17.39
C LEU D 121 -27.15 39.10 17.06
N MET D 122 -27.98 38.63 16.13
CA MET D 122 -29.18 39.38 15.72
C MET D 122 -30.03 39.71 16.94
N GLY D 123 -29.79 39.00 18.03
CA GLY D 123 -30.53 39.20 19.26
C GLY D 123 -31.50 38.06 19.54
N HIS D 124 -31.43 37.03 18.72
CA HIS D 124 -32.31 35.89 18.87
C HIS D 124 -31.71 34.77 19.69
N GLN D 125 -32.58 33.93 20.24
CA GLN D 125 -32.17 32.82 21.07
C GLN D 125 -31.49 31.66 20.34
N LYS D 126 -30.53 31.04 21.01
CA LYS D 126 -29.82 29.90 20.46
C LYS D 126 -30.90 28.85 20.50
N GLY D 127 -30.96 28.06 19.46
CA GLY D 127 -31.97 27.03 19.39
C GLY D 127 -32.73 27.27 18.13
N GLU D 128 -33.76 26.44 17.93
CA GLU D 128 -34.62 26.48 16.75
C GLU D 128 -35.20 27.87 16.44
N TYR D 129 -34.64 28.92 17.07
CA TYR D 129 -35.09 30.28 16.82
C TYR D 129 -34.49 30.60 15.45
N GLN D 130 -35.06 29.98 14.42
CA GLN D 130 -34.58 30.13 13.06
C GLN D 130 -35.08 31.32 12.25
N TYR D 131 -34.32 32.40 12.42
CA TYR D 131 -34.51 33.67 11.73
C TYR D 131 -33.25 33.71 10.85
N LEU D 132 -32.66 32.53 10.63
CA LEU D 132 -31.45 32.39 9.84
C LEU D 132 -31.31 30.99 9.20
N ASN D 133 -31.89 29.97 9.81
CA ASN D 133 -31.86 28.59 9.32
C ASN D 133 -30.57 28.09 8.69
N PRO D 134 -29.98 27.02 9.24
CA PRO D 134 -28.74 26.48 8.69
C PRO D 134 -28.93 26.12 7.22
N ASN D 135 -29.92 25.26 6.96
CA ASN D 135 -30.24 24.80 5.61
C ASN D 135 -30.72 25.91 4.68
N ASP D 136 -31.97 26.32 4.83
CA ASP D 136 -32.59 27.35 3.98
C ASP D 136 -31.78 28.58 3.65
N HIS D 137 -30.88 28.98 4.53
CA HIS D 137 -30.07 30.19 4.30
C HIS D 137 -28.57 30.01 4.22
N VAL D 138 -27.96 29.54 5.30
CA VAL D 138 -26.50 29.34 5.32
C VAL D 138 -26.03 28.44 4.18
N ASN D 139 -26.77 27.38 3.94
CA ASN D 139 -26.45 26.38 2.91
C ASN D 139 -27.26 26.68 1.67
N LYS D 140 -27.33 27.95 1.27
CA LYS D 140 -28.12 28.29 0.10
C LYS D 140 -27.32 28.04 -1.16
N CYS D 141 -27.96 27.33 -2.08
CA CYS D 141 -27.32 26.99 -3.35
C CYS D 141 -26.03 26.26 -3.01
N GLN D 142 -26.11 25.39 -2.00
CA GLN D 142 -24.98 24.61 -1.56
C GLN D 142 -25.46 23.20 -1.31
N SER D 143 -24.48 22.32 -1.13
CA SER D 143 -24.71 20.92 -0.84
C SER D 143 -23.39 20.32 -0.39
N THR D 144 -23.45 19.16 0.27
CA THR D 144 -22.26 18.48 0.75
C THR D 144 -21.25 18.42 -0.40
N ASN D 145 -21.72 17.93 -1.55
CA ASN D 145 -20.92 17.79 -2.76
C ASN D 145 -19.93 18.93 -3.07
N ASP D 146 -20.34 20.17 -2.84
CA ASP D 146 -19.46 21.30 -3.14
C ASP D 146 -18.91 22.08 -1.95
N ALA D 147 -19.64 22.09 -0.85
CA ALA D 147 -19.18 22.80 0.34
C ALA D 147 -18.05 22.04 1.04
N TYR D 148 -18.30 20.78 1.38
CA TYR D 148 -17.30 19.92 2.05
C TYR D 148 -15.99 19.76 1.27
N PRO D 149 -16.07 19.44 -0.03
CA PRO D 149 -14.85 19.29 -0.81
C PRO D 149 -14.08 20.61 -0.88
N THR D 150 -14.67 21.58 -1.56
CA THR D 150 -14.10 22.92 -1.75
C THR D 150 -13.49 23.43 -0.45
N GLY D 151 -14.25 23.33 0.63
CA GLY D 151 -13.76 23.76 1.92
C GLY D 151 -12.56 22.94 2.33
N PHE D 152 -12.70 21.61 2.33
CA PHE D 152 -11.61 20.71 2.71
C PHE D 152 -10.28 21.04 2.05
N ARG D 153 -10.30 21.35 0.75
CA ARG D 153 -9.09 21.72 0.01
C ARG D 153 -8.53 22.99 0.61
N ILE D 154 -9.39 23.97 0.78
CA ILE D 154 -9.07 25.28 1.36
C ILE D 154 -8.32 25.09 2.68
N ALA D 155 -8.92 24.36 3.60
CA ALA D 155 -8.33 24.08 4.90
C ALA D 155 -6.99 23.35 4.76
N VAL D 156 -6.79 22.66 3.64
CA VAL D 156 -5.55 21.92 3.39
C VAL D 156 -4.55 22.74 2.57
N TYR D 157 -5.08 23.68 1.78
CA TYR D 157 -4.21 24.50 0.95
C TYR D 157 -3.43 25.37 1.89
N SER D 158 -4.15 25.92 2.86
CA SER D 158 -3.58 26.81 3.85
C SER D 158 -2.62 26.06 4.75
N SER D 159 -2.97 24.83 5.11
CA SER D 159 -2.13 24.01 5.98
C SER D 159 -0.76 23.69 5.37
N LEU D 160 -0.76 23.11 4.17
CA LEU D 160 0.48 22.76 3.49
C LEU D 160 1.42 23.96 3.43
N ILE D 161 0.84 25.16 3.48
CA ILE D 161 1.56 26.43 3.48
C ILE D 161 2.38 26.50 4.75
N LYS D 162 1.72 26.18 5.87
CA LYS D 162 2.39 26.19 7.14
C LYS D 162 3.47 25.12 7.15
N LEU D 163 3.40 24.21 6.18
CA LEU D 163 4.40 23.15 6.06
C LEU D 163 5.61 23.67 5.34
N VAL D 164 5.42 24.32 4.20
CA VAL D 164 6.57 24.84 3.47
C VAL D 164 7.36 25.74 4.38
N ASP D 165 6.72 26.27 5.41
CA ASP D 165 7.40 27.13 6.37
C ASP D 165 8.24 26.29 7.29
N ALA D 166 7.73 25.11 7.61
CA ALA D 166 8.44 24.18 8.47
C ALA D 166 9.68 23.71 7.71
N ILE D 167 9.43 23.03 6.58
CA ILE D 167 10.48 22.50 5.70
C ILE D 167 11.50 23.57 5.31
N ASN D 168 11.12 24.84 5.39
CA ASN D 168 12.04 25.91 5.06
C ASN D 168 12.79 26.32 6.31
N GLN D 169 12.09 26.34 7.43
CA GLN D 169 12.73 26.68 8.69
C GLN D 169 13.78 25.61 8.89
N LEU D 170 13.52 24.42 8.36
CA LEU D 170 14.44 23.29 8.46
C LEU D 170 15.61 23.47 7.50
N ARG D 171 15.28 23.85 6.26
CA ARG D 171 16.29 24.07 5.24
C ARG D 171 17.32 25.03 5.75
N GLU D 172 16.87 26.03 6.51
CA GLU D 172 17.73 27.06 7.06
C GLU D 172 18.74 26.54 8.07
N GLY D 173 18.32 25.62 8.93
CA GLY D 173 19.23 25.04 9.88
C GLY D 173 20.26 24.22 9.13
N PHE D 174 19.79 23.45 8.14
CA PHE D 174 20.65 22.59 7.31
C PHE D 174 21.79 23.41 6.71
N GLU D 175 21.46 24.31 5.79
CA GLU D 175 22.48 25.16 5.14
C GLU D 175 23.22 26.01 6.16
N ARG D 176 22.69 26.09 7.37
CA ARG D 176 23.34 26.84 8.43
C ARG D 176 24.59 26.02 8.74
N LYS D 177 24.41 24.71 8.71
CA LYS D 177 25.49 23.78 8.96
C LYS D 177 26.39 23.66 7.72
N ALA D 178 25.84 24.02 6.55
CA ALA D 178 26.63 23.97 5.33
C ALA D 178 27.68 25.06 5.44
N VAL D 179 27.22 26.30 5.60
CA VAL D 179 28.10 27.46 5.74
C VAL D 179 29.13 27.25 6.87
N GLU D 180 28.77 26.41 7.84
CA GLU D 180 29.64 26.09 8.97
C GLU D 180 30.67 25.01 8.60
N PHE D 181 30.16 23.85 8.19
CA PHE D 181 31.00 22.71 7.83
C PHE D 181 31.81 22.88 6.52
N GLN D 182 31.97 24.13 6.07
CA GLN D 182 32.70 24.46 4.84
C GLN D 182 33.97 23.66 4.57
N ASP D 183 35.01 23.96 5.34
CA ASP D 183 36.30 23.30 5.21
C ASP D 183 36.36 21.93 5.88
N ILE D 184 35.22 21.24 5.94
CA ILE D 184 35.20 19.92 6.56
C ILE D 184 35.13 18.81 5.50
N LEU D 185 36.29 18.24 5.14
CA LEU D 185 36.38 17.17 4.15
C LEU D 185 35.77 15.85 4.60
N LYS D 186 35.85 14.85 3.72
CA LYS D 186 35.37 13.49 3.97
C LYS D 186 35.39 12.60 2.71
N MET D 187 34.65 11.49 2.75
CA MET D 187 34.59 10.57 1.63
C MET D 187 33.14 10.25 1.30
N GLY D 188 32.69 10.72 0.14
CA GLY D 188 31.32 10.47 -0.26
C GLY D 188 31.17 9.01 -0.66
N ARG D 189 30.30 8.28 0.03
CA ARG D 189 30.10 6.86 -0.25
C ARG D 189 28.97 6.55 -1.22
N THR D 190 29.21 5.60 -2.12
CA THR D 190 28.23 5.16 -3.10
C THR D 190 28.15 3.65 -2.98
N GLN D 191 26.97 3.16 -2.57
CA GLN D 191 26.76 1.75 -2.34
C GLN D 191 27.54 1.41 -1.06
N LEU D 192 27.62 2.40 -0.18
CA LEU D 192 28.31 2.30 1.10
C LEU D 192 29.82 2.10 1.05
N GLN D 193 30.40 2.03 -0.14
CA GLN D 193 31.84 1.88 -0.28
C GLN D 193 32.44 3.28 -0.36
N ASP D 194 33.67 3.44 0.12
CA ASP D 194 34.35 4.73 0.10
C ASP D 194 34.65 5.16 -1.34
N ALA D 195 33.90 6.15 -1.83
CA ALA D 195 34.09 6.64 -3.20
C ALA D 195 35.09 7.79 -3.33
N VAL D 196 34.62 9.02 -3.50
CA VAL D 196 35.51 10.18 -3.66
C VAL D 196 35.33 11.29 -2.60
N PRO D 197 36.42 12.06 -2.32
CA PRO D 197 36.46 13.18 -1.35
C PRO D 197 35.46 14.31 -1.60
N MET D 198 35.26 15.13 -0.56
CA MET D 198 34.34 16.26 -0.60
C MET D 198 34.38 16.94 0.78
N THR D 199 33.51 17.92 1.01
CA THR D 199 33.43 18.59 2.31
C THR D 199 32.06 18.34 2.89
N LEU D 200 32.01 17.90 4.13
CA LEU D 200 30.78 17.61 4.86
C LEU D 200 29.82 18.79 4.77
N GLY D 201 30.34 19.97 4.41
CA GLY D 201 29.51 21.15 4.28
C GLY D 201 28.48 20.90 3.20
N GLN D 202 28.94 20.52 2.02
CA GLN D 202 28.05 20.24 0.90
C GLN D 202 27.04 19.16 1.32
N GLU D 203 27.49 18.23 2.16
CA GLU D 203 26.66 17.13 2.63
C GLU D 203 25.37 17.67 3.17
N PHE D 204 25.47 18.57 4.14
CA PHE D 204 24.28 19.16 4.76
C PHE D 204 23.51 20.00 3.77
N ARG D 205 24.22 20.63 2.84
CA ARG D 205 23.61 21.45 1.80
C ARG D 205 22.85 20.50 0.85
N ALA D 206 23.37 19.27 0.70
CA ALA D 206 22.72 18.28 -0.16
C ALA D 206 21.34 18.01 0.39
N PHE D 207 21.29 17.86 1.72
CA PHE D 207 20.04 17.63 2.42
C PHE D 207 19.07 18.72 2.04
N SER D 208 19.54 19.96 2.02
CA SER D 208 18.69 21.08 1.68
C SER D 208 18.30 21.09 0.21
N ILE D 209 19.27 20.81 -0.68
CA ILE D 209 18.97 20.76 -2.11
C ILE D 209 17.78 19.80 -2.22
N LEU D 210 17.79 18.81 -1.33
CA LEU D 210 16.77 17.78 -1.24
C LEU D 210 15.44 18.35 -0.79
N LEU D 211 15.44 19.04 0.35
CA LEU D 211 14.21 19.65 0.91
C LEU D 211 13.57 20.74 0.08
N LYS D 212 14.39 21.58 -0.55
CA LYS D 212 13.90 22.66 -1.38
C LYS D 212 13.08 22.13 -2.55
N GLU D 213 13.51 21.02 -3.12
CA GLU D 213 12.78 20.42 -4.23
C GLU D 213 11.44 19.92 -3.72
N GLU D 214 11.43 19.36 -2.51
CA GLU D 214 10.19 18.84 -1.93
C GLU D 214 9.21 20.00 -1.91
N VAL D 215 9.66 21.12 -1.33
CA VAL D 215 8.88 22.34 -1.23
C VAL D 215 8.30 22.75 -2.58
N LYS D 216 9.14 22.75 -3.61
CA LYS D 216 8.71 23.08 -4.96
C LYS D 216 7.55 22.18 -5.36
N ASN D 217 7.75 20.87 -5.26
CA ASN D 217 6.72 19.90 -5.62
C ASN D 217 5.46 20.25 -4.87
N ILE D 218 5.60 20.40 -3.56
CA ILE D 218 4.49 20.75 -2.69
C ILE D 218 3.86 22.05 -3.17
N GLN D 219 4.68 23.04 -3.57
CA GLN D 219 4.11 24.28 -4.07
C GLN D 219 3.28 23.97 -5.31
N ARG D 220 3.83 23.19 -6.24
CA ARG D 220 3.12 22.80 -7.47
C ARG D 220 1.84 22.02 -7.15
N THR D 221 2.02 20.90 -6.46
CA THR D 221 0.96 20.03 -6.05
C THR D 221 -0.22 20.72 -5.33
N ALA D 222 0.08 21.69 -4.48
CA ALA D 222 -0.96 22.42 -3.74
C ALA D 222 -1.86 23.17 -4.68
N GLU D 223 -1.28 23.63 -5.78
CA GLU D 223 -2.03 24.36 -6.79
C GLU D 223 -3.34 23.61 -7.13
N LEU D 224 -3.24 22.29 -7.33
CA LEU D 224 -4.40 21.48 -7.67
C LEU D 224 -5.57 21.74 -6.74
N LEU D 225 -5.28 21.95 -5.47
CA LEU D 225 -6.32 22.19 -4.47
C LEU D 225 -7.18 23.40 -4.78
N LEU D 226 -6.62 24.35 -5.52
CA LEU D 226 -7.36 25.55 -5.85
C LEU D 226 -8.55 25.40 -6.76
N GLU D 227 -8.58 24.34 -7.56
CA GLU D 227 -9.71 24.12 -8.46
C GLU D 227 -10.84 23.67 -7.57
N VAL D 228 -11.66 24.62 -7.16
CA VAL D 228 -12.77 24.32 -6.29
C VAL D 228 -14.06 24.11 -7.08
N ASN D 229 -15.07 23.51 -6.45
CA ASN D 229 -16.35 23.26 -7.12
C ASN D 229 -17.59 23.80 -6.37
N LEU D 230 -17.45 24.98 -5.75
CA LEU D 230 -18.54 25.58 -4.99
C LEU D 230 -19.76 25.95 -5.86
N GLY D 231 -20.97 25.61 -5.39
CA GLY D 231 -22.19 25.89 -6.14
C GLY D 231 -22.33 25.13 -7.46
N ALA D 232 -22.12 23.81 -7.40
CA ALA D 232 -22.17 22.97 -8.59
C ALA D 232 -23.20 21.84 -8.59
N THR D 233 -22.94 20.85 -9.45
CA THR D 233 -23.72 19.63 -9.72
C THR D 233 -24.74 19.04 -8.69
N ALA D 234 -24.97 17.73 -8.80
CA ALA D 234 -25.89 16.96 -7.94
C ALA D 234 -25.71 15.51 -8.36
N ILE D 235 -25.68 15.33 -9.67
CA ILE D 235 -25.51 14.01 -10.31
C ILE D 235 -24.54 14.06 -11.50
N GLY D 236 -24.96 14.63 -12.62
CA GLY D 236 -24.09 14.69 -13.79
C GLY D 236 -23.95 16.02 -14.51
N THR D 237 -24.29 17.14 -13.85
CA THR D 237 -24.18 18.49 -14.45
C THR D 237 -24.20 19.63 -13.41
N GLY D 238 -25.41 20.08 -13.06
CA GLY D 238 -25.58 21.16 -12.10
C GLY D 238 -27.07 21.31 -11.80
N LEU D 239 -27.45 21.36 -10.51
CA LEU D 239 -28.86 21.51 -10.13
C LEU D 239 -29.24 22.93 -10.49
N ASN D 240 -29.67 23.75 -9.52
CA ASN D 240 -30.01 25.13 -9.86
C ASN D 240 -29.17 26.17 -9.17
N THR D 241 -28.16 25.70 -8.43
CA THR D 241 -27.19 26.57 -7.79
C THR D 241 -26.45 27.16 -8.99
N PRO D 242 -26.29 26.37 -10.08
CA PRO D 242 -25.59 26.98 -11.22
C PRO D 242 -26.35 28.18 -11.80
N LYS D 243 -25.59 29.20 -12.14
CA LYS D 243 -26.08 30.45 -12.73
C LYS D 243 -24.85 31.32 -12.67
N GLU D 244 -24.92 32.38 -11.88
CA GLU D 244 -23.81 33.29 -11.69
C GLU D 244 -23.27 33.01 -10.29
N TYR D 245 -24.14 32.53 -9.41
CA TYR D 245 -23.76 32.21 -8.05
C TYR D 245 -22.54 31.32 -8.07
N SER D 246 -22.56 30.39 -9.01
CA SER D 246 -21.50 29.40 -9.17
C SER D 246 -20.10 29.99 -9.20
N PRO D 247 -19.74 30.74 -10.26
CA PRO D 247 -18.38 31.30 -10.30
C PRO D 247 -18.23 32.59 -9.53
N LEU D 248 -19.31 33.05 -8.91
CA LEU D 248 -19.27 34.29 -8.12
C LEU D 248 -18.80 33.93 -6.73
N ALA D 249 -19.50 32.97 -6.13
CA ALA D 249 -19.16 32.50 -4.80
C ALA D 249 -17.71 32.04 -4.77
N VAL D 250 -17.22 31.47 -5.87
CA VAL D 250 -15.84 31.03 -5.92
C VAL D 250 -14.96 32.26 -5.84
N LYS D 251 -15.44 33.36 -6.43
CA LYS D 251 -14.69 34.61 -6.43
C LYS D 251 -14.70 35.14 -5.01
N LYS D 252 -15.81 34.96 -4.33
CA LYS D 252 -15.95 35.38 -2.94
C LYS D 252 -15.02 34.56 -2.03
N LEU D 253 -14.94 33.26 -2.27
CA LEU D 253 -14.05 32.37 -1.51
C LEU D 253 -12.63 32.86 -1.71
N ALA D 254 -12.26 33.01 -2.97
CA ALA D 254 -10.92 33.48 -3.34
C ALA D 254 -10.61 34.71 -2.53
N GLU D 255 -11.59 35.60 -2.42
CA GLU D 255 -11.45 36.86 -1.67
C GLU D 255 -11.29 36.69 -0.16
N VAL D 256 -12.24 35.99 0.45
CA VAL D 256 -12.24 35.76 1.88
C VAL D 256 -11.08 34.90 2.37
N THR D 257 -10.32 34.33 1.44
CA THR D 257 -9.19 33.46 1.80
C THR D 257 -7.86 33.91 1.20
N GLY D 258 -7.93 34.64 0.11
CA GLY D 258 -6.73 35.12 -0.52
C GLY D 258 -6.25 34.22 -1.62
N PHE D 259 -6.43 32.92 -1.44
CA PHE D 259 -5.99 31.94 -2.42
C PHE D 259 -6.78 32.11 -3.71
N PRO D 260 -6.09 31.99 -4.85
CA PRO D 260 -6.66 32.11 -6.20
C PRO D 260 -7.62 30.95 -6.51
N CYS D 261 -8.73 30.92 -5.80
CA CYS D 261 -9.71 29.85 -5.97
C CYS D 261 -10.39 29.90 -7.33
N VAL D 262 -10.01 28.97 -8.20
CA VAL D 262 -10.65 28.89 -9.51
C VAL D 262 -11.59 27.71 -9.55
N PRO D 263 -12.71 27.82 -10.31
CA PRO D 263 -13.69 26.74 -10.42
C PRO D 263 -13.18 25.56 -11.27
N ALA D 264 -13.85 24.42 -11.11
CA ALA D 264 -13.49 23.22 -11.85
C ALA D 264 -13.41 23.53 -13.33
N GLU D 265 -12.37 23.02 -13.99
CA GLU D 265 -12.20 23.24 -15.43
C GLU D 265 -13.40 22.69 -16.20
N ASP D 266 -14.30 22.06 -15.45
CA ASP D 266 -15.53 21.46 -15.93
C ASP D 266 -16.52 21.53 -14.76
N LEU D 267 -17.06 20.40 -14.30
CA LEU D 267 -18.01 20.45 -13.20
C LEU D 267 -18.41 19.10 -12.60
N ILE D 268 -18.13 18.02 -13.32
CA ILE D 268 -18.55 16.69 -12.90
C ILE D 268 -17.49 15.66 -12.47
N GLU D 269 -17.91 14.69 -11.65
CA GLU D 269 -17.08 13.61 -11.13
C GLU D 269 -16.06 14.09 -10.11
N ALA D 270 -15.83 15.40 -10.08
CA ALA D 270 -14.88 15.97 -9.13
C ALA D 270 -15.32 15.60 -7.73
N THR D 271 -16.62 15.77 -7.45
CA THR D 271 -17.23 15.44 -6.14
C THR D 271 -17.25 13.92 -6.00
N SER D 272 -17.39 13.24 -7.15
CA SER D 272 -17.43 11.78 -7.25
C SER D 272 -16.02 11.19 -7.08
N ASP D 273 -15.06 12.08 -6.80
CA ASP D 273 -13.62 11.83 -6.57
C ASP D 273 -12.68 12.69 -7.41
N CYS D 274 -12.03 13.65 -6.75
CA CYS D 274 -11.03 14.47 -7.42
C CYS D 274 -9.68 13.81 -7.15
N GLY D 275 -8.86 13.72 -8.18
CA GLY D 275 -7.56 13.10 -8.04
C GLY D 275 -6.51 14.02 -7.45
N ALA D 276 -6.86 15.30 -7.31
CA ALA D 276 -5.94 16.26 -6.74
C ALA D 276 -5.48 15.77 -5.39
N TYR D 277 -6.36 15.01 -4.74
CA TYR D 277 -6.08 14.46 -3.42
C TYR D 277 -4.96 13.41 -3.48
N VAL D 278 -5.13 12.44 -4.37
CA VAL D 278 -4.15 11.37 -4.53
C VAL D 278 -2.78 12.00 -4.87
N MET D 279 -2.81 13.13 -5.57
CA MET D 279 -1.58 13.82 -5.93
C MET D 279 -0.99 14.65 -4.80
N VAL D 280 -1.82 15.21 -3.93
CA VAL D 280 -1.27 16.00 -2.83
C VAL D 280 -0.71 15.10 -1.74
N HIS D 281 -1.54 14.23 -1.18
CA HIS D 281 -1.04 13.37 -0.13
C HIS D 281 0.18 12.60 -0.64
N GLY D 282 0.22 12.37 -1.95
CA GLY D 282 1.34 11.68 -2.54
C GLY D 282 2.60 12.52 -2.42
N ALA D 283 2.44 13.83 -2.55
CA ALA D 283 3.55 14.77 -2.43
C ALA D 283 4.04 14.73 -0.99
N LEU D 284 3.11 14.56 -0.06
CA LEU D 284 3.46 14.46 1.35
C LEU D 284 4.17 13.12 1.57
N LYS D 285 3.73 12.08 0.84
CA LYS D 285 4.35 10.77 0.94
C LYS D 285 5.77 10.89 0.44
N ARG D 286 5.97 11.65 -0.63
CA ARG D 286 7.32 11.86 -1.15
C ARG D 286 8.15 12.58 -0.11
N LEU D 287 7.58 13.64 0.46
CA LEU D 287 8.25 14.43 1.48
C LEU D 287 8.76 13.54 2.61
N ALA D 288 7.84 12.80 3.23
CA ALA D 288 8.20 11.90 4.32
C ALA D 288 9.33 10.94 3.95
N VAL D 289 9.39 10.57 2.67
CA VAL D 289 10.40 9.67 2.14
C VAL D 289 11.80 10.28 2.18
N LYS D 290 12.07 11.19 1.25
CA LYS D 290 13.37 11.85 1.17
C LYS D 290 13.81 12.45 2.50
N MET D 291 12.85 12.88 3.31
CA MET D 291 13.14 13.47 4.60
C MET D 291 13.66 12.33 5.45
N SER D 292 12.83 11.29 5.58
CA SER D 292 13.16 10.09 6.37
C SER D 292 14.51 9.53 5.94
N LYS D 293 14.79 9.62 4.64
CA LYS D 293 16.06 9.17 4.06
C LYS D 293 17.17 9.94 4.76
N ILE D 294 17.05 11.27 4.71
CA ILE D 294 17.99 12.17 5.35
C ILE D 294 18.15 11.82 6.82
N CYS D 295 17.02 11.65 7.51
CA CYS D 295 17.03 11.28 8.92
C CYS D 295 17.92 10.04 9.08
N ASN D 296 17.63 9.02 8.27
CA ASN D 296 18.39 7.77 8.27
C ASN D 296 19.87 7.97 8.01
N ASP D 297 20.21 8.97 7.19
CA ASP D 297 21.60 9.29 6.91
C ASP D 297 22.19 9.92 8.17
N LEU D 298 21.39 10.76 8.83
CA LEU D 298 21.87 11.40 10.05
C LEU D 298 22.25 10.36 11.09
N ARG D 299 21.42 9.32 11.23
CA ARG D 299 21.69 8.24 12.17
C ARG D 299 22.90 7.43 11.76
N LEU D 300 23.27 7.52 10.50
CA LEU D 300 24.40 6.75 10.02
C LEU D 300 25.70 7.52 10.14
N LEU D 301 25.73 8.71 9.55
CA LEU D 301 26.91 9.57 9.57
C LEU D 301 27.34 10.01 10.97
N SER D 302 26.61 9.56 11.97
CA SER D 302 26.92 9.89 13.36
C SER D 302 27.20 8.63 14.19
N SER D 303 26.84 7.46 13.65
CA SER D 303 26.98 6.15 14.29
C SER D 303 28.10 5.92 15.31
N GLY D 304 27.83 4.99 16.23
CA GLY D 304 28.71 4.62 17.33
C GLY D 304 30.15 5.08 17.34
N PRO D 305 30.60 5.77 18.41
CA PRO D 305 31.98 6.25 18.50
C PRO D 305 33.07 5.19 18.39
N ARG D 306 34.09 5.49 17.59
CA ARG D 306 35.25 4.62 17.36
C ARG D 306 34.94 3.17 17.04
N ALA D 307 33.69 2.90 16.70
CA ALA D 307 33.21 1.57 16.35
C ALA D 307 32.06 1.70 15.33
N GLY D 308 31.81 2.95 14.93
CA GLY D 308 30.79 3.28 13.97
C GLY D 308 31.41 4.38 13.12
N LEU D 309 30.60 5.09 12.34
CA LEU D 309 31.08 6.17 11.48
C LEU D 309 31.70 7.30 12.29
N ASN D 310 30.83 8.06 12.96
CA ASN D 310 31.24 9.17 13.81
C ASN D 310 31.80 10.36 13.07
N GLU D 311 31.14 10.77 11.99
CA GLU D 311 31.59 11.93 11.25
C GLU D 311 31.10 13.16 12.01
N ILE D 312 29.79 13.27 12.19
CA ILE D 312 29.15 14.37 12.93
C ILE D 312 28.55 13.87 14.23
N ASN D 313 28.37 14.77 15.20
CA ASN D 313 27.80 14.35 16.48
C ASN D 313 26.49 15.05 16.82
N LEU D 314 25.53 14.27 17.31
CA LEU D 314 24.21 14.79 17.63
C LEU D 314 24.07 15.28 19.05
N PRO D 315 23.11 16.20 19.27
CA PRO D 315 22.83 16.77 20.59
C PRO D 315 22.38 15.70 21.59
N GLU D 316 22.86 15.83 22.83
CA GLU D 316 22.53 14.91 23.92
C GLU D 316 21.17 15.29 24.48
N LEU D 317 20.20 14.41 24.35
CA LEU D 317 18.87 14.72 24.83
C LEU D 317 18.45 13.84 26.00
N GLN D 318 18.78 12.56 25.94
CA GLN D 318 18.41 11.64 27.00
C GLN D 318 19.48 11.49 28.05
N ALA D 319 19.05 11.33 29.30
CA ALA D 319 19.97 11.13 30.42
C ALA D 319 20.89 10.00 29.96
N GLY D 320 22.17 10.33 29.76
CA GLY D 320 23.14 9.37 29.27
C GLY D 320 23.38 8.03 29.97
N SER D 321 24.54 7.44 29.67
CA SER D 321 24.92 6.16 30.26
C SER D 321 25.85 6.43 31.45
N SER D 322 25.65 5.69 32.54
CA SER D 322 26.48 5.85 33.75
C SER D 322 27.70 4.94 33.84
N ILE D 323 27.47 3.63 33.96
CA ILE D 323 28.55 2.65 34.07
C ILE D 323 29.53 2.61 32.89
N MET D 324 29.05 2.17 31.72
CA MET D 324 29.89 2.06 30.54
C MET D 324 29.49 3.01 29.39
N PRO D 325 30.00 4.25 29.41
CA PRO D 325 29.72 5.27 28.38
C PRO D 325 30.28 4.91 26.99
N ALA D 326 29.51 5.25 25.95
CA ALA D 326 29.87 4.98 24.54
C ALA D 326 28.63 5.12 23.62
N LYS D 327 27.71 6.04 23.96
CA LYS D 327 26.48 6.20 23.19
C LYS D 327 25.95 7.64 23.07
N VAL D 328 25.29 7.92 21.95
CA VAL D 328 24.68 9.22 21.64
C VAL D 328 23.53 8.94 20.68
N ASN D 329 22.59 8.10 21.12
CA ASN D 329 21.42 7.67 20.34
C ASN D 329 20.72 8.77 19.54
N PRO D 330 20.35 8.48 18.28
CA PRO D 330 19.67 9.45 17.43
C PRO D 330 18.19 9.44 17.79
N VAL D 331 17.90 9.70 19.07
CA VAL D 331 16.54 9.68 19.58
C VAL D 331 15.53 10.48 18.76
N VAL D 332 15.97 11.60 18.18
CA VAL D 332 15.08 12.43 17.36
C VAL D 332 15.02 11.91 15.93
N PRO D 333 16.18 11.73 15.26
CA PRO D 333 16.12 11.23 13.88
C PRO D 333 15.25 9.96 13.85
N GLU D 334 15.20 9.28 14.98
CA GLU D 334 14.40 8.09 15.15
C GLU D 334 12.94 8.52 14.93
N VAL D 335 12.42 9.33 15.83
CA VAL D 335 11.04 9.79 15.73
C VAL D 335 10.61 10.29 14.35
N VAL D 336 11.47 11.07 13.69
CA VAL D 336 11.16 11.61 12.38
C VAL D 336 10.89 10.46 11.41
N ASN D 337 11.62 9.37 11.59
CA ASN D 337 11.43 8.20 10.73
C ASN D 337 10.04 7.66 11.02
N GLN D 338 9.71 7.52 12.31
CA GLN D 338 8.41 6.98 12.71
C GLN D 338 7.22 7.73 12.13
N VAL D 339 7.29 9.05 12.12
CA VAL D 339 6.20 9.82 11.56
C VAL D 339 6.16 9.59 10.05
N CYS D 340 7.33 9.68 9.41
CA CYS D 340 7.42 9.49 7.96
C CYS D 340 6.67 8.21 7.62
N PHE D 341 6.98 7.14 8.36
CA PHE D 341 6.34 5.84 8.16
C PHE D 341 4.81 5.93 8.18
N LYS D 342 4.26 6.79 9.05
CA LYS D 342 2.81 6.92 9.12
C LYS D 342 2.27 7.61 7.87
N VAL D 343 2.97 8.63 7.41
CA VAL D 343 2.54 9.37 6.22
C VAL D 343 2.37 8.41 5.07
N ILE D 344 3.41 7.61 4.89
CA ILE D 344 3.49 6.60 3.85
C ILE D 344 2.33 5.63 4.05
N GLY D 345 2.03 5.33 5.31
CA GLY D 345 0.93 4.44 5.61
C GLY D 345 -0.38 5.18 5.35
N ASN D 346 -0.39 6.48 5.56
CA ASN D 346 -1.58 7.30 5.32
C ASN D 346 -1.83 7.50 3.83
N ASP D 347 -0.89 7.02 3.02
CA ASP D 347 -0.96 7.12 1.56
C ASP D 347 -1.78 5.97 0.93
N THR D 348 -1.69 4.77 1.50
CA THR D 348 -2.44 3.63 0.99
C THR D 348 -3.87 3.81 1.44
N THR D 349 -4.05 4.46 2.59
CA THR D 349 -5.37 4.74 3.15
C THR D 349 -6.07 5.73 2.24
N VAL D 350 -5.28 6.63 1.66
CA VAL D 350 -5.81 7.62 0.77
C VAL D 350 -6.09 6.96 -0.58
N THR D 351 -5.25 5.99 -0.95
CA THR D 351 -5.45 5.32 -2.22
C THR D 351 -6.72 4.47 -2.18
N MET D 352 -6.77 3.55 -1.23
CA MET D 352 -7.91 2.67 -1.06
C MET D 352 -9.22 3.42 -1.06
N ALA D 353 -9.23 4.55 -0.38
CA ALA D 353 -10.40 5.40 -0.32
C ALA D 353 -10.65 5.99 -1.69
N ALA D 354 -9.59 6.46 -2.34
CA ALA D 354 -9.70 7.06 -3.66
C ALA D 354 -10.19 6.06 -4.68
N GLU D 355 -10.15 4.80 -4.32
CA GLU D 355 -10.59 3.73 -5.19
C GLU D 355 -12.06 3.47 -4.90
N ALA D 356 -12.45 3.73 -3.66
CA ALA D 356 -13.82 3.50 -3.20
C ALA D 356 -14.88 4.45 -3.72
N GLY D 357 -14.61 5.09 -4.84
CA GLY D 357 -15.59 5.99 -5.41
C GLY D 357 -16.67 5.18 -6.11
N GLN D 358 -17.93 5.57 -5.95
CA GLN D 358 -19.03 4.86 -6.59
C GLN D 358 -19.96 5.76 -7.41
N LEU D 359 -19.93 5.55 -8.72
CA LEU D 359 -20.76 6.30 -9.66
C LEU D 359 -20.61 7.81 -9.57
N GLN D 360 -21.71 8.52 -9.28
CA GLN D 360 -21.70 9.98 -9.18
C GLN D 360 -21.17 10.62 -7.90
N LEU D 361 -20.71 9.82 -6.93
CA LEU D 361 -20.15 10.36 -5.68
C LEU D 361 -19.30 9.44 -4.79
N ASN D 362 -18.10 9.95 -4.47
CA ASN D 362 -17.13 9.28 -3.61
C ASN D 362 -17.51 9.71 -2.19
N VAL D 363 -17.56 8.76 -1.26
CA VAL D 363 -17.95 9.09 0.10
C VAL D 363 -16.81 8.93 1.08
N MET D 364 -15.65 8.52 0.57
CA MET D 364 -14.49 8.31 1.41
C MET D 364 -13.60 9.53 1.50
N GLU D 365 -14.15 10.70 1.20
CA GLU D 365 -13.37 11.94 1.31
C GLU D 365 -12.94 12.16 2.77
N PRO D 366 -13.86 11.96 3.74
CA PRO D 366 -13.60 12.14 5.16
C PRO D 366 -12.34 11.47 5.67
N VAL D 367 -12.08 10.26 5.19
CA VAL D 367 -10.88 9.51 5.58
C VAL D 367 -9.66 10.04 4.82
N ILE D 368 -9.88 10.54 3.60
CA ILE D 368 -8.79 11.10 2.83
C ILE D 368 -8.49 12.40 3.54
N GLY D 369 -9.51 12.93 4.19
CA GLY D 369 -9.38 14.15 4.95
C GLY D 369 -8.58 13.93 6.22
N GLN D 370 -9.07 13.04 7.08
CA GLN D 370 -8.38 12.72 8.33
C GLN D 370 -6.99 12.14 8.06
N ALA D 371 -6.78 11.64 6.85
CA ALA D 371 -5.49 11.07 6.45
C ALA D 371 -4.55 12.16 5.97
N MET D 372 -5.11 13.14 5.27
CA MET D 372 -4.35 14.26 4.75
C MET D 372 -3.82 15.10 5.90
N PHE D 373 -4.71 15.43 6.83
CA PHE D 373 -4.40 16.24 8.00
C PHE D 373 -3.37 15.60 8.94
N GLU D 374 -3.56 14.34 9.26
CA GLU D 374 -2.63 13.64 10.14
C GLU D 374 -1.21 13.84 9.60
N SER D 375 -1.06 13.68 8.29
CA SER D 375 0.24 13.82 7.61
C SER D 375 0.82 15.24 7.62
N VAL D 376 -0.01 16.23 7.29
CA VAL D 376 0.44 17.62 7.27
C VAL D 376 0.79 18.09 8.68
N HIS D 377 0.13 17.49 9.67
CA HIS D 377 0.37 17.84 11.06
C HIS D 377 1.70 17.29 11.52
N ILE D 378 1.88 15.98 11.53
CA ILE D 378 3.13 15.39 11.99
C ILE D 378 4.34 15.74 11.15
N LEU D 379 4.15 16.03 9.87
CA LEU D 379 5.29 16.38 9.02
C LEU D 379 5.83 17.75 9.39
N THR D 380 4.91 18.68 9.65
CA THR D 380 5.22 20.05 10.04
C THR D 380 5.98 20.03 11.36
N ASN D 381 5.41 19.32 12.34
CA ASN D 381 6.00 19.19 13.67
C ASN D 381 7.27 18.35 13.67
N ALA D 382 7.49 17.58 12.61
CA ALA D 382 8.67 16.73 12.51
C ALA D 382 9.84 17.62 12.13
N CYS D 383 9.61 18.43 11.11
CA CYS D 383 10.59 19.37 10.60
C CYS D 383 11.02 20.28 11.74
N TYR D 384 10.05 20.83 12.46
CA TYR D 384 10.37 21.70 13.59
C TYR D 384 10.99 20.87 14.71
N ASN D 385 10.52 19.64 14.91
CA ASN D 385 11.09 18.79 15.94
C ASN D 385 12.53 18.50 15.61
N LEU D 386 12.76 18.00 14.40
CA LEU D 386 14.11 17.70 13.95
C LEU D 386 14.97 18.94 14.12
N LEU D 387 14.59 19.99 13.41
CA LEU D 387 15.28 21.28 13.41
C LEU D 387 15.56 21.88 14.77
N GLU D 388 14.74 21.56 15.77
CA GLU D 388 14.90 22.15 17.10
C GLU D 388 15.62 21.39 18.21
N LYS D 389 15.51 20.07 18.22
CA LYS D 389 16.18 19.30 19.24
C LYS D 389 17.21 18.36 18.63
N CYS D 390 17.83 18.79 17.54
CA CYS D 390 18.83 18.01 16.86
C CYS D 390 19.68 18.81 15.91
N ILE D 391 19.27 18.85 14.64
CA ILE D 391 20.08 19.54 13.64
C ILE D 391 20.31 21.06 13.77
N ASN D 392 20.19 21.59 14.98
CA ASN D 392 20.42 23.01 15.21
C ASN D 392 21.75 23.21 15.94
N GLY D 393 22.28 22.13 16.50
CA GLY D 393 23.56 22.15 17.21
C GLY D 393 24.35 20.87 17.00
N ILE D 394 24.47 20.46 15.73
CA ILE D 394 25.21 19.26 15.33
C ILE D 394 26.69 19.67 15.30
N THR D 395 27.58 18.71 15.47
CA THR D 395 28.99 19.02 15.44
C THR D 395 29.65 18.13 14.41
N ALA D 396 30.97 18.26 14.29
CA ALA D 396 31.73 17.47 13.33
C ALA D 396 33.09 17.15 13.92
N ASN D 397 33.53 15.92 13.74
CA ASN D 397 34.82 15.51 14.24
C ASN D 397 35.79 15.63 13.10
N LYS D 398 35.93 16.87 12.63
CA LYS D 398 36.80 17.26 11.51
C LYS D 398 37.90 16.27 11.20
N GLU D 399 38.73 15.99 12.20
CA GLU D 399 39.86 15.07 12.05
C GLU D 399 39.51 13.70 11.44
N VAL D 400 38.48 13.03 11.94
CA VAL D 400 38.09 11.70 11.43
C VAL D 400 37.44 11.78 10.05
N CYS D 401 36.76 12.89 9.78
CA CYS D 401 36.12 13.09 8.49
C CYS D 401 37.24 13.36 7.50
N GLU D 402 38.35 13.91 8.00
CA GLU D 402 39.53 14.18 7.19
C GLU D 402 40.36 12.88 7.26
N GLY D 403 40.14 12.12 8.33
CA GLY D 403 40.82 10.85 8.51
C GLY D 403 40.38 9.96 7.36
N TYR D 404 39.09 10.04 7.02
CA TYR D 404 38.49 9.26 5.93
C TYR D 404 38.88 9.67 4.51
N VAL D 405 38.87 10.97 4.21
CA VAL D 405 39.23 11.46 2.88
C VAL D 405 40.68 11.21 2.58
N TYR D 406 41.53 11.48 3.56
CA TYR D 406 42.96 11.27 3.40
C TYR D 406 43.30 9.79 3.49
N ASN D 407 42.38 9.01 4.08
CA ASN D 407 42.58 7.56 4.23
C ASN D 407 42.47 6.76 2.94
N SER D 408 41.28 6.64 2.37
CA SER D 408 41.08 5.85 1.15
C SER D 408 42.09 6.15 0.05
N ILE D 409 42.59 5.06 -0.53
CA ILE D 409 43.59 5.13 -1.59
C ILE D 409 43.07 6.00 -2.72
N GLY D 410 41.76 6.22 -2.74
CA GLY D 410 41.14 7.05 -3.76
C GLY D 410 41.90 8.31 -4.11
N ILE D 411 42.29 9.08 -3.11
CA ILE D 411 43.00 10.34 -3.32
C ILE D 411 44.10 10.34 -4.42
N VAL D 412 44.62 9.16 -4.78
CA VAL D 412 45.68 9.07 -5.81
C VAL D 412 45.28 9.87 -7.06
N THR D 413 44.00 9.76 -7.41
CA THR D 413 43.41 10.43 -8.54
C THR D 413 44.05 11.76 -8.88
N TYR D 414 43.98 12.75 -7.99
CA TYR D 414 44.55 14.06 -8.31
C TYR D 414 46.07 14.12 -8.36
N LEU D 415 46.77 13.29 -7.61
CA LEU D 415 48.23 13.35 -7.67
C LEU D 415 48.61 12.69 -9.01
N ASN D 416 47.64 11.99 -9.59
CA ASN D 416 47.84 11.29 -10.85
C ASN D 416 48.18 12.17 -12.06
N PRO D 417 47.52 13.35 -12.21
CA PRO D 417 47.86 14.20 -13.34
C PRO D 417 49.29 14.76 -13.19
N PHE D 418 49.89 14.54 -12.02
CA PHE D 418 51.23 15.02 -11.72
C PHE D 418 52.31 13.96 -11.77
N ILE D 419 52.10 12.86 -11.06
CA ILE D 419 53.09 11.79 -11.01
C ILE D 419 53.03 10.80 -12.17
N GLY D 420 51.96 10.87 -12.95
CA GLY D 420 51.79 9.96 -14.06
C GLY D 420 50.95 8.78 -13.62
N HIS D 421 50.10 8.30 -14.52
CA HIS D 421 49.23 7.18 -14.21
C HIS D 421 50.04 5.97 -13.78
N HIS D 422 51.09 5.63 -14.53
CA HIS D 422 51.93 4.48 -14.18
C HIS D 422 52.42 4.62 -12.74
N ASN D 423 52.98 5.78 -12.39
CA ASN D 423 53.44 5.99 -11.03
C ASN D 423 52.23 6.04 -10.10
N GLY D 424 51.10 6.45 -10.66
CA GLY D 424 49.88 6.52 -9.88
C GLY D 424 49.39 5.13 -9.51
N ASP D 425 49.76 4.14 -10.32
CA ASP D 425 49.31 2.78 -10.02
C ASP D 425 50.08 2.13 -8.91
N ILE D 426 51.41 2.21 -8.97
CA ILE D 426 52.25 1.61 -7.93
C ILE D 426 51.78 2.13 -6.59
N VAL D 427 51.58 3.44 -6.50
CA VAL D 427 51.10 4.09 -5.29
C VAL D 427 49.82 3.39 -4.82
N GLY D 428 48.89 3.18 -5.75
CA GLY D 428 47.66 2.50 -5.39
C GLY D 428 47.92 1.06 -4.97
N LYS D 429 48.91 0.44 -5.60
CA LYS D 429 49.26 -0.94 -5.30
C LYS D 429 49.90 -1.03 -3.92
N ILE D 430 50.96 -0.25 -3.73
CA ILE D 430 51.73 -0.22 -2.48
C ILE D 430 50.84 -0.05 -1.27
N CYS D 431 49.96 0.93 -1.33
CA CYS D 431 49.02 1.17 -0.24
C CYS D 431 48.17 -0.09 -0.01
N ALA D 432 47.75 -0.71 -1.12
CA ALA D 432 46.96 -1.95 -1.07
C ALA D 432 47.81 -3.02 -0.40
N GLU D 433 49.05 -3.12 -0.85
CA GLU D 433 50.03 -4.09 -0.33
C GLU D 433 50.30 -3.82 1.15
N THR D 434 50.88 -2.66 1.40
CA THR D 434 51.25 -2.20 2.74
C THR D 434 50.10 -1.99 3.70
N GLY D 435 49.32 -0.94 3.41
CA GLY D 435 48.22 -0.54 4.25
C GLY D 435 48.59 0.87 4.67
N LYS D 436 49.22 1.57 3.73
CA LYS D 436 49.64 2.94 3.95
C LYS D 436 48.81 3.87 3.09
N SER D 437 48.93 5.17 3.32
CA SER D 437 48.18 6.15 2.58
C SER D 437 49.03 6.72 1.46
N VAL D 438 48.36 7.21 0.42
CA VAL D 438 49.00 7.81 -0.75
C VAL D 438 50.03 8.85 -0.34
N ARG D 439 49.88 9.37 0.87
CA ARG D 439 50.82 10.34 1.40
C ARG D 439 52.12 9.58 1.57
N GLU D 440 52.21 8.81 2.66
CA GLU D 440 53.40 8.03 2.98
C GLU D 440 53.97 7.19 1.84
N VAL D 441 53.10 6.69 0.98
CA VAL D 441 53.52 5.91 -0.17
C VAL D 441 54.23 6.88 -1.13
N VAL D 442 53.53 7.91 -1.59
CA VAL D 442 54.16 8.90 -2.47
C VAL D 442 55.35 9.56 -1.74
N LEU D 443 55.33 9.48 -0.41
CA LEU D 443 56.38 10.04 0.44
C LEU D 443 57.66 9.21 0.29
N GLU D 444 57.73 8.11 1.05
CA GLU D 444 58.91 7.24 1.03
C GLU D 444 59.24 6.84 -0.40
N ARG D 445 58.21 6.51 -1.17
CA ARG D 445 58.37 6.12 -2.57
C ARG D 445 58.52 7.45 -3.30
N GLY D 446 59.62 8.13 -2.97
CA GLY D 446 59.97 9.43 -3.52
C GLY D 446 59.34 9.78 -4.84
N LEU D 447 58.34 10.65 -4.77
CA LEU D 447 57.60 11.12 -5.94
C LEU D 447 57.29 12.61 -5.75
N LEU D 448 56.66 12.93 -4.63
CA LEU D 448 56.26 14.32 -4.30
C LEU D 448 56.84 14.81 -2.99
N THR D 449 56.75 16.12 -2.80
CA THR D 449 57.29 16.76 -1.62
C THR D 449 56.20 17.05 -0.59
N GLU D 450 56.60 17.21 0.66
CA GLU D 450 55.64 17.49 1.72
C GLU D 450 54.74 18.63 1.29
N ALA D 451 55.34 19.73 0.85
CA ALA D 451 54.59 20.90 0.41
C ALA D 451 53.65 20.48 -0.73
N GLU D 452 54.23 20.01 -1.83
CA GLU D 452 53.45 19.57 -3.01
C GLU D 452 52.25 18.77 -2.51
N LEU D 453 52.52 17.73 -1.74
CA LEU D 453 51.48 16.87 -1.22
C LEU D 453 50.42 17.60 -0.40
N ASP D 454 50.85 18.54 0.44
CA ASP D 454 49.87 19.30 1.23
C ASP D 454 49.35 20.53 0.48
N ASP D 455 49.95 20.81 -0.68
CA ASP D 455 49.54 21.93 -1.50
C ASP D 455 48.22 21.69 -2.21
N ILE D 456 47.63 20.51 -2.01
CA ILE D 456 46.34 20.13 -2.62
C ILE D 456 45.68 18.89 -2.03
N PHE D 457 44.47 19.09 -1.49
CA PHE D 457 43.63 18.05 -0.91
C PHE D 457 42.34 18.63 -0.34
N SER D 458 42.18 19.95 -0.44
CA SER D 458 41.00 20.68 0.07
C SER D 458 39.89 21.01 -0.98
N VAL D 459 38.88 20.13 -1.11
CA VAL D 459 37.80 20.31 -2.10
C VAL D 459 36.53 19.44 -1.83
C2 BGC E . -2.79 -2.37 -30.30
C3 BGC E . -1.94 -1.16 -30.63
C4 BGC E . -2.31 -0.71 -32.05
C5 BGC E . -3.82 -0.41 -32.15
C6 BGC E . -4.31 -0.18 -33.60
C1 BGC E . -4.23 -1.90 -30.28
O1 BGC E . -5.05 -2.93 -29.86
O2 BGC E . -2.41 -2.90 -29.03
O3 BGC E . -0.58 -1.51 -30.56
O4 BGC E . -1.58 0.47 -32.38
O5 BGC E . -4.62 -1.50 -31.61
O6 BGC E . -3.25 -0.25 -34.55
C ACT F . -55.22 11.36 3.06
O ACT F . -54.66 10.49 2.35
OXT ACT F . -55.93 11.06 4.06
CH3 ACT F . -55.03 12.83 2.71
C2 BGC G . -16.82 -10.92 29.84
C3 BGC G . -15.85 -10.73 28.69
C4 BGC G . -14.62 -9.95 29.12
C5 BGC G . -14.02 -10.58 30.38
C6 BGC G . -12.84 -9.79 30.90
C1 BGC G . -16.11 -11.43 31.10
O1 BGC G . -16.99 -11.44 32.17
O2 BGC G . -17.84 -11.84 29.47
O3 BGC G . -16.48 -10.02 27.64
O4 BGC G . -13.65 -9.95 28.08
O5 BGC G . -15.00 -10.58 31.43
O6 BGC G . -13.06 -8.40 30.76
#